data_5TY4
# 
_entry.id   5TY4 
# 
_audit_conform.dict_name       mmcif_pdbx.dic 
_audit_conform.dict_version    5.398 
_audit_conform.dict_location   http://mmcif.pdb.org/dictionaries/ascii/mmcif_pdbx.dic 
# 
loop_
_database_2.database_id 
_database_2.database_code 
_database_2.pdbx_database_accession 
_database_2.pdbx_DOI 
PDB   5TY4         pdb_00005ty4 10.2210/pdb5ty4/pdb 
WWPDB D_1000224688 ?            ?                   
EMDB  EMD-8472     ?            ?                   
# 
loop_
_pdbx_audit_revision_history.ordinal 
_pdbx_audit_revision_history.data_content_type 
_pdbx_audit_revision_history.major_revision 
_pdbx_audit_revision_history.minor_revision 
_pdbx_audit_revision_history.revision_date 
1 'Structure model' 1 0 2017-04-26 
2 'Structure model' 1 1 2017-08-09 
3 'Structure model' 1 2 2018-07-18 
4 'Structure model' 1 3 2018-08-22 
5 'Structure model' 1 4 2023-10-04 
6 'Structure model' 1 5 2024-11-06 
# 
_pdbx_audit_revision_details.ordinal             1 
_pdbx_audit_revision_details.revision_ordinal    1 
_pdbx_audit_revision_details.data_content_type   'Structure model' 
_pdbx_audit_revision_details.provider            repository 
_pdbx_audit_revision_details.type                'Initial release' 
_pdbx_audit_revision_details.description         ? 
_pdbx_audit_revision_details.details             ? 
# 
loop_
_pdbx_audit_revision_group.ordinal 
_pdbx_audit_revision_group.revision_ordinal 
_pdbx_audit_revision_group.data_content_type 
_pdbx_audit_revision_group.group 
1  2 'Structure model' 'Data collection'        
2  2 'Structure model' 'Database references'    
3  3 'Structure model' 'Data collection'        
4  4 'Structure model' 'Data collection'        
5  4 'Structure model' 'Database references'    
6  5 'Structure model' 'Data collection'        
7  5 'Structure model' 'Database references'    
8  5 'Structure model' 'Refinement description' 
9  6 'Structure model' 'Data collection'        
10 6 'Structure model' 'Structure summary'      
# 
loop_
_pdbx_audit_revision_category.ordinal 
_pdbx_audit_revision_category.revision_ordinal 
_pdbx_audit_revision_category.data_content_type 
_pdbx_audit_revision_category.category 
1  2 'Structure model' diffrn_detector               
2  2 'Structure model' pdbx_related_exp_data_set     
3  3 'Structure model' em_software                   
4  4 'Structure model' pdbx_related_exp_data_set     
5  5 'Structure model' chem_comp_atom                
6  5 'Structure model' chem_comp_bond                
7  5 'Structure model' database_2                    
8  5 'Structure model' pdbx_initial_refinement_model 
9  6 'Structure model' em_admin                      
10 6 'Structure model' pdbx_entry_details            
11 6 'Structure model' pdbx_modification_feature     
# 
loop_
_pdbx_audit_revision_item.ordinal 
_pdbx_audit_revision_item.revision_ordinal 
_pdbx_audit_revision_item.data_content_type 
_pdbx_audit_revision_item.item 
1 2 'Structure model' '_diffrn_detector.type'                     
2 2 'Structure model' '_pdbx_related_exp_data_set.data_reference' 
3 3 'Structure model' '_em_software.name'                         
4 4 'Structure model' '_pdbx_related_exp_data_set.data_reference' 
5 5 'Structure model' '_database_2.pdbx_DOI'                      
6 5 'Structure model' '_database_2.pdbx_database_accession'       
7 6 'Structure model' '_em_admin.last_update'                     
# 
_pdbx_database_status.status_code                     REL 
_pdbx_database_status.status_code_sf                  REL 
_pdbx_database_status.status_code_mr                  ? 
_pdbx_database_status.entry_id                        5TY4 
_pdbx_database_status.recvd_initial_deposition_date   2016-11-18 
_pdbx_database_status.SG_entry                        N 
_pdbx_database_status.deposit_site                    RCSB 
_pdbx_database_status.process_site                    RCSB 
_pdbx_database_status.status_code_cs                  ? 
_pdbx_database_status.methods_development_category    ? 
_pdbx_database_status.pdb_format_compatible           Y 
_pdbx_database_status.status_code_nmr_data            ? 
# 
loop_
_pdbx_database_related.db_name 
_pdbx_database_related.details 
_pdbx_database_related.db_id 
_pdbx_database_related.content_type 
EMDB .                                                                                                     EMD-8216 
'other EM volume'      
EMDB .                                                                                                     EMD-8217 
'other EM volume'      
EMDB .                                                                                                     EMD-8218 
'other EM volume'      
EMDB .                                                                                                     EMD-8219 
'other EM volume'      
EMDB .                                                                                                     EMD-8220 
'other EM volume'      
EMDB .                                                                                                     EMD-8221 
'other EM volume'      
EMDB .                                                                                                     EMD-8222 
'other EM volume'      
PDB  .                                                                                                     5K7N     unspecified 
PDB  .                                                                                                     5K7O     unspecified 
PDB  .                                                                                                     5K7P     unspecified 
PDB  .                                                                                                     5K7Q     unspecified 
PDB  .                                                                                                     5K7R     unspecified 
PDB  .                                                                                                     5K7S     unspecified 
PDB  .                                                                                                     5K7T     unspecified 
EMDB 'MicroED structure of a complex between monomeric TGF-b and its receptor, TbRII, at 2.9 A resolution' EMD-8472 
'associated EM volume' 
# 
loop_
_audit_author.name 
_audit_author.pdbx_ordinal 
'Weiss, S.C.'      1 
'de la Cruz, M.J.' 2 
'Hattne, J.'       3 
'Shi, D.'          4 
'Reyes, F.E.'      5 
'Callero, G.'      6 
'Gonen, T.'        7 
# 
_citation.abstract                  ? 
_citation.abstract_id_CAS           ? 
_citation.book_id_ISBN              ? 
_citation.book_publisher            ? 
_citation.book_publisher_city       ? 
_citation.book_title                ? 
_citation.coordinate_linkage        ? 
_citation.country                   US 
_citation.database_id_Medline       ? 
_citation.details                   ? 
_citation.id                        primary 
_citation.journal_abbrev            'Nat. Methods' 
_citation.journal_id_ASTM           ? 
_citation.journal_id_CSD            ? 
_citation.journal_id_ISSN           1548-7105 
_citation.journal_full              ? 
_citation.journal_issue             ? 
_citation.journal_volume            14 
_citation.language                  ? 
_citation.page_first                399 
_citation.page_last                 402 
_citation.title                     'Atomic-resolution structures from fragmented protein crystals with the cryoEM method MicroED.' 
_citation.year                      2017 
_citation.database_id_CSD           ? 
_citation.pdbx_database_id_DOI      10.1038/nmeth.4178 
_citation.pdbx_database_id_PubMed   28192420 
_citation.unpublished_flag          ? 
# 
loop_
_citation_author.citation_id 
_citation_author.name 
_citation_author.ordinal 
_citation_author.identifier_ORCID 
primary 'de la Cruz, M.J.' 1  ? 
primary 'Hattne, J.'       2  ? 
primary 'Shi, D.'          3  ? 
primary 'Seidler, P.'      4  ? 
primary 'Rodriguez, J.'    5  ? 
primary 'Reyes, F.E.'      6  ? 
primary 'Sawaya, M.R.'     7  ? 
primary 'Cascio, D.'       8  ? 
primary 'Weiss, S.C.'      9  ? 
primary 'Kim, S.K.'        10 ? 
primary 'Hinck, C.S.'      11 ? 
primary 'Hinck, A.P.'      12 ? 
primary 'Calero, G.'       13 ? 
primary 'Eisenberg, D.'    14 ? 
primary 'Gonen, T.'        15 ? 
# 
loop_
_entity.id 
_entity.type 
_entity.src_method 
_entity.pdbx_description 
_entity.formula_weight 
_entity.pdbx_number_of_molecules 
_entity.pdbx_ec 
_entity.pdbx_mutation 
_entity.pdbx_fragment 
_entity.details 
1 polymer man 'TGF-beta receptor type-2' 11788.519 1 2.7.11.30 ? ? ? 
2 polymer man mmTGF-b2-7m                11076.813 1 ?         ? ? ? 
# 
_entity_name_com.entity_id   1 
_entity_name_com.name        'TGFR-2, TGF-beta type II receptor, Transforming growth factor-beta receptor type II, TbetaR-II' 
# 
loop_
_entity_poly.entity_id 
_entity_poly.type 
_entity_poly.nstd_linkage 
_entity_poly.nstd_monomer 
_entity_poly.pdbx_seq_one_letter_code 
_entity_poly.pdbx_seq_one_letter_code_can 
_entity_poly.pdbx_strand_id 
_entity_poly.pdbx_target_identifier 
1 'polypeptide(L)' no no 
;FPQLCKFCDVRFSTCDNQKSCMSNCSITSICEKPQEVCVAVWRKNDENITLETVCHDPKLPYHDFILEDAASPTCIMKEK
KKPGETFFMCSCSSDECNDNIIF
;
;FPQLCKFCDVRFSTCDNQKSCMSNCSITSICEKPQEVCVAVWRKNDENITLETVCHDPKLPYHDFILEDAASPTCIMKEK
KKPGETFFMCSCSSDECNDNIIF
;
A ? 
2 'polypeptide(L)' no no 
;CCLRPLYIDFRKDLGWKWIHEPKGYNANFCAGACPYLWSSDTQHSRVLSLYNTINPEASASPCCVSQDLEPLTIVYYVGR
KPKVEQLSNMIVKSCKC
;
;CCLRPLYIDFRKDLGWKWIHEPKGYNANFCAGACPYLWSSDTQHSRVLSLYNTINPEASASPCCVSQDLEPLTIVYYVGR
KPKVEQLSNMIVKSCKC
;
B ? 
# 
loop_
_entity_poly_seq.entity_id 
_entity_poly_seq.num 
_entity_poly_seq.mon_id 
_entity_poly_seq.hetero 
1 1   PHE n 
1 2   PRO n 
1 3   GLN n 
1 4   LEU n 
1 5   CYS n 
1 6   LYS n 
1 7   PHE n 
1 8   CYS n 
1 9   ASP n 
1 10  VAL n 
1 11  ARG n 
1 12  PHE n 
1 13  SER n 
1 14  THR n 
1 15  CYS n 
1 16  ASP n 
1 17  ASN n 
1 18  GLN n 
1 19  LYS n 
1 20  SER n 
1 21  CYS n 
1 22  MET n 
1 23  SER n 
1 24  ASN n 
1 25  CYS n 
1 26  SER n 
1 27  ILE n 
1 28  THR n 
1 29  SER n 
1 30  ILE n 
1 31  CYS n 
1 32  GLU n 
1 33  LYS n 
1 34  PRO n 
1 35  GLN n 
1 36  GLU n 
1 37  VAL n 
1 38  CYS n 
1 39  VAL n 
1 40  ALA n 
1 41  VAL n 
1 42  TRP n 
1 43  ARG n 
1 44  LYS n 
1 45  ASN n 
1 46  ASP n 
1 47  GLU n 
1 48  ASN n 
1 49  ILE n 
1 50  THR n 
1 51  LEU n 
1 52  GLU n 
1 53  THR n 
1 54  VAL n 
1 55  CYS n 
1 56  HIS n 
1 57  ASP n 
1 58  PRO n 
1 59  LYS n 
1 60  LEU n 
1 61  PRO n 
1 62  TYR n 
1 63  HIS n 
1 64  ASP n 
1 65  PHE n 
1 66  ILE n 
1 67  LEU n 
1 68  GLU n 
1 69  ASP n 
1 70  ALA n 
1 71  ALA n 
1 72  SER n 
1 73  PRO n 
1 74  THR n 
1 75  CYS n 
1 76  ILE n 
1 77  MET n 
1 78  LYS n 
1 79  GLU n 
1 80  LYS n 
1 81  LYS n 
1 82  LYS n 
1 83  PRO n 
1 84  GLY n 
1 85  GLU n 
1 86  THR n 
1 87  PHE n 
1 88  PHE n 
1 89  MET n 
1 90  CYS n 
1 91  SER n 
1 92  CYS n 
1 93  SER n 
1 94  SER n 
1 95  ASP n 
1 96  GLU n 
1 97  CYS n 
1 98  ASN n 
1 99  ASP n 
1 100 ASN n 
1 101 ILE n 
1 102 ILE n 
1 103 PHE n 
2 1   CYS n 
2 2   CYS n 
2 3   LEU n 
2 4   ARG n 
2 5   PRO n 
2 6   LEU n 
2 7   TYR n 
2 8   ILE n 
2 9   ASP n 
2 10  PHE n 
2 11  ARG n 
2 12  LYS n 
2 13  ASP n 
2 14  LEU n 
2 15  GLY n 
2 16  TRP n 
2 17  LYS n 
2 18  TRP n 
2 19  ILE n 
2 20  HIS n 
2 21  GLU n 
2 22  PRO n 
2 23  LYS n 
2 24  GLY n 
2 25  TYR n 
2 26  ASN n 
2 27  ALA n 
2 28  ASN n 
2 29  PHE n 
2 30  CYS n 
2 31  ALA n 
2 32  GLY n 
2 33  ALA n 
2 34  CYS n 
2 35  PRO n 
2 36  TYR n 
2 37  LEU n 
2 38  TRP n 
2 39  SER n 
2 40  SER n 
2 41  ASP n 
2 42  THR n 
2 43  GLN n 
2 44  HIS n 
2 45  SER n 
2 46  ARG n 
2 47  VAL n 
2 48  LEU n 
2 49  SER n 
2 50  LEU n 
2 51  TYR n 
2 52  ASN n 
2 53  THR n 
2 54  ILE n 
2 55  ASN n 
2 56  PRO n 
2 57  GLU n 
2 58  ALA n 
2 59  SER n 
2 60  ALA n 
2 61  SER n 
2 62  PRO n 
2 63  CYS n 
2 64  CYS n 
2 65  VAL n 
2 66  SER n 
2 67  GLN n 
2 68  ASP n 
2 69  LEU n 
2 70  GLU n 
2 71  PRO n 
2 72  LEU n 
2 73  THR n 
2 74  ILE n 
2 75  VAL n 
2 76  TYR n 
2 77  TYR n 
2 78  VAL n 
2 79  GLY n 
2 80  ARG n 
2 81  LYS n 
2 82  PRO n 
2 83  LYS n 
2 84  VAL n 
2 85  GLU n 
2 86  GLN n 
2 87  LEU n 
2 88  SER n 
2 89  ASN n 
2 90  MET n 
2 91  ILE n 
2 92  VAL n 
2 93  LYS n 
2 94  SER n 
2 95  CYS n 
2 96  LYS n 
2 97  CYS n 
# 
loop_
_entity_src_gen.entity_id 
_entity_src_gen.pdbx_src_id 
_entity_src_gen.pdbx_alt_source_flag 
_entity_src_gen.pdbx_seq_type 
_entity_src_gen.pdbx_beg_seq_num 
_entity_src_gen.pdbx_end_seq_num 
_entity_src_gen.gene_src_common_name 
_entity_src_gen.gene_src_genus 
_entity_src_gen.pdbx_gene_src_gene 
_entity_src_gen.gene_src_species 
_entity_src_gen.gene_src_strain 
_entity_src_gen.gene_src_tissue 
_entity_src_gen.gene_src_tissue_fraction 
_entity_src_gen.gene_src_details 
_entity_src_gen.pdbx_gene_src_fragment 
_entity_src_gen.pdbx_gene_src_scientific_name 
_entity_src_gen.pdbx_gene_src_ncbi_taxonomy_id 
_entity_src_gen.pdbx_gene_src_variant 
_entity_src_gen.pdbx_gene_src_cell_line 
_entity_src_gen.pdbx_gene_src_atcc 
_entity_src_gen.pdbx_gene_src_organ 
_entity_src_gen.pdbx_gene_src_organelle 
_entity_src_gen.pdbx_gene_src_cell 
_entity_src_gen.pdbx_gene_src_cellular_location 
_entity_src_gen.host_org_common_name 
_entity_src_gen.pdbx_host_org_scientific_name 
_entity_src_gen.pdbx_host_org_ncbi_taxonomy_id 
_entity_src_gen.host_org_genus 
_entity_src_gen.pdbx_host_org_gene 
_entity_src_gen.pdbx_host_org_organ 
_entity_src_gen.host_org_species 
_entity_src_gen.pdbx_host_org_tissue 
_entity_src_gen.pdbx_host_org_tissue_fraction 
_entity_src_gen.pdbx_host_org_strain 
_entity_src_gen.pdbx_host_org_variant 
_entity_src_gen.pdbx_host_org_cell_line 
_entity_src_gen.pdbx_host_org_atcc 
_entity_src_gen.pdbx_host_org_culture_collection 
_entity_src_gen.pdbx_host_org_cell 
_entity_src_gen.pdbx_host_org_organelle 
_entity_src_gen.pdbx_host_org_cellular_location 
_entity_src_gen.pdbx_host_org_vector_type 
_entity_src_gen.pdbx_host_org_vector 
_entity_src_gen.host_org_details 
_entity_src_gen.expression_system_id 
_entity_src_gen.plasmid_name 
_entity_src_gen.plasmid_details 
_entity_src_gen.pdbx_description 
1 1 sample 'Biological sequence' 1 103 Human ? TGFBR2 ? ? ? ? ? ? 'Homo sapiens' 9606 ? ? ? ? ? ? ? ? 'Escherichia coli' 562 ? ? ? 
? ? ? ? ? ? ? ? ? ? ? ? ? ? ? ? ? ? 
2 1 sample 'Biological sequence' 1 97  Human ? ?      ? ? ? ? ? ? 'Homo sapiens' 9606 ? ? ? ? ? ? ? ? 'Escherichia coli' 562 ? ? ? 
? ? ? ? ? ? ? ? ? ? ? ? ? ? ? ? ? ? 
# 
loop_
_chem_comp.id 
_chem_comp.type 
_chem_comp.mon_nstd_flag 
_chem_comp.name 
_chem_comp.pdbx_synonyms 
_chem_comp.formula 
_chem_comp.formula_weight 
ALA 'L-peptide linking' y ALANINE         ? 'C3 H7 N O2'     89.093  
ARG 'L-peptide linking' y ARGININE        ? 'C6 H15 N4 O2 1' 175.209 
ASN 'L-peptide linking' y ASPARAGINE      ? 'C4 H8 N2 O3'    132.118 
ASP 'L-peptide linking' y 'ASPARTIC ACID' ? 'C4 H7 N O4'     133.103 
CYS 'L-peptide linking' y CYSTEINE        ? 'C3 H7 N O2 S'   121.158 
GLN 'L-peptide linking' y GLUTAMINE       ? 'C5 H10 N2 O3'   146.144 
GLU 'L-peptide linking' y 'GLUTAMIC ACID' ? 'C5 H9 N O4'     147.129 
GLY 'peptide linking'   y GLYCINE         ? 'C2 H5 N O2'     75.067  
HIS 'L-peptide linking' y HISTIDINE       ? 'C6 H10 N3 O2 1' 156.162 
ILE 'L-peptide linking' y ISOLEUCINE      ? 'C6 H13 N O2'    131.173 
LEU 'L-peptide linking' y LEUCINE         ? 'C6 H13 N O2'    131.173 
LYS 'L-peptide linking' y LYSINE          ? 'C6 H15 N2 O2 1' 147.195 
MET 'L-peptide linking' y METHIONINE      ? 'C5 H11 N O2 S'  149.211 
PHE 'L-peptide linking' y PHENYLALANINE   ? 'C9 H11 N O2'    165.189 
PRO 'L-peptide linking' y PROLINE         ? 'C5 H9 N O2'     115.130 
SER 'L-peptide linking' y SERINE          ? 'C3 H7 N O3'     105.093 
THR 'L-peptide linking' y THREONINE       ? 'C4 H9 N O3'     119.119 
TRP 'L-peptide linking' y TRYPTOPHAN      ? 'C11 H12 N2 O2'  204.225 
TYR 'L-peptide linking' y TYROSINE        ? 'C9 H11 N O3'    181.189 
VAL 'L-peptide linking' y VALINE          ? 'C5 H11 N O2'    117.146 
# 
loop_
_pdbx_poly_seq_scheme.asym_id 
_pdbx_poly_seq_scheme.entity_id 
_pdbx_poly_seq_scheme.seq_id 
_pdbx_poly_seq_scheme.mon_id 
_pdbx_poly_seq_scheme.ndb_seq_num 
_pdbx_poly_seq_scheme.pdb_seq_num 
_pdbx_poly_seq_scheme.auth_seq_num 
_pdbx_poly_seq_scheme.pdb_mon_id 
_pdbx_poly_seq_scheme.auth_mon_id 
_pdbx_poly_seq_scheme.pdb_strand_id 
_pdbx_poly_seq_scheme.pdb_ins_code 
_pdbx_poly_seq_scheme.hetero 
A 1 1   PHE 1   47  47  PHE PHE A . n 
A 1 2   PRO 2   48  48  PRO PRO A . n 
A 1 3   GLN 3   49  49  GLN GLN A . n 
A 1 4   LEU 4   50  50  LEU LEU A . n 
A 1 5   CYS 5   51  51  CYS CYS A . n 
A 1 6   LYS 6   52  52  LYS LYS A . n 
A 1 7   PHE 7   53  53  PHE PHE A . n 
A 1 8   CYS 8   54  54  CYS CYS A . n 
A 1 9   ASP 9   55  55  ASP ASP A . n 
A 1 10  VAL 10  56  56  VAL VAL A . n 
A 1 11  ARG 11  57  57  ARG ARG A . n 
A 1 12  PHE 12  58  58  PHE PHE A . n 
A 1 13  SER 13  59  59  SER SER A . n 
A 1 14  THR 14  60  60  THR THR A . n 
A 1 15  CYS 15  61  61  CYS CYS A . n 
A 1 16  ASP 16  62  62  ASP ASP A . n 
A 1 17  ASN 17  63  63  ASN ASN A . n 
A 1 18  GLN 18  64  64  GLN GLN A . n 
A 1 19  LYS 19  65  65  LYS LYS A . n 
A 1 20  SER 20  66  66  SER SER A . n 
A 1 21  CYS 21  67  67  CYS CYS A . n 
A 1 22  MET 22  68  68  MET MET A . n 
A 1 23  SER 23  69  69  SER SER A . n 
A 1 24  ASN 24  70  70  ASN ASN A . n 
A 1 25  CYS 25  71  71  CYS CYS A . n 
A 1 26  SER 26  72  72  SER SER A . n 
A 1 27  ILE 27  73  73  ILE ILE A . n 
A 1 28  THR 28  74  74  THR THR A . n 
A 1 29  SER 29  75  75  SER SER A . n 
A 1 30  ILE 30  76  76  ILE ILE A . n 
A 1 31  CYS 31  77  77  CYS CYS A . n 
A 1 32  GLU 32  78  78  GLU GLU A . n 
A 1 33  LYS 33  79  79  LYS LYS A . n 
A 1 34  PRO 34  80  80  PRO PRO A . n 
A 1 35  GLN 35  81  81  GLN GLN A . n 
A 1 36  GLU 36  82  82  GLU GLU A . n 
A 1 37  VAL 37  83  83  VAL VAL A . n 
A 1 38  CYS 38  84  84  CYS CYS A . n 
A 1 39  VAL 39  85  85  VAL VAL A . n 
A 1 40  ALA 40  86  86  ALA ALA A . n 
A 1 41  VAL 41  87  87  VAL VAL A . n 
A 1 42  TRP 42  88  88  TRP TRP A . n 
A 1 43  ARG 43  89  89  ARG ARG A . n 
A 1 44  LYS 44  90  90  LYS LYS A . n 
A 1 45  ASN 45  91  91  ASN ASN A . n 
A 1 46  ASP 46  92  ?   ?   ?   A . n 
A 1 47  GLU 47  93  ?   ?   ?   A . n 
A 1 48  ASN 48  94  94  ASN ASN A . n 
A 1 49  ILE 49  95  95  ILE ILE A . n 
A 1 50  THR 50  96  96  THR THR A . n 
A 1 51  LEU 51  97  97  LEU LEU A . n 
A 1 52  GLU 52  98  98  GLU GLU A . n 
A 1 53  THR 53  99  99  THR THR A . n 
A 1 54  VAL 54  100 100 VAL VAL A . n 
A 1 55  CYS 55  101 101 CYS CYS A . n 
A 1 56  HIS 56  102 102 HIS HIS A . n 
A 1 57  ASP 57  103 103 ASP ASP A . n 
A 1 58  PRO 58  104 104 PRO PRO A . n 
A 1 59  LYS 59  105 105 LYS LYS A . n 
A 1 60  LEU 60  106 106 LEU LEU A . n 
A 1 61  PRO 61  107 107 PRO PRO A . n 
A 1 62  TYR 62  108 108 TYR TYR A . n 
A 1 63  HIS 63  109 109 HIS HIS A . n 
A 1 64  ASP 64  110 110 ASP ASP A . n 
A 1 65  PHE 65  111 111 PHE PHE A . n 
A 1 66  ILE 66  112 112 ILE ILE A . n 
A 1 67  LEU 67  113 113 LEU LEU A . n 
A 1 68  GLU 68  114 114 GLU GLU A . n 
A 1 69  ASP 69  115 115 ASP ASP A . n 
A 1 70  ALA 70  116 116 ALA ALA A . n 
A 1 71  ALA 71  117 117 ALA ALA A . n 
A 1 72  SER 72  118 118 SER SER A . n 
A 1 73  PRO 73  119 119 PRO PRO A . n 
A 1 74  THR 74  120 120 THR THR A . n 
A 1 75  CYS 75  121 121 CYS CYS A . n 
A 1 76  ILE 76  122 122 ILE ILE A . n 
A 1 77  MET 77  123 123 MET MET A . n 
A 1 78  LYS 78  124 124 LYS LYS A . n 
A 1 79  GLU 79  125 125 GLU GLU A . n 
A 1 80  LYS 80  126 126 LYS LYS A . n 
A 1 81  LYS 81  127 127 LYS LYS A . n 
A 1 82  LYS 82  128 128 LYS LYS A . n 
A 1 83  PRO 83  129 129 PRO PRO A . n 
A 1 84  GLY 84  130 130 GLY GLY A . n 
A 1 85  GLU 85  131 131 GLU GLU A . n 
A 1 86  THR 86  132 132 THR THR A . n 
A 1 87  PHE 87  133 133 PHE PHE A . n 
A 1 88  PHE 88  134 134 PHE PHE A . n 
A 1 89  MET 89  135 135 MET MET A . n 
A 1 90  CYS 90  136 136 CYS CYS A . n 
A 1 91  SER 91  137 137 SER SER A . n 
A 1 92  CYS 92  138 138 CYS CYS A . n 
A 1 93  SER 93  139 139 SER SER A . n 
A 1 94  SER 94  140 140 SER SER A . n 
A 1 95  ASP 95  141 141 ASP ASP A . n 
A 1 96  GLU 96  142 142 GLU GLU A . n 
A 1 97  CYS 97  143 143 CYS CYS A . n 
A 1 98  ASN 98  144 144 ASN ASN A . n 
A 1 99  ASP 99  145 145 ASP ASP A . n 
A 1 100 ASN 100 146 146 ASN ASN A . n 
A 1 101 ILE 101 147 147 ILE ILE A . n 
A 1 102 ILE 102 148 148 ILE ILE A . n 
A 1 103 PHE 103 149 149 PHE PHE A . n 
B 2 1   CYS 1   315 315 CYS CYS B . n 
B 2 2   CYS 2   316 316 CYS CYS B . n 
B 2 3   LEU 3   317 317 LEU LEU B . n 
B 2 4   ARG 4   318 318 ARG ARG B . n 
B 2 5   PRO 5   319 319 PRO PRO B . n 
B 2 6   LEU 6   320 320 LEU LEU B . n 
B 2 7   TYR 7   321 321 TYR TYR B . n 
B 2 8   ILE 8   322 322 ILE ILE B . n 
B 2 9   ASP 9   323 323 ASP ASP B . n 
B 2 10  PHE 10  324 324 PHE PHE B . n 
B 2 11  ARG 11  325 325 ARG ARG B . n 
B 2 12  LYS 12  326 326 LYS LYS B . n 
B 2 13  ASP 13  327 327 ASP ASP B . n 
B 2 14  LEU 14  328 328 LEU LEU B . n 
B 2 15  GLY 15  329 329 GLY GLY B . n 
B 2 16  TRP 16  330 330 TRP TRP B . n 
B 2 17  LYS 17  331 331 LYS LYS B . n 
B 2 18  TRP 18  332 332 TRP TRP B . n 
B 2 19  ILE 19  333 333 ILE ILE B . n 
B 2 20  HIS 20  334 334 HIS HIS B . n 
B 2 21  GLU 21  335 335 GLU GLU B . n 
B 2 22  PRO 22  336 336 PRO PRO B . n 
B 2 23  LYS 23  337 337 LYS LYS B . n 
B 2 24  GLY 24  338 338 GLY GLY B . n 
B 2 25  TYR 25  339 339 TYR TYR B . n 
B 2 26  ASN 26  340 340 ASN ASN B . n 
B 2 27  ALA 27  341 341 ALA ALA B . n 
B 2 28  ASN 28  342 342 ASN ASN B . n 
B 2 29  PHE 29  343 343 PHE PHE B . n 
B 2 30  CYS 30  344 344 CYS CYS B . n 
B 2 31  ALA 31  345 ?   ?   ?   B . n 
B 2 32  GLY 32  346 ?   ?   ?   B . n 
B 2 33  ALA 33  347 ?   ?   ?   B . n 
B 2 34  CYS 34  348 ?   ?   ?   B . n 
B 2 35  PRO 35  349 ?   ?   ?   B . n 
B 2 36  TYR 36  350 ?   ?   ?   B . n 
B 2 37  LEU 37  351 ?   ?   ?   B . n 
B 2 38  TRP 38  352 ?   ?   ?   B . n 
B 2 39  SER 39  353 ?   ?   ?   B . n 
B 2 40  SER 40  354 ?   ?   ?   B . n 
B 2 41  ASP 41  355 ?   ?   ?   B . n 
B 2 42  THR 42  356 ?   ?   ?   B . n 
B 2 43  GLN 43  357 ?   ?   ?   B . n 
B 2 44  HIS 44  358 ?   ?   ?   B . n 
B 2 45  SER 45  359 ?   ?   ?   B . n 
B 2 46  ARG 46  360 ?   ?   ?   B . n 
B 2 47  VAL 47  361 ?   ?   ?   B . n 
B 2 48  LEU 48  362 ?   ?   ?   B . n 
B 2 49  SER 49  363 ?   ?   ?   B . n 
B 2 50  LEU 50  364 ?   ?   ?   B . n 
B 2 51  TYR 51  365 ?   ?   ?   B . n 
B 2 52  ASN 52  366 ?   ?   ?   B . n 
B 2 53  THR 53  367 ?   ?   ?   B . n 
B 2 54  ILE 54  368 ?   ?   ?   B . n 
B 2 55  ASN 55  369 ?   ?   ?   B . n 
B 2 56  PRO 56  370 ?   ?   ?   B . n 
B 2 57  GLU 57  371 ?   ?   ?   B . n 
B 2 58  ALA 58  372 ?   ?   ?   B . n 
B 2 59  SER 59  373 ?   ?   ?   B . n 
B 2 60  ALA 60  374 ?   ?   ?   B . n 
B 2 61  SER 61  375 ?   ?   ?   B . n 
B 2 62  PRO 62  376 ?   ?   ?   B . n 
B 2 63  CYS 63  377 377 CYS ALA B . n 
B 2 64  CYS 64  378 378 CYS CYS B . n 
B 2 65  VAL 65  379 379 VAL VAL B . n 
B 2 66  SER 66  380 380 SER SER B . n 
B 2 67  GLN 67  381 381 GLN GLN B . n 
B 2 68  ASP 68  382 382 ASP ASP B . n 
B 2 69  LEU 69  383 383 LEU LEU B . n 
B 2 70  GLU 70  384 384 GLU GLU B . n 
B 2 71  PRO 71  385 385 PRO PRO B . n 
B 2 72  LEU 72  386 386 LEU LEU B . n 
B 2 73  THR 73  387 387 THR THR B . n 
B 2 74  ILE 74  388 388 ILE ILE B . n 
B 2 75  VAL 75  389 389 VAL VAL B . n 
B 2 76  TYR 76  390 390 TYR TYR B . n 
B 2 77  TYR 77  391 391 TYR TYR B . n 
B 2 78  VAL 78  392 392 VAL VAL B . n 
B 2 79  GLY 79  393 393 GLY GLY B . n 
B 2 80  ARG 80  394 394 ARG ARG B . n 
B 2 81  LYS 81  395 395 LYS LYS B . n 
B 2 82  PRO 82  396 396 PRO PRO B . n 
B 2 83  LYS 83  397 397 LYS LYS B . n 
B 2 84  VAL 84  398 398 VAL VAL B . n 
B 2 85  GLU 85  399 399 GLU GLU B . n 
B 2 86  GLN 86  400 400 GLN GLN B . n 
B 2 87  LEU 87  401 401 LEU LEU B . n 
B 2 88  SER 88  402 402 SER SER B . n 
B 2 89  ASN 89  403 403 ASN ASN B . n 
B 2 90  MET 90  404 404 MET MET B . n 
B 2 91  ILE 91  405 405 ILE ILE B . n 
B 2 92  VAL 92  406 406 VAL VAL B . n 
B 2 93  LYS 93  407 407 LYS LYS B . n 
B 2 94  SER 94  408 408 SER SER B . n 
B 2 95  CYS 95  409 409 CYS CYS B . n 
B 2 96  LYS 96  410 410 LYS LYS B . n 
B 2 97  CYS 97  411 411 CYS CYS B . n 
# 
_pdbx_unobs_or_zero_occ_atoms.id               1 
_pdbx_unobs_or_zero_occ_atoms.PDB_model_num    1 
_pdbx_unobs_or_zero_occ_atoms.polymer_flag     Y 
_pdbx_unobs_or_zero_occ_atoms.occupancy_flag   1 
_pdbx_unobs_or_zero_occ_atoms.auth_asym_id     B 
_pdbx_unobs_or_zero_occ_atoms.auth_comp_id     CYS 
_pdbx_unobs_or_zero_occ_atoms.auth_seq_id      377 
_pdbx_unobs_or_zero_occ_atoms.PDB_ins_code     ? 
_pdbx_unobs_or_zero_occ_atoms.auth_atom_id     SG 
_pdbx_unobs_or_zero_occ_atoms.label_alt_id     ? 
_pdbx_unobs_or_zero_occ_atoms.label_asym_id    B 
_pdbx_unobs_or_zero_occ_atoms.label_comp_id    CYS 
_pdbx_unobs_or_zero_occ_atoms.label_seq_id     63 
_pdbx_unobs_or_zero_occ_atoms.label_atom_id    SG 
# 
loop_
_software.citation_id 
_software.classification 
_software.compiler_name 
_software.compiler_version 
_software.contact_author 
_software.contact_author_email 
_software.date 
_software.description 
_software.dependencies 
_software.hardware 
_software.language 
_software.location 
_software.mods 
_software.name 
_software.os 
_software.os_version 
_software.type 
_software.version 
_software.pdbx_ordinal 
? refinement       ? ? ? ? ? ? ? ? ? ? ? PHENIX  ? ? ? 1.10   1 
? 'data reduction' ? ? ? ? ? ? ? ? ? ? ? MOSFLM  ? ? ? 7.1.0  2 
? 'data scaling'   ? ? ? ? ? ? ? ? ? ? ? Aimless ? ? ? 0.5.27 3 
? phasing          ? ? ? ? ? ? ? ? ? ? ? PHASER  ? ? ? 2.6.0  4 
# 
_cell.angle_alpha                  90.00 
_cell.angle_alpha_esd              ? 
_cell.angle_beta                   90.00 
_cell.angle_beta_esd               ? 
_cell.angle_gamma                  90.00 
_cell.angle_gamma_esd              ? 
_cell.entry_id                     5TY4 
_cell.details                      ? 
_cell.formula_units_Z              ? 
_cell.length_a                     41.530 
_cell.length_a_esd                 ? 
_cell.length_b                     71.330 
_cell.length_b_esd                 ? 
_cell.length_c                     79.508 
_cell.length_c_esd                 ? 
_cell.volume                       ? 
_cell.volume_esd                   ? 
_cell.Z_PDB                        4 
_cell.reciprocal_angle_alpha       ? 
_cell.reciprocal_angle_beta        ? 
_cell.reciprocal_angle_gamma       ? 
_cell.reciprocal_angle_alpha_esd   ? 
_cell.reciprocal_angle_beta_esd    ? 
_cell.reciprocal_angle_gamma_esd   ? 
_cell.reciprocal_length_a          ? 
_cell.reciprocal_length_b          ? 
_cell.reciprocal_length_c          ? 
_cell.reciprocal_length_a_esd      ? 
_cell.reciprocal_length_b_esd      ? 
_cell.reciprocal_length_c_esd      ? 
_cell.pdbx_unique_axis             ? 
# 
_symmetry.entry_id                         5TY4 
_symmetry.cell_setting                     ? 
_symmetry.Int_Tables_number                19 
_symmetry.space_group_name_Hall            ? 
_symmetry.space_group_name_H-M             'P 21 21 21' 
_symmetry.pdbx_full_space_group_name_H-M   ? 
# 
_exptl.absorpt_coefficient_mu     ? 
_exptl.absorpt_correction_T_max   ? 
_exptl.absorpt_correction_T_min   ? 
_exptl.absorpt_correction_type    ? 
_exptl.absorpt_process_details    ? 
_exptl.entry_id                   5TY4 
_exptl.crystals_number            1 
_exptl.details                    ? 
_exptl.method                     'ELECTRON CRYSTALLOGRAPHY' 
_exptl.method_details             ? 
# 
_exptl_crystal.colour                      ? 
_exptl_crystal.density_diffrn              ? 
_exptl_crystal.density_Matthews            2.58 
_exptl_crystal.density_method              ? 
_exptl_crystal.density_percent_sol         52.24 
_exptl_crystal.description                 ? 
_exptl_crystal.F_000                       ? 
_exptl_crystal.id                          1 
_exptl_crystal.preparation                 ? 
_exptl_crystal.size_max                    ? 
_exptl_crystal.size_mid                    ? 
_exptl_crystal.size_min                    ? 
_exptl_crystal.size_rad                    ? 
_exptl_crystal.colour_lustre               ? 
_exptl_crystal.colour_modifier             ? 
_exptl_crystal.colour_primary              ? 
_exptl_crystal.density_meas                ? 
_exptl_crystal.density_meas_esd            ? 
_exptl_crystal.density_meas_gt             ? 
_exptl_crystal.density_meas_lt             ? 
_exptl_crystal.density_meas_temp           ? 
_exptl_crystal.density_meas_temp_esd       ? 
_exptl_crystal.density_meas_temp_gt        ? 
_exptl_crystal.density_meas_temp_lt        ? 
_exptl_crystal.pdbx_crystal_image_url      ? 
_exptl_crystal.pdbx_crystal_image_format   ? 
_exptl_crystal.pdbx_mosaicity              ? 
_exptl_crystal.pdbx_mosaicity_esd          ? 
# 
_exptl_crystal_grow.apparatus       ? 
_exptl_crystal_grow.atmosphere      ? 
_exptl_crystal_grow.crystal_id      1 
_exptl_crystal_grow.details         ? 
_exptl_crystal_grow.method          'VAPOR DIFFUSION, HANGING DROP' 
_exptl_crystal_grow.method_ref      ? 
_exptl_crystal_grow.pH              7.5 
_exptl_crystal_grow.pressure        ? 
_exptl_crystal_grow.pressure_esd    ? 
_exptl_crystal_grow.seeding         ? 
_exptl_crystal_grow.seeding_ref     ? 
_exptl_crystal_grow.temp            293 
_exptl_crystal_grow.temp_details    ? 
_exptl_crystal_grow.temp_esd        ? 
_exptl_crystal_grow.time            ? 
_exptl_crystal_grow.pdbx_details    
'0.5 ul 20 mg/mL protein + 0.25 ul mother liquor + 0.2 ul seed stock in 100 mM HEPES/NaOH pH 7.5, 45% MPD' 
_exptl_crystal_grow.pdbx_pH_range   ? 
# 
_diffrn.ambient_environment    ? 
_diffrn.ambient_temp           293 
_diffrn.ambient_temp_details   ? 
_diffrn.ambient_temp_esd       ? 
_diffrn.crystal_id             1 
_diffrn.crystal_support        ? 
_diffrn.crystal_treatment      ? 
_diffrn.details                ? 
_diffrn.id                     1 
_diffrn.ambient_pressure       ? 
_diffrn.ambient_pressure_esd   ? 
_diffrn.ambient_pressure_gt    ? 
_diffrn.ambient_pressure_lt    ? 
_diffrn.ambient_temp_gt        ? 
_diffrn.ambient_temp_lt        ? 
# 
_diffrn_detector.details                      ? 
_diffrn_detector.detector                     CMOS 
_diffrn_detector.diffrn_id                    1 
_diffrn_detector.type                         'TVIPS TEMCAM-F416' 
_diffrn_detector.area_resol_mean              ? 
_diffrn_detector.dtime                        ? 
_diffrn_detector.pdbx_frames_total            ? 
_diffrn_detector.pdbx_collection_time_total   ? 
_diffrn_detector.pdbx_collection_date         2016-05-04 
# 
_diffrn_radiation.collimation                      ? 
_diffrn_radiation.diffrn_id                        1 
_diffrn_radiation.filter_edge                      ? 
_diffrn_radiation.inhomogeneity                    ? 
_diffrn_radiation.monochromator                    ? 
_diffrn_radiation.polarisn_norm                    ? 
_diffrn_radiation.polarisn_ratio                   ? 
_diffrn_radiation.probe                            ? 
_diffrn_radiation.type                             ? 
_diffrn_radiation.xray_symbol                      ? 
_diffrn_radiation.wavelength_id                    1 
_diffrn_radiation.pdbx_monochromatic_or_laue_m_l   M 
_diffrn_radiation.pdbx_wavelength_list             ? 
_diffrn_radiation.pdbx_wavelength                  ? 
_diffrn_radiation.pdbx_diffrn_protocol             'SINGLE WAVELENGTH' 
_diffrn_radiation.pdbx_analyzer                    ? 
_diffrn_radiation.pdbx_scattering_type             electron 
# 
_diffrn_radiation_wavelength.id           1 
_diffrn_radiation_wavelength.wavelength   0.0250793397 
_diffrn_radiation_wavelength.wt           1.0 
# 
_diffrn_source.current                     ? 
_diffrn_source.details                     ? 
_diffrn_source.diffrn_id                   1 
_diffrn_source.power                       ? 
_diffrn_source.size                        ? 
_diffrn_source.source                      'ELECTRON MICROSCOPE' 
_diffrn_source.target                      ? 
_diffrn_source.type                        OTHER 
_diffrn_source.voltage                     ? 
_diffrn_source.take-off_angle              ? 
_diffrn_source.pdbx_wavelength_list        0.0250793397 
_diffrn_source.pdbx_wavelength             ? 
_diffrn_source.pdbx_synchrotron_beamline   ? 
_diffrn_source.pdbx_synchrotron_site       ? 
# 
_reflns.B_iso_Wilson_estimate            64.0 
_reflns.entry_id                         5TY4 
_reflns.data_reduction_details           ? 
_reflns.data_reduction_method            ? 
_reflns.d_resolution_high                2.9 
_reflns.d_resolution_low                 26.64 
_reflns.details                          ? 
_reflns.limit_h_max                      ? 
_reflns.limit_h_min                      ? 
_reflns.limit_k_max                      ? 
_reflns.limit_k_min                      ? 
_reflns.limit_l_max                      ? 
_reflns.limit_l_min                      ? 
_reflns.number_all                       ? 
_reflns.number_obs                       3884 
_reflns.observed_criterion               ? 
_reflns.observed_criterion_F_max         ? 
_reflns.observed_criterion_F_min         ? 
_reflns.observed_criterion_I_max         ? 
_reflns.observed_criterion_I_min         ? 
_reflns.observed_criterion_sigma_F       ? 
_reflns.observed_criterion_sigma_I       ? 
_reflns.percent_possible_obs             71.9 
_reflns.R_free_details                   ? 
_reflns.Rmerge_F_all                     ? 
_reflns.Rmerge_F_obs                     ? 
_reflns.Friedel_coverage                 ? 
_reflns.number_gt                        ? 
_reflns.threshold_expression             ? 
_reflns.pdbx_redundancy                  3.8 
_reflns.pdbx_Rmerge_I_obs                0.293 
_reflns.pdbx_Rmerge_I_all                ? 
_reflns.pdbx_Rsym_value                  0.293 
_reflns.pdbx_netI_over_av_sigmaI         ? 
_reflns.pdbx_netI_over_sigmaI            3.3 
_reflns.pdbx_res_netI_over_av_sigmaI_2   ? 
_reflns.pdbx_res_netI_over_sigmaI_2      ? 
_reflns.pdbx_chi_squared                 ? 
_reflns.pdbx_scaling_rejects             ? 
_reflns.pdbx_d_res_high_opt              ? 
_reflns.pdbx_d_res_low_opt               ? 
_reflns.pdbx_d_res_opt_method            ? 
_reflns.phase_calculation_details        ? 
_reflns.pdbx_Rrim_I_all                  ? 
_reflns.pdbx_Rpim_I_all                  ? 
_reflns.pdbx_d_opt                       ? 
_reflns.pdbx_number_measured_all         ? 
_reflns.pdbx_diffrn_id                   1 
_reflns.pdbx_ordinal                     1 
_reflns.pdbx_CC_half                     0.951 
_reflns.pdbx_R_split                     ? 
# 
_reflns_shell.d_res_high                  2.90 
_reflns_shell.d_res_low                   3.07 
_reflns_shell.meanI_over_sigI_all         ? 
_reflns_shell.meanI_over_sigI_obs         0.8 
_reflns_shell.number_measured_all         ? 
_reflns_shell.number_measured_obs         ? 
_reflns_shell.number_possible             ? 
_reflns_shell.number_unique_all           ? 
_reflns_shell.number_unique_obs           ? 
_reflns_shell.percent_possible_all        71.3 
_reflns_shell.percent_possible_obs        ? 
_reflns_shell.Rmerge_F_all                ? 
_reflns_shell.Rmerge_F_obs                ? 
_reflns_shell.Rmerge_I_all                ? 
_reflns_shell.Rmerge_I_obs                2.024 
_reflns_shell.meanI_over_sigI_gt          ? 
_reflns_shell.meanI_over_uI_all           ? 
_reflns_shell.meanI_over_uI_gt            ? 
_reflns_shell.number_measured_gt          ? 
_reflns_shell.number_unique_gt            ? 
_reflns_shell.percent_possible_gt         ? 
_reflns_shell.Rmerge_F_gt                 ? 
_reflns_shell.Rmerge_I_gt                 ? 
_reflns_shell.pdbx_redundancy             3.9 
_reflns_shell.pdbx_Rsym_value             ? 
_reflns_shell.pdbx_chi_squared            ? 
_reflns_shell.pdbx_netI_over_sigmaI_all   ? 
_reflns_shell.pdbx_netI_over_sigmaI_obs   ? 
_reflns_shell.pdbx_Rrim_I_all             ? 
_reflns_shell.pdbx_Rpim_I_all             ? 
_reflns_shell.pdbx_rejects                ? 
_reflns_shell.pdbx_ordinal                1 
_reflns_shell.pdbx_diffrn_id              1 
_reflns_shell.pdbx_CC_half                0.255 
_reflns_shell.pdbx_R_split                ? 
# 
_refine.aniso_B[1][1]                            ? 
_refine.aniso_B[1][2]                            ? 
_refine.aniso_B[1][3]                            ? 
_refine.aniso_B[2][2]                            ? 
_refine.aniso_B[2][3]                            ? 
_refine.aniso_B[3][3]                            ? 
_refine.B_iso_max                                ? 
_refine.B_iso_mean                               ? 
_refine.B_iso_min                                ? 
_refine.correlation_coeff_Fo_to_Fc               ? 
_refine.correlation_coeff_Fo_to_Fc_free          ? 
_refine.details                                  ? 
_refine.diff_density_max                         ? 
_refine.diff_density_max_esd                     ? 
_refine.diff_density_min                         ? 
_refine.diff_density_min_esd                     ? 
_refine.diff_density_rms                         ? 
_refine.diff_density_rms_esd                     ? 
_refine.entry_id                                 5TY4 
_refine.pdbx_refine_id                           'ELECTRON CRYSTALLOGRAPHY' 
_refine.ls_abs_structure_details                 ? 
_refine.ls_abs_structure_Flack                   ? 
_refine.ls_abs_structure_Flack_esd               ? 
_refine.ls_abs_structure_Rogers                  ? 
_refine.ls_abs_structure_Rogers_esd              ? 
_refine.ls_d_res_high                            2.900 
_refine.ls_d_res_low                             26.640 
_refine.ls_extinction_coef                       ? 
_refine.ls_extinction_coef_esd                   ? 
_refine.ls_extinction_expression                 ? 
_refine.ls_extinction_method                     ? 
_refine.ls_goodness_of_fit_all                   ? 
_refine.ls_goodness_of_fit_all_esd               ? 
_refine.ls_goodness_of_fit_obs                   ? 
_refine.ls_goodness_of_fit_obs_esd               ? 
_refine.ls_hydrogen_treatment                    ? 
_refine.ls_matrix_type                           ? 
_refine.ls_number_constraints                    ? 
_refine.ls_number_parameters                     ? 
_refine.ls_number_reflns_all                     ? 
_refine.ls_number_reflns_obs                     3848 
_refine.ls_number_reflns_R_free                  290 
_refine.ls_number_reflns_R_work                  ? 
_refine.ls_number_restraints                     ? 
_refine.ls_percent_reflns_obs                    68.82 
_refine.ls_percent_reflns_R_free                 7.54 
_refine.ls_R_factor_all                          ? 
_refine.ls_R_factor_obs                          0.2948 
_refine.ls_R_factor_R_free                       0.3280 
_refine.ls_R_factor_R_free_error                 ? 
_refine.ls_R_factor_R_free_error_details         ? 
_refine.ls_R_factor_R_work                       0.2919 
_refine.ls_R_Fsqd_factor_obs                     ? 
_refine.ls_R_I_factor_obs                        ? 
_refine.ls_redundancy_reflns_all                 ? 
_refine.ls_redundancy_reflns_obs                 ? 
_refine.ls_restrained_S_all                      ? 
_refine.ls_restrained_S_obs                      ? 
_refine.ls_shift_over_esd_max                    ? 
_refine.ls_shift_over_esd_mean                   ? 
_refine.ls_structure_factor_coef                 ? 
_refine.ls_weighting_details                     ? 
_refine.ls_weighting_scheme                      ? 
_refine.ls_wR_factor_all                         ? 
_refine.ls_wR_factor_obs                         ? 
_refine.ls_wR_factor_R_free                      ? 
_refine.ls_wR_factor_R_work                      ? 
_refine.occupancy_max                            ? 
_refine.occupancy_min                            ? 
_refine.solvent_model_details                    ? 
_refine.solvent_model_param_bsol                 ? 
_refine.solvent_model_param_ksol                 ? 
_refine.ls_R_factor_gt                           ? 
_refine.ls_goodness_of_fit_gt                    ? 
_refine.ls_goodness_of_fit_ref                   ? 
_refine.ls_shift_over_su_max                     ? 
_refine.ls_shift_over_su_max_lt                  ? 
_refine.ls_shift_over_su_mean                    ? 
_refine.ls_shift_over_su_mean_lt                 ? 
_refine.pdbx_ls_sigma_I                          ? 
_refine.pdbx_ls_sigma_F                          ? 
_refine.pdbx_ls_sigma_Fsqd                       ? 
_refine.pdbx_data_cutoff_high_absF               ? 
_refine.pdbx_data_cutoff_high_rms_absF           ? 
_refine.pdbx_data_cutoff_low_absF                ? 
_refine.pdbx_isotropic_thermal_model             ? 
_refine.pdbx_ls_cross_valid_method               'FREE R-VALUE' 
_refine.pdbx_method_to_determine_struct          'MOLECULAR REPLACEMENT' 
_refine.pdbx_starting_model                      'PDB entry 1KTZ' 
_refine.pdbx_stereochemistry_target_values       ? 
_refine.pdbx_R_Free_selection_details            ? 
_refine.pdbx_stereochem_target_val_spec_case     ? 
_refine.pdbx_overall_ESU_R                       ? 
_refine.pdbx_overall_ESU_R_Free                  ? 
_refine.pdbx_solvent_vdw_probe_radii             1.11 
_refine.pdbx_solvent_ion_probe_radii             ? 
_refine.pdbx_solvent_shrinkage_radii             0.90 
_refine.pdbx_real_space_R                        ? 
_refine.pdbx_density_correlation                 ? 
_refine.pdbx_pd_number_of_powder_patterns        ? 
_refine.pdbx_pd_number_of_points                 ? 
_refine.pdbx_pd_meas_number_of_points            ? 
_refine.pdbx_pd_proc_ls_prof_R_factor            ? 
_refine.pdbx_pd_proc_ls_prof_wR_factor           ? 
_refine.pdbx_pd_Marquardt_correlation_coeff      ? 
_refine.pdbx_pd_Fsqrd_R_factor                   ? 
_refine.pdbx_pd_ls_matrix_band_width             ? 
_refine.pdbx_overall_phase_error                 30.99 
_refine.pdbx_overall_SU_R_free_Cruickshank_DPI   ? 
_refine.pdbx_overall_SU_R_free_Blow_DPI          ? 
_refine.pdbx_overall_SU_R_Blow_DPI               ? 
_refine.pdbx_TLS_residual_ADP_flag               ? 
_refine.pdbx_diffrn_id                           1 
_refine.overall_SU_B                             ? 
_refine.overall_SU_ML                            0.40 
_refine.overall_SU_R_Cruickshank_DPI             ? 
_refine.overall_SU_R_free                        ? 
_refine.overall_FOM_free_R_set                   ? 
_refine.overall_FOM_work_R_set                   ? 
_refine.pdbx_average_fsc_overall                 ? 
_refine.pdbx_average_fsc_work                    ? 
_refine.pdbx_average_fsc_free                    ? 
# 
_refine_hist.pdbx_refine_id                   'ELECTRON CRYSTALLOGRAPHY' 
_refine_hist.cycle_id                         LAST 
_refine_hist.pdbx_number_atoms_protein        1327 
_refine_hist.pdbx_number_atoms_nucleic_acid   0 
_refine_hist.pdbx_number_atoms_ligand         0 
_refine_hist.number_atoms_solvent             0 
_refine_hist.number_atoms_total               1327 
_refine_hist.d_res_high                       2.900 
_refine_hist.d_res_low                        26.640 
# 
loop_
_refine_ls_restr.pdbx_refine_id 
_refine_ls_restr.criterion 
_refine_ls_restr.dev_ideal 
_refine_ls_restr.dev_ideal_target 
_refine_ls_restr.number 
_refine_ls_restr.rejects 
_refine_ls_restr.type 
_refine_ls_restr.weight 
_refine_ls_restr.pdbx_restraint_function 
'ELECTRON CRYSTALLOGRAPHY' ? 0.012  ? 1366 ? f_bond_d           ? ? 
'ELECTRON CRYSTALLOGRAPHY' ? 1.573  ? 1847 ? f_angle_d          ? ? 
'ELECTRON CRYSTALLOGRAPHY' ? 19.181 ? 864  ? f_dihedral_angle_d ? ? 
'ELECTRON CRYSTALLOGRAPHY' ? 0.067  ? 200  ? f_chiral_restr     ? ? 
'ELECTRON CRYSTALLOGRAPHY' ? 0.009  ? 231  ? f_plane_restr      ? ? 
# 
loop_
_refine_ls_shell.pdbx_refine_id 
_refine_ls_shell.d_res_high 
_refine_ls_shell.d_res_low 
_refine_ls_shell.number_reflns_all 
_refine_ls_shell.number_reflns_obs 
_refine_ls_shell.number_reflns_R_free 
_refine_ls_shell.number_reflns_R_work 
_refine_ls_shell.percent_reflns_obs 
_refine_ls_shell.percent_reflns_R_free 
_refine_ls_shell.R_factor_all 
_refine_ls_shell.R_factor_obs 
_refine_ls_shell.R_factor_R_free 
_refine_ls_shell.R_factor_R_free_error 
_refine_ls_shell.R_factor_R_work 
_refine_ls_shell.redundancy_reflns_all 
_refine_ls_shell.redundancy_reflns_obs 
_refine_ls_shell.wR_factor_all 
_refine_ls_shell.wR_factor_obs 
_refine_ls_shell.wR_factor_R_free 
_refine_ls_shell.wR_factor_R_work 
_refine_ls_shell.pdbx_total_number_of_bins_used 
_refine_ls_shell.pdbx_phase_error 
_refine_ls_shell.pdbx_fsc_work 
_refine_ls_shell.pdbx_fsc_free 
'ELECTRON CRYSTALLOGRAPHY' 2.9001 3.6523 . . 136 1748 69.00 . . . 0.3687 . 0.3611 . . . . . . . . . . 
'ELECTRON CRYSTALLOGRAPHY' 3.6523 26.640 . . 154 1810 69.00 . . . 0.3133 . 0.2639 . . . . . . . . . . 
# 
_struct.entry_id                     5TY4 
_struct.title                        
'MicroED structure of a complex between monomeric TGF-b and its receptor, TbRII, at 2.9 A resolution' 
_struct.pdbx_model_details           ? 
_struct.pdbx_formula_weight          ? 
_struct.pdbx_formula_weight_method   ? 
_struct.pdbx_model_type_details      ? 
_struct.pdbx_CASP_flag               N 
# 
_struct_keywords.entry_id        5TY4 
_struct_keywords.text            TRANSFERASE 
_struct_keywords.pdbx_keywords   TRANSFERASE 
# 
loop_
_struct_asym.id 
_struct_asym.pdbx_blank_PDB_chainid_flag 
_struct_asym.pdbx_modified 
_struct_asym.entity_id 
_struct_asym.details 
A N N 1 ? 
B N N 2 ? 
# 
loop_
_struct_ref.id 
_struct_ref.db_name 
_struct_ref.db_code 
_struct_ref.pdbx_db_accession 
_struct_ref.pdbx_db_isoform 
_struct_ref.entity_id 
_struct_ref.pdbx_seq_one_letter_code 
_struct_ref.pdbx_align_begin 
1 UNP TGFR2_HUMAN P37173 P37173-2 1 
;FPQLCKFCDVRFSTCDNQKSCMSNCSITSICEKPQEVCVAVWRKNDENITLETVCHDPKLPYHDFILEDAASPKCIMKEK
KKPGETFFMCSCSSDECNDNIIF
;
72 
2 PDB 5TY4        5TY4   ?        2 ? 1  
# 
loop_
_struct_ref_seq.align_id 
_struct_ref_seq.ref_id 
_struct_ref_seq.pdbx_PDB_id_code 
_struct_ref_seq.pdbx_strand_id 
_struct_ref_seq.seq_align_beg 
_struct_ref_seq.pdbx_seq_align_beg_ins_code 
_struct_ref_seq.seq_align_end 
_struct_ref_seq.pdbx_seq_align_end_ins_code 
_struct_ref_seq.pdbx_db_accession 
_struct_ref_seq.db_align_beg 
_struct_ref_seq.pdbx_db_align_beg_ins_code 
_struct_ref_seq.db_align_end 
_struct_ref_seq.pdbx_db_align_end_ins_code 
_struct_ref_seq.pdbx_auth_seq_align_beg 
_struct_ref_seq.pdbx_auth_seq_align_end 
1 1 5TY4 A 1 ? 103 ? P37173 72  ? 174 ? 47  149 
2 2 5TY4 B 1 ? 97  ? 5TY4   315 ? 411 ? 315 411 
# 
_struct_ref_seq_dif.align_id                     1 
_struct_ref_seq_dif.pdbx_pdb_id_code             5TY4 
_struct_ref_seq_dif.mon_id                       THR 
_struct_ref_seq_dif.pdbx_pdb_strand_id           A 
_struct_ref_seq_dif.seq_num                      74 
_struct_ref_seq_dif.pdbx_pdb_ins_code            ? 
_struct_ref_seq_dif.pdbx_seq_db_name             UNP 
_struct_ref_seq_dif.pdbx_seq_db_accession_code   P37173 
_struct_ref_seq_dif.db_mon_id                    LYS 
_struct_ref_seq_dif.pdbx_seq_db_seq_num          145 
_struct_ref_seq_dif.details                      conflict 
_struct_ref_seq_dif.pdbx_auth_seq_num            120 
_struct_ref_seq_dif.pdbx_ordinal                 1 
# 
_pdbx_struct_assembly.id                   1 
_pdbx_struct_assembly.details              author_and_software_defined_assembly 
_pdbx_struct_assembly.method_details       PISA 
_pdbx_struct_assembly.oligomeric_details   dimeric 
_pdbx_struct_assembly.oligomeric_count     2 
# 
loop_
_pdbx_struct_assembly_prop.biol_id 
_pdbx_struct_assembly_prop.type 
_pdbx_struct_assembly_prop.value 
_pdbx_struct_assembly_prop.details 
1 'ABSA (A^2)' 860   ? 
1 MORE         -2    ? 
1 'SSA (A^2)'  10010 ? 
# 
_pdbx_struct_assembly_gen.assembly_id       1 
_pdbx_struct_assembly_gen.oper_expression   1 
_pdbx_struct_assembly_gen.asym_id_list      A,B 
# 
_pdbx_struct_oper_list.id                   1 
_pdbx_struct_oper_list.type                 'identity operation' 
_pdbx_struct_oper_list.name                 1_555 
_pdbx_struct_oper_list.symmetry_operation   x,y,z 
_pdbx_struct_oper_list.matrix[1][1]         1.0000000000 
_pdbx_struct_oper_list.matrix[1][2]         0.0000000000 
_pdbx_struct_oper_list.matrix[1][3]         0.0000000000 
_pdbx_struct_oper_list.vector[1]            0.0000000000 
_pdbx_struct_oper_list.matrix[2][1]         0.0000000000 
_pdbx_struct_oper_list.matrix[2][2]         1.0000000000 
_pdbx_struct_oper_list.matrix[2][3]         0.0000000000 
_pdbx_struct_oper_list.vector[2]            0.0000000000 
_pdbx_struct_oper_list.matrix[3][1]         0.0000000000 
_pdbx_struct_oper_list.matrix[3][2]         0.0000000000 
_pdbx_struct_oper_list.matrix[3][3]         1.0000000000 
_pdbx_struct_oper_list.vector[3]            0.0000000000 
# 
_struct_conf.conf_type_id            HELX_P 
_struct_conf.id                      HELX_P1 
_struct_conf.pdbx_PDB_helix_id       AA1 
_struct_conf.beg_label_comp_id       GLU 
_struct_conf.beg_label_asym_id       A 
_struct_conf.beg_label_seq_id        96 
_struct_conf.pdbx_beg_PDB_ins_code   ? 
_struct_conf.end_label_comp_id       ASN 
_struct_conf.end_label_asym_id       A 
_struct_conf.end_label_seq_id        98 
_struct_conf.pdbx_end_PDB_ins_code   ? 
_struct_conf.beg_auth_comp_id        GLU 
_struct_conf.beg_auth_asym_id        A 
_struct_conf.beg_auth_seq_id         142 
_struct_conf.end_auth_comp_id        ASN 
_struct_conf.end_auth_asym_id        A 
_struct_conf.end_auth_seq_id         144 
_struct_conf.pdbx_PDB_helix_class    5 
_struct_conf.details                 ? 
_struct_conf.pdbx_PDB_helix_length   3 
# 
_struct_conf_type.id          HELX_P 
_struct_conf_type.criteria    ? 
_struct_conf_type.reference   ? 
# 
loop_
_struct_conn.id 
_struct_conn.conn_type_id 
_struct_conn.pdbx_leaving_atom_flag 
_struct_conn.pdbx_PDB_id 
_struct_conn.ptnr1_label_asym_id 
_struct_conn.ptnr1_label_comp_id 
_struct_conn.ptnr1_label_seq_id 
_struct_conn.ptnr1_label_atom_id 
_struct_conn.pdbx_ptnr1_label_alt_id 
_struct_conn.pdbx_ptnr1_PDB_ins_code 
_struct_conn.pdbx_ptnr1_standard_comp_id 
_struct_conn.ptnr1_symmetry 
_struct_conn.ptnr2_label_asym_id 
_struct_conn.ptnr2_label_comp_id 
_struct_conn.ptnr2_label_seq_id 
_struct_conn.ptnr2_label_atom_id 
_struct_conn.pdbx_ptnr2_label_alt_id 
_struct_conn.pdbx_ptnr2_PDB_ins_code 
_struct_conn.ptnr1_auth_asym_id 
_struct_conn.ptnr1_auth_comp_id 
_struct_conn.ptnr1_auth_seq_id 
_struct_conn.ptnr2_auth_asym_id 
_struct_conn.ptnr2_auth_comp_id 
_struct_conn.ptnr2_auth_seq_id 
_struct_conn.ptnr2_symmetry 
_struct_conn.pdbx_ptnr3_label_atom_id 
_struct_conn.pdbx_ptnr3_label_seq_id 
_struct_conn.pdbx_ptnr3_label_comp_id 
_struct_conn.pdbx_ptnr3_label_asym_id 
_struct_conn.pdbx_ptnr3_label_alt_id 
_struct_conn.pdbx_ptnr3_PDB_ins_code 
_struct_conn.details 
_struct_conn.pdbx_dist_value 
_struct_conn.pdbx_value_order 
_struct_conn.pdbx_role 
disulf1  disulf ? ? A CYS 5  SG ? ? ? 1_555 A CYS 38 SG ? ? A CYS 51  A CYS 84  1_555 ? ? ? ? ? ? ? 2.010 ? ? 
disulf2  disulf ? ? A CYS 5  SG ? ? ? 1_555 A CYS 92 SG ? ? A CYS 51  A CYS 138 1_555 ? ? ? ? ? ? ? 2.066 ? ? 
disulf3  disulf ? ? A CYS 5  SG ? ? ? 1_555 A CYS 97 SG ? ? A CYS 51  A CYS 143 1_555 ? ? ? ? ? ? ? 1.802 ? ? 
disulf4  disulf ? ? A CYS 8  SG ? ? ? 1_555 A CYS 25 SG ? ? A CYS 54  A CYS 71  1_555 ? ? ? ? ? ? ? 2.028 ? ? 
disulf5  disulf ? ? A CYS 15 SG ? ? ? 1_555 A CYS 21 SG ? ? A CYS 61  A CYS 67  1_555 ? ? ? ? ? ? ? 2.039 ? ? 
disulf6  disulf ? ? A CYS 31 SG ? ? ? 1_555 A CYS 55 SG ? ? A CYS 77  A CYS 101 1_555 ? ? ? ? ? ? ? 2.028 ? ? 
disulf7  disulf ? ? A CYS 38 SG ? ? ? 1_555 A CYS 92 SG ? ? A CYS 84  A CYS 138 1_555 ? ? ? ? ? ? ? 2.033 ? ? 
disulf8  disulf ? ? A CYS 75 SG ? ? ? 1_555 A CYS 90 SG ? ? A CYS 121 A CYS 136 1_555 ? ? ? ? ? ? ? 2.033 ? ? 
disulf9  disulf ? ? A CYS 92 SG ? ? ? 1_555 A CYS 97 SG ? ? A CYS 138 A CYS 143 1_555 ? ? ? ? ? ? ? 2.040 ? ? 
disulf10 disulf ? ? B CYS 1  SG ? ? ? 1_555 B CYS 64 SG ? ? B CYS 315 B CYS 378 1_555 ? ? ? ? ? ? ? 2.028 ? ? 
disulf11 disulf ? ? B CYS 30 SG ? ? ? 1_555 B CYS 95 SG ? ? B CYS 344 B CYS 409 1_555 ? ? ? ? ? ? ? 2.065 ? ? 
# 
_struct_conn_type.id          disulf 
_struct_conn_type.criteria    ? 
_struct_conn_type.reference   ? 
# 
loop_
_pdbx_modification_feature.ordinal 
_pdbx_modification_feature.label_comp_id 
_pdbx_modification_feature.label_asym_id 
_pdbx_modification_feature.label_seq_id 
_pdbx_modification_feature.label_alt_id 
_pdbx_modification_feature.modified_residue_label_comp_id 
_pdbx_modification_feature.modified_residue_label_asym_id 
_pdbx_modification_feature.modified_residue_label_seq_id 
_pdbx_modification_feature.modified_residue_label_alt_id 
_pdbx_modification_feature.auth_comp_id 
_pdbx_modification_feature.auth_asym_id 
_pdbx_modification_feature.auth_seq_id 
_pdbx_modification_feature.PDB_ins_code 
_pdbx_modification_feature.symmetry 
_pdbx_modification_feature.modified_residue_auth_comp_id 
_pdbx_modification_feature.modified_residue_auth_asym_id 
_pdbx_modification_feature.modified_residue_auth_seq_id 
_pdbx_modification_feature.modified_residue_PDB_ins_code 
_pdbx_modification_feature.modified_residue_symmetry 
_pdbx_modification_feature.comp_id_linking_atom 
_pdbx_modification_feature.modified_residue_id_linking_atom 
_pdbx_modification_feature.modified_residue_id 
_pdbx_modification_feature.ref_pcm_id 
_pdbx_modification_feature.ref_comp_id 
_pdbx_modification_feature.type 
_pdbx_modification_feature.category 
1  CYS A 5  ? CYS A 38 ? CYS A 51  ? 1_555 CYS A 84  ? 1_555 SG SG . . . None 'Disulfide bridge' 
2  CYS A 5  ? CYS A 92 ? CYS A 51  ? 1_555 CYS A 138 ? 1_555 SG SG . . . None 'Disulfide bridge' 
3  CYS A 5  ? CYS A 97 ? CYS A 51  ? 1_555 CYS A 143 ? 1_555 SG SG . . . None 'Disulfide bridge' 
4  CYS A 8  ? CYS A 25 ? CYS A 54  ? 1_555 CYS A 71  ? 1_555 SG SG . . . None 'Disulfide bridge' 
5  CYS A 15 ? CYS A 21 ? CYS A 61  ? 1_555 CYS A 67  ? 1_555 SG SG . . . None 'Disulfide bridge' 
6  CYS A 31 ? CYS A 55 ? CYS A 77  ? 1_555 CYS A 101 ? 1_555 SG SG . . . None 'Disulfide bridge' 
7  CYS A 38 ? CYS A 92 ? CYS A 84  ? 1_555 CYS A 138 ? 1_555 SG SG . . . None 'Disulfide bridge' 
8  CYS A 75 ? CYS A 90 ? CYS A 121 ? 1_555 CYS A 136 ? 1_555 SG SG . . . None 'Disulfide bridge' 
9  CYS A 92 ? CYS A 97 ? CYS A 138 ? 1_555 CYS A 143 ? 1_555 SG SG . . . None 'Disulfide bridge' 
10 CYS B 1  ? CYS B 64 ? CYS B 315 ? 1_555 CYS B 378 ? 1_555 SG SG . . . None 'Disulfide bridge' 
11 CYS B 30 ? CYS B 95 ? CYS B 344 ? 1_555 CYS B 409 ? 1_555 SG SG . . . None 'Disulfide bridge' 
# 
_struct_mon_prot_cis.pdbx_id                1 
_struct_mon_prot_cis.label_comp_id          GLU 
_struct_mon_prot_cis.label_seq_id           21 
_struct_mon_prot_cis.label_asym_id          B 
_struct_mon_prot_cis.label_alt_id           . 
_struct_mon_prot_cis.pdbx_PDB_ins_code      ? 
_struct_mon_prot_cis.auth_comp_id           GLU 
_struct_mon_prot_cis.auth_seq_id            335 
_struct_mon_prot_cis.auth_asym_id           B 
_struct_mon_prot_cis.pdbx_label_comp_id_2   PRO 
_struct_mon_prot_cis.pdbx_label_seq_id_2    22 
_struct_mon_prot_cis.pdbx_label_asym_id_2   B 
_struct_mon_prot_cis.pdbx_PDB_ins_code_2    ? 
_struct_mon_prot_cis.pdbx_auth_comp_id_2    PRO 
_struct_mon_prot_cis.pdbx_auth_seq_id_2     336 
_struct_mon_prot_cis.pdbx_auth_asym_id_2    B 
_struct_mon_prot_cis.pdbx_PDB_model_num     1 
_struct_mon_prot_cis.pdbx_omega_angle       2.14 
# 
loop_
_struct_sheet.id 
_struct_sheet.type 
_struct_sheet.number_strands 
_struct_sheet.details 
AA1 ? 5 ? 
AA2 ? 2 ? 
AA3 ? 2 ? 
AA4 ? 2 ? 
# 
loop_
_struct_sheet_order.sheet_id 
_struct_sheet_order.range_id_1 
_struct_sheet_order.range_id_2 
_struct_sheet_order.offset 
_struct_sheet_order.sense 
AA1 1 2 ? anti-parallel 
AA1 2 3 ? anti-parallel 
AA1 3 4 ? anti-parallel 
AA1 4 5 ? anti-parallel 
AA2 1 2 ? anti-parallel 
AA3 1 2 ? anti-parallel 
AA4 1 2 ? anti-parallel 
# 
loop_
_struct_sheet_range.sheet_id 
_struct_sheet_range.id 
_struct_sheet_range.beg_label_comp_id 
_struct_sheet_range.beg_label_asym_id 
_struct_sheet_range.beg_label_seq_id 
_struct_sheet_range.pdbx_beg_PDB_ins_code 
_struct_sheet_range.end_label_comp_id 
_struct_sheet_range.end_label_asym_id 
_struct_sheet_range.end_label_seq_id 
_struct_sheet_range.pdbx_end_PDB_ins_code 
_struct_sheet_range.beg_auth_comp_id 
_struct_sheet_range.beg_auth_asym_id 
_struct_sheet_range.beg_auth_seq_id 
_struct_sheet_range.end_auth_comp_id 
_struct_sheet_range.end_auth_asym_id 
_struct_sheet_range.end_auth_seq_id 
AA1 1 ASP A 9   ? PHE A 12  ? ASP A 55  PHE A 58  
AA1 2 THR A 50  ? HIS A 56  ? THR A 96  HIS A 102 
AA1 3 VAL A 37  ? ARG A 43  ? VAL A 83  ARG A 89  
AA1 4 PHE A 88  ? CYS A 92  ? PHE A 134 CYS A 138 
AA1 5 LYS A 78  ? GLU A 79  ? LYS A 124 GLU A 125 
AA2 1 SER A 20  ? MET A 22  ? SER A 66  MET A 68  
AA2 2 ASN A 100 ? ILE A 102 ? ASN A 146 ILE A 148 
AA3 1 VAL B 65  ? SER B 66  ? VAL B 379 SER B 380 
AA3 2 CYS B 95  ? LYS B 96  ? CYS B 409 LYS B 410 
AA4 1 LEU B 69  ? TYR B 77  ? LEU B 383 TYR B 391 
AA4 2 PRO B 82  ? VAL B 92  ? PRO B 396 VAL B 406 
# 
loop_
_pdbx_struct_sheet_hbond.sheet_id 
_pdbx_struct_sheet_hbond.range_id_1 
_pdbx_struct_sheet_hbond.range_id_2 
_pdbx_struct_sheet_hbond.range_1_label_atom_id 
_pdbx_struct_sheet_hbond.range_1_label_comp_id 
_pdbx_struct_sheet_hbond.range_1_label_asym_id 
_pdbx_struct_sheet_hbond.range_1_label_seq_id 
_pdbx_struct_sheet_hbond.range_1_PDB_ins_code 
_pdbx_struct_sheet_hbond.range_1_auth_atom_id 
_pdbx_struct_sheet_hbond.range_1_auth_comp_id 
_pdbx_struct_sheet_hbond.range_1_auth_asym_id 
_pdbx_struct_sheet_hbond.range_1_auth_seq_id 
_pdbx_struct_sheet_hbond.range_2_label_atom_id 
_pdbx_struct_sheet_hbond.range_2_label_comp_id 
_pdbx_struct_sheet_hbond.range_2_label_asym_id 
_pdbx_struct_sheet_hbond.range_2_label_seq_id 
_pdbx_struct_sheet_hbond.range_2_PDB_ins_code 
_pdbx_struct_sheet_hbond.range_2_auth_atom_id 
_pdbx_struct_sheet_hbond.range_2_auth_comp_id 
_pdbx_struct_sheet_hbond.range_2_auth_asym_id 
_pdbx_struct_sheet_hbond.range_2_auth_seq_id 
AA1 1 2 N ARG A 11 ? N ARG A 57  O LEU A 51  ? O LEU A 97  
AA1 2 3 O HIS A 56 ? O HIS A 102 N VAL A 37  ? N VAL A 83  
AA1 3 4 N CYS A 38 ? N CYS A 84  O CYS A 92  ? O CYS A 138 
AA1 4 5 O MET A 89 ? O MET A 135 N LYS A 78  ? N LYS A 124 
AA2 1 2 N CYS A 21 ? N CYS A 67  O ILE A 101 ? O ILE A 147 
AA3 1 2 N VAL B 65 ? N VAL B 379 O LYS B 96  ? O LYS B 410 
AA4 1 2 N LEU B 72 ? N LEU B 386 O LEU B 87  ? O LEU B 401 
# 
_pdbx_entry_details.entry_id                   5TY4 
_pdbx_entry_details.compound_details           ? 
_pdbx_entry_details.source_details             ? 
_pdbx_entry_details.nonpolymer_details         ? 
_pdbx_entry_details.sequence_details           ? 
_pdbx_entry_details.has_ligand_of_interest     ? 
_pdbx_entry_details.has_protein_modification   Y 
# 
loop_
_pdbx_validate_close_contact.id 
_pdbx_validate_close_contact.PDB_model_num 
_pdbx_validate_close_contact.auth_atom_id_1 
_pdbx_validate_close_contact.auth_asym_id_1 
_pdbx_validate_close_contact.auth_comp_id_1 
_pdbx_validate_close_contact.auth_seq_id_1 
_pdbx_validate_close_contact.PDB_ins_code_1 
_pdbx_validate_close_contact.label_alt_id_1 
_pdbx_validate_close_contact.auth_atom_id_2 
_pdbx_validate_close_contact.auth_asym_id_2 
_pdbx_validate_close_contact.auth_comp_id_2 
_pdbx_validate_close_contact.auth_seq_id_2 
_pdbx_validate_close_contact.PDB_ins_code_2 
_pdbx_validate_close_contact.label_alt_id_2 
_pdbx_validate_close_contact.dist 
1 1 SG  A CYS 84 ? ? SG A CYS 143 ? ? 1.09 
2 1 NE2 A GLN 49 ? ? O  A SER 139 ? ? 2.16 
3 1 O   A LEU 50 ? ? N  A GLU 142 ? ? 2.19 
# 
_pdbx_validate_rmsd_bond.id                        1 
_pdbx_validate_rmsd_bond.PDB_model_num             1 
_pdbx_validate_rmsd_bond.auth_atom_id_1            CB 
_pdbx_validate_rmsd_bond.auth_asym_id_1            A 
_pdbx_validate_rmsd_bond.auth_comp_id_1            CYS 
_pdbx_validate_rmsd_bond.auth_seq_id_1             51 
_pdbx_validate_rmsd_bond.PDB_ins_code_1            ? 
_pdbx_validate_rmsd_bond.label_alt_id_1            ? 
_pdbx_validate_rmsd_bond.auth_atom_id_2            SG 
_pdbx_validate_rmsd_bond.auth_asym_id_2            A 
_pdbx_validate_rmsd_bond.auth_comp_id_2            CYS 
_pdbx_validate_rmsd_bond.auth_seq_id_2             51 
_pdbx_validate_rmsd_bond.PDB_ins_code_2            ? 
_pdbx_validate_rmsd_bond.label_alt_id_2            ? 
_pdbx_validate_rmsd_bond.bond_value                1.948 
_pdbx_validate_rmsd_bond.bond_target_value         1.818 
_pdbx_validate_rmsd_bond.bond_deviation            0.130 
_pdbx_validate_rmsd_bond.bond_standard_deviation   0.017 
_pdbx_validate_rmsd_bond.linker_flag               N 
# 
loop_
_pdbx_validate_rmsd_angle.id 
_pdbx_validate_rmsd_angle.PDB_model_num 
_pdbx_validate_rmsd_angle.auth_atom_id_1 
_pdbx_validate_rmsd_angle.auth_asym_id_1 
_pdbx_validate_rmsd_angle.auth_comp_id_1 
_pdbx_validate_rmsd_angle.auth_seq_id_1 
_pdbx_validate_rmsd_angle.PDB_ins_code_1 
_pdbx_validate_rmsd_angle.label_alt_id_1 
_pdbx_validate_rmsd_angle.auth_atom_id_2 
_pdbx_validate_rmsd_angle.auth_asym_id_2 
_pdbx_validate_rmsd_angle.auth_comp_id_2 
_pdbx_validate_rmsd_angle.auth_seq_id_2 
_pdbx_validate_rmsd_angle.PDB_ins_code_2 
_pdbx_validate_rmsd_angle.label_alt_id_2 
_pdbx_validate_rmsd_angle.auth_atom_id_3 
_pdbx_validate_rmsd_angle.auth_asym_id_3 
_pdbx_validate_rmsd_angle.auth_comp_id_3 
_pdbx_validate_rmsd_angle.auth_seq_id_3 
_pdbx_validate_rmsd_angle.PDB_ins_code_3 
_pdbx_validate_rmsd_angle.label_alt_id_3 
_pdbx_validate_rmsd_angle.angle_value 
_pdbx_validate_rmsd_angle.angle_target_value 
_pdbx_validate_rmsd_angle.angle_deviation 
_pdbx_validate_rmsd_angle.angle_standard_deviation 
_pdbx_validate_rmsd_angle.linker_flag 
1 1 CA A CYS 84  ? ? CB A CYS 84  ? ? SG A CYS 84  ? ? 121.97 114.20 7.77 1.10 N 
2 1 CA B CYS 409 ? ? CB B CYS 409 ? ? SG B CYS 409 ? ? 121.45 114.20 7.25 1.10 N 
# 
loop_
_pdbx_validate_torsion.id 
_pdbx_validate_torsion.PDB_model_num 
_pdbx_validate_torsion.auth_comp_id 
_pdbx_validate_torsion.auth_asym_id 
_pdbx_validate_torsion.auth_seq_id 
_pdbx_validate_torsion.PDB_ins_code 
_pdbx_validate_torsion.label_alt_id 
_pdbx_validate_torsion.phi 
_pdbx_validate_torsion.psi 
1  1 ASP A 55  ? ? 61.21   -152.26 
2  1 ASP A 62  ? ? -148.27 -113.88 
3  1 ASP A 115 ? ? -92.31  35.31   
4  1 CYS A 143 ? ? -20.18  -73.40  
5  1 ASN A 144 ? ? -79.52  30.65   
6  1 PHE B 324 ? ? -22.81  -55.97  
7  1 ASP B 327 ? ? -125.92 -65.99  
8  1 ASN B 342 ? ? 84.68   157.59  
9  1 GLN B 381 ? ? -93.02  -61.39  
10 1 LYS B 407 ? ? -131.54 -85.11  
# 
_pdbx_validate_peptide_omega.id               1 
_pdbx_validate_peptide_omega.PDB_model_num    1 
_pdbx_validate_peptide_omega.auth_comp_id_1   LEU 
_pdbx_validate_peptide_omega.auth_asym_id_1   B 
_pdbx_validate_peptide_omega.auth_seq_id_1    317 
_pdbx_validate_peptide_omega.PDB_ins_code_1   ? 
_pdbx_validate_peptide_omega.label_alt_id_1   ? 
_pdbx_validate_peptide_omega.auth_comp_id_2   ARG 
_pdbx_validate_peptide_omega.auth_asym_id_2   B 
_pdbx_validate_peptide_omega.auth_seq_id_2    318 
_pdbx_validate_peptide_omega.PDB_ins_code_2   ? 
_pdbx_validate_peptide_omega.label_alt_id_2   ? 
_pdbx_validate_peptide_omega.omega            -139.38 
# 
_em_3d_fitting.entry_id          5TY4 
_em_3d_fitting.id                1 
_em_3d_fitting.details           ? 
_em_3d_fitting.overall_b_value   ? 
_em_3d_fitting.ref_protocol      OTHER 
_em_3d_fitting.ref_space         RECIPROCAL 
_em_3d_fitting.target_criteria   ? 
_em_3d_fitting.method            ? 
# 
_em_3d_reconstruction.entry_id                    5TY4 
_em_3d_reconstruction.id                          1 
_em_3d_reconstruction.algorithm                   ? 
_em_3d_reconstruction.details                     ? 
_em_3d_reconstruction.refinement_type             ? 
_em_3d_reconstruction.image_processing_id         1 
_em_3d_reconstruction.num_class_averages          ? 
_em_3d_reconstruction.num_particles               ? 
_em_3d_reconstruction.resolution                  2.90 
_em_3d_reconstruction.resolution_method           'DIFFRACTION PATTERN/LAYERLINES' 
_em_3d_reconstruction.symmetry_type               '3D CRYSTAL' 
_em_3d_reconstruction.method                      ? 
_em_3d_reconstruction.nominal_pixel_size          ? 
_em_3d_reconstruction.actual_pixel_size           ? 
_em_3d_reconstruction.magnification_calibration   ? 
# 
_em_buffer.id            1 
_em_buffer.details       ? 
_em_buffer.pH            7.5 
_em_buffer.specimen_id   1 
_em_buffer.name          ? 
# 
_em_entity_assembly.id                   1 
_em_entity_assembly.parent_id            0 
_em_entity_assembly.details              ? 
_em_entity_assembly.name                 'Complex between monomeric TGF-b and its receptor, TbRII' 
_em_entity_assembly.source               NATURAL 
_em_entity_assembly.type                 COMPLEX 
_em_entity_assembly.entity_id_list       '1, 2' 
_em_entity_assembly.synonym              ? 
_em_entity_assembly.oligomeric_details   ? 
# 
_em_image_scans.entry_id                5TY4 
_em_image_scans.id                      1 
_em_image_scans.dimension_height        2048 
_em_image_scans.dimension_width         2048 
_em_image_scans.frames_per_image        ? 
_em_image_scans.image_recording_id      1 
_em_image_scans.sampling_size           0.0311999992 
_em_image_scans.scanner_model           ? 
_em_image_scans.used_frames_per_image   ? 
_em_image_scans.citation_id             ? 
_em_image_scans.number_digital_images   ? 
_em_image_scans.od_range                ? 
_em_image_scans.quant_bit_size          ? 
_em_image_scans.details                 ? 
# 
_em_imaging.id                              1 
_em_imaging.entry_id                        5TY4 
_em_imaging.accelerating_voltage            200 
_em_imaging.alignment_procedure             ? 
_em_imaging.c2_aperture_diameter            ? 
_em_imaging.calibrated_defocus_max          ? 
_em_imaging.calibrated_defocus_min          ? 
_em_imaging.calibrated_magnification        ? 
_em_imaging.cryogen                         NITROGEN 
_em_imaging.details                         ? 
_em_imaging.electron_source                 'FIELD EMISSION GUN' 
_em_imaging.illumination_mode               'FLOOD BEAM' 
_em_imaging.microscope_model                'FEI TECNAI F20' 
_em_imaging.mode                            DIFFRACTION 
_em_imaging.nominal_cs                      ? 
_em_imaging.nominal_defocus_max             ? 
_em_imaging.nominal_defocus_min             ? 
_em_imaging.nominal_magnification           ? 
_em_imaging.recording_temperature_maximum   ? 
_em_imaging.recording_temperature_minimum   ? 
_em_imaging.residual_tilt                   ? 
_em_imaging.specimen_holder_model           ? 
_em_imaging.specimen_id                     1 
_em_imaging.citation_id                     ? 
_em_imaging.date                            ? 
_em_imaging.temperature                     ? 
_em_imaging.tilt_angle_min                  ? 
_em_imaging.tilt_angle_max                  ? 
_em_imaging.astigmatism                     ? 
_em_imaging.detector_distance               ? 
_em_imaging.electron_beam_tilt_params       ? 
_em_imaging.specimen_holder_type            ? 
# 
_em_vitrification.id                    1 
_em_vitrification.specimen_id           1 
_em_vitrification.chamber_temperature   ? 
_em_vitrification.cryogen_name          ETHANE 
_em_vitrification.details               ? 
_em_vitrification.humidity              ? 
_em_vitrification.instrument            ? 
_em_vitrification.entry_id              5TY4 
_em_vitrification.citation_id           ? 
_em_vitrification.method                ? 
_em_vitrification.temp                  ? 
_em_vitrification.time_resolved_state   ? 
# 
_em_experiment.entry_id                5TY4 
_em_experiment.id                      1 
_em_experiment.aggregation_state       '3D ARRAY' 
_em_experiment.reconstruction_method   CRYSTALLOGRAPHY 
_em_experiment.entity_assembly_id      1 
# 
loop_
_pdbx_unobs_or_zero_occ_residues.id 
_pdbx_unobs_or_zero_occ_residues.PDB_model_num 
_pdbx_unobs_or_zero_occ_residues.polymer_flag 
_pdbx_unobs_or_zero_occ_residues.occupancy_flag 
_pdbx_unobs_or_zero_occ_residues.auth_asym_id 
_pdbx_unobs_or_zero_occ_residues.auth_comp_id 
_pdbx_unobs_or_zero_occ_residues.auth_seq_id 
_pdbx_unobs_or_zero_occ_residues.PDB_ins_code 
_pdbx_unobs_or_zero_occ_residues.label_asym_id 
_pdbx_unobs_or_zero_occ_residues.label_comp_id 
_pdbx_unobs_or_zero_occ_residues.label_seq_id 
1  1 Y 1 A ASP 92  ? A ASP 46 
2  1 Y 1 A GLU 93  ? A GLU 47 
3  1 Y 1 B ALA 345 ? B ALA 31 
4  1 Y 1 B GLY 346 ? B GLY 32 
5  1 Y 1 B ALA 347 ? B ALA 33 
6  1 Y 1 B CYS 348 ? B CYS 34 
7  1 Y 1 B PRO 349 ? B PRO 35 
8  1 Y 1 B TYR 350 ? B TYR 36 
9  1 Y 1 B LEU 351 ? B LEU 37 
10 1 Y 1 B TRP 352 ? B TRP 38 
11 1 Y 1 B SER 353 ? B SER 39 
12 1 Y 1 B SER 354 ? B SER 40 
13 1 Y 1 B ASP 355 ? B ASP 41 
14 1 Y 1 B THR 356 ? B THR 42 
15 1 Y 1 B GLN 357 ? B GLN 43 
16 1 Y 1 B HIS 358 ? B HIS 44 
17 1 Y 1 B SER 359 ? B SER 45 
18 1 Y 1 B ARG 360 ? B ARG 46 
19 1 Y 1 B VAL 361 ? B VAL 47 
20 1 Y 1 B LEU 362 ? B LEU 48 
21 1 Y 1 B SER 363 ? B SER 49 
22 1 Y 1 B LEU 364 ? B LEU 50 
23 1 Y 1 B TYR 365 ? B TYR 51 
24 1 Y 1 B ASN 366 ? B ASN 52 
25 1 Y 1 B THR 367 ? B THR 53 
26 1 Y 1 B ILE 368 ? B ILE 54 
27 1 Y 1 B ASN 369 ? B ASN 55 
28 1 Y 1 B PRO 370 ? B PRO 56 
29 1 Y 1 B GLU 371 ? B GLU 57 
30 1 Y 1 B ALA 372 ? B ALA 58 
31 1 Y 1 B SER 373 ? B SER 59 
32 1 Y 1 B ALA 374 ? B ALA 60 
33 1 Y 1 B SER 375 ? B SER 61 
34 1 Y 1 B PRO 376 ? B PRO 62 
# 
loop_
_chem_comp_atom.comp_id 
_chem_comp_atom.atom_id 
_chem_comp_atom.type_symbol 
_chem_comp_atom.pdbx_aromatic_flag 
_chem_comp_atom.pdbx_stereo_config 
_chem_comp_atom.pdbx_ordinal 
ALA N    N N N 1   
ALA CA   C N S 2   
ALA C    C N N 3   
ALA O    O N N 4   
ALA CB   C N N 5   
ALA OXT  O N N 6   
ALA H    H N N 7   
ALA H2   H N N 8   
ALA HA   H N N 9   
ALA HB1  H N N 10  
ALA HB2  H N N 11  
ALA HB3  H N N 12  
ALA HXT  H N N 13  
ARG N    N N N 14  
ARG CA   C N S 15  
ARG C    C N N 16  
ARG O    O N N 17  
ARG CB   C N N 18  
ARG CG   C N N 19  
ARG CD   C N N 20  
ARG NE   N N N 21  
ARG CZ   C N N 22  
ARG NH1  N N N 23  
ARG NH2  N N N 24  
ARG OXT  O N N 25  
ARG H    H N N 26  
ARG H2   H N N 27  
ARG HA   H N N 28  
ARG HB2  H N N 29  
ARG HB3  H N N 30  
ARG HG2  H N N 31  
ARG HG3  H N N 32  
ARG HD2  H N N 33  
ARG HD3  H N N 34  
ARG HE   H N N 35  
ARG HH11 H N N 36  
ARG HH12 H N N 37  
ARG HH21 H N N 38  
ARG HH22 H N N 39  
ARG HXT  H N N 40  
ASN N    N N N 41  
ASN CA   C N S 42  
ASN C    C N N 43  
ASN O    O N N 44  
ASN CB   C N N 45  
ASN CG   C N N 46  
ASN OD1  O N N 47  
ASN ND2  N N N 48  
ASN OXT  O N N 49  
ASN H    H N N 50  
ASN H2   H N N 51  
ASN HA   H N N 52  
ASN HB2  H N N 53  
ASN HB3  H N N 54  
ASN HD21 H N N 55  
ASN HD22 H N N 56  
ASN HXT  H N N 57  
ASP N    N N N 58  
ASP CA   C N S 59  
ASP C    C N N 60  
ASP O    O N N 61  
ASP CB   C N N 62  
ASP CG   C N N 63  
ASP OD1  O N N 64  
ASP OD2  O N N 65  
ASP OXT  O N N 66  
ASP H    H N N 67  
ASP H2   H N N 68  
ASP HA   H N N 69  
ASP HB2  H N N 70  
ASP HB3  H N N 71  
ASP HD2  H N N 72  
ASP HXT  H N N 73  
CYS N    N N N 74  
CYS CA   C N R 75  
CYS C    C N N 76  
CYS O    O N N 77  
CYS CB   C N N 78  
CYS SG   S N N 79  
CYS OXT  O N N 80  
CYS H    H N N 81  
CYS H2   H N N 82  
CYS HA   H N N 83  
CYS HB2  H N N 84  
CYS HB3  H N N 85  
CYS HG   H N N 86  
CYS HXT  H N N 87  
GLN N    N N N 88  
GLN CA   C N S 89  
GLN C    C N N 90  
GLN O    O N N 91  
GLN CB   C N N 92  
GLN CG   C N N 93  
GLN CD   C N N 94  
GLN OE1  O N N 95  
GLN NE2  N N N 96  
GLN OXT  O N N 97  
GLN H    H N N 98  
GLN H2   H N N 99  
GLN HA   H N N 100 
GLN HB2  H N N 101 
GLN HB3  H N N 102 
GLN HG2  H N N 103 
GLN HG3  H N N 104 
GLN HE21 H N N 105 
GLN HE22 H N N 106 
GLN HXT  H N N 107 
GLU N    N N N 108 
GLU CA   C N S 109 
GLU C    C N N 110 
GLU O    O N N 111 
GLU CB   C N N 112 
GLU CG   C N N 113 
GLU CD   C N N 114 
GLU OE1  O N N 115 
GLU OE2  O N N 116 
GLU OXT  O N N 117 
GLU H    H N N 118 
GLU H2   H N N 119 
GLU HA   H N N 120 
GLU HB2  H N N 121 
GLU HB3  H N N 122 
GLU HG2  H N N 123 
GLU HG3  H N N 124 
GLU HE2  H N N 125 
GLU HXT  H N N 126 
GLY N    N N N 127 
GLY CA   C N N 128 
GLY C    C N N 129 
GLY O    O N N 130 
GLY OXT  O N N 131 
GLY H    H N N 132 
GLY H2   H N N 133 
GLY HA2  H N N 134 
GLY HA3  H N N 135 
GLY HXT  H N N 136 
HIS N    N N N 137 
HIS CA   C N S 138 
HIS C    C N N 139 
HIS O    O N N 140 
HIS CB   C N N 141 
HIS CG   C Y N 142 
HIS ND1  N Y N 143 
HIS CD2  C Y N 144 
HIS CE1  C Y N 145 
HIS NE2  N Y N 146 
HIS OXT  O N N 147 
HIS H    H N N 148 
HIS H2   H N N 149 
HIS HA   H N N 150 
HIS HB2  H N N 151 
HIS HB3  H N N 152 
HIS HD1  H N N 153 
HIS HD2  H N N 154 
HIS HE1  H N N 155 
HIS HE2  H N N 156 
HIS HXT  H N N 157 
ILE N    N N N 158 
ILE CA   C N S 159 
ILE C    C N N 160 
ILE O    O N N 161 
ILE CB   C N S 162 
ILE CG1  C N N 163 
ILE CG2  C N N 164 
ILE CD1  C N N 165 
ILE OXT  O N N 166 
ILE H    H N N 167 
ILE H2   H N N 168 
ILE HA   H N N 169 
ILE HB   H N N 170 
ILE HG12 H N N 171 
ILE HG13 H N N 172 
ILE HG21 H N N 173 
ILE HG22 H N N 174 
ILE HG23 H N N 175 
ILE HD11 H N N 176 
ILE HD12 H N N 177 
ILE HD13 H N N 178 
ILE HXT  H N N 179 
LEU N    N N N 180 
LEU CA   C N S 181 
LEU C    C N N 182 
LEU O    O N N 183 
LEU CB   C N N 184 
LEU CG   C N N 185 
LEU CD1  C N N 186 
LEU CD2  C N N 187 
LEU OXT  O N N 188 
LEU H    H N N 189 
LEU H2   H N N 190 
LEU HA   H N N 191 
LEU HB2  H N N 192 
LEU HB3  H N N 193 
LEU HG   H N N 194 
LEU HD11 H N N 195 
LEU HD12 H N N 196 
LEU HD13 H N N 197 
LEU HD21 H N N 198 
LEU HD22 H N N 199 
LEU HD23 H N N 200 
LEU HXT  H N N 201 
LYS N    N N N 202 
LYS CA   C N S 203 
LYS C    C N N 204 
LYS O    O N N 205 
LYS CB   C N N 206 
LYS CG   C N N 207 
LYS CD   C N N 208 
LYS CE   C N N 209 
LYS NZ   N N N 210 
LYS OXT  O N N 211 
LYS H    H N N 212 
LYS H2   H N N 213 
LYS HA   H N N 214 
LYS HB2  H N N 215 
LYS HB3  H N N 216 
LYS HG2  H N N 217 
LYS HG3  H N N 218 
LYS HD2  H N N 219 
LYS HD3  H N N 220 
LYS HE2  H N N 221 
LYS HE3  H N N 222 
LYS HZ1  H N N 223 
LYS HZ2  H N N 224 
LYS HZ3  H N N 225 
LYS HXT  H N N 226 
MET N    N N N 227 
MET CA   C N S 228 
MET C    C N N 229 
MET O    O N N 230 
MET CB   C N N 231 
MET CG   C N N 232 
MET SD   S N N 233 
MET CE   C N N 234 
MET OXT  O N N 235 
MET H    H N N 236 
MET H2   H N N 237 
MET HA   H N N 238 
MET HB2  H N N 239 
MET HB3  H N N 240 
MET HG2  H N N 241 
MET HG3  H N N 242 
MET HE1  H N N 243 
MET HE2  H N N 244 
MET HE3  H N N 245 
MET HXT  H N N 246 
PHE N    N N N 247 
PHE CA   C N S 248 
PHE C    C N N 249 
PHE O    O N N 250 
PHE CB   C N N 251 
PHE CG   C Y N 252 
PHE CD1  C Y N 253 
PHE CD2  C Y N 254 
PHE CE1  C Y N 255 
PHE CE2  C Y N 256 
PHE CZ   C Y N 257 
PHE OXT  O N N 258 
PHE H    H N N 259 
PHE H2   H N N 260 
PHE HA   H N N 261 
PHE HB2  H N N 262 
PHE HB3  H N N 263 
PHE HD1  H N N 264 
PHE HD2  H N N 265 
PHE HE1  H N N 266 
PHE HE2  H N N 267 
PHE HZ   H N N 268 
PHE HXT  H N N 269 
PRO N    N N N 270 
PRO CA   C N S 271 
PRO C    C N N 272 
PRO O    O N N 273 
PRO CB   C N N 274 
PRO CG   C N N 275 
PRO CD   C N N 276 
PRO OXT  O N N 277 
PRO H    H N N 278 
PRO HA   H N N 279 
PRO HB2  H N N 280 
PRO HB3  H N N 281 
PRO HG2  H N N 282 
PRO HG3  H N N 283 
PRO HD2  H N N 284 
PRO HD3  H N N 285 
PRO HXT  H N N 286 
SER N    N N N 287 
SER CA   C N S 288 
SER C    C N N 289 
SER O    O N N 290 
SER CB   C N N 291 
SER OG   O N N 292 
SER OXT  O N N 293 
SER H    H N N 294 
SER H2   H N N 295 
SER HA   H N N 296 
SER HB2  H N N 297 
SER HB3  H N N 298 
SER HG   H N N 299 
SER HXT  H N N 300 
THR N    N N N 301 
THR CA   C N S 302 
THR C    C N N 303 
THR O    O N N 304 
THR CB   C N R 305 
THR OG1  O N N 306 
THR CG2  C N N 307 
THR OXT  O N N 308 
THR H    H N N 309 
THR H2   H N N 310 
THR HA   H N N 311 
THR HB   H N N 312 
THR HG1  H N N 313 
THR HG21 H N N 314 
THR HG22 H N N 315 
THR HG23 H N N 316 
THR HXT  H N N 317 
TRP N    N N N 318 
TRP CA   C N S 319 
TRP C    C N N 320 
TRP O    O N N 321 
TRP CB   C N N 322 
TRP CG   C Y N 323 
TRP CD1  C Y N 324 
TRP CD2  C Y N 325 
TRP NE1  N Y N 326 
TRP CE2  C Y N 327 
TRP CE3  C Y N 328 
TRP CZ2  C Y N 329 
TRP CZ3  C Y N 330 
TRP CH2  C Y N 331 
TRP OXT  O N N 332 
TRP H    H N N 333 
TRP H2   H N N 334 
TRP HA   H N N 335 
TRP HB2  H N N 336 
TRP HB3  H N N 337 
TRP HD1  H N N 338 
TRP HE1  H N N 339 
TRP HE3  H N N 340 
TRP HZ2  H N N 341 
TRP HZ3  H N N 342 
TRP HH2  H N N 343 
TRP HXT  H N N 344 
TYR N    N N N 345 
TYR CA   C N S 346 
TYR C    C N N 347 
TYR O    O N N 348 
TYR CB   C N N 349 
TYR CG   C Y N 350 
TYR CD1  C Y N 351 
TYR CD2  C Y N 352 
TYR CE1  C Y N 353 
TYR CE2  C Y N 354 
TYR CZ   C Y N 355 
TYR OH   O N N 356 
TYR OXT  O N N 357 
TYR H    H N N 358 
TYR H2   H N N 359 
TYR HA   H N N 360 
TYR HB2  H N N 361 
TYR HB3  H N N 362 
TYR HD1  H N N 363 
TYR HD2  H N N 364 
TYR HE1  H N N 365 
TYR HE2  H N N 366 
TYR HH   H N N 367 
TYR HXT  H N N 368 
VAL N    N N N 369 
VAL CA   C N S 370 
VAL C    C N N 371 
VAL O    O N N 372 
VAL CB   C N N 373 
VAL CG1  C N N 374 
VAL CG2  C N N 375 
VAL OXT  O N N 376 
VAL H    H N N 377 
VAL H2   H N N 378 
VAL HA   H N N 379 
VAL HB   H N N 380 
VAL HG11 H N N 381 
VAL HG12 H N N 382 
VAL HG13 H N N 383 
VAL HG21 H N N 384 
VAL HG22 H N N 385 
VAL HG23 H N N 386 
VAL HXT  H N N 387 
# 
loop_
_chem_comp_bond.comp_id 
_chem_comp_bond.atom_id_1 
_chem_comp_bond.atom_id_2 
_chem_comp_bond.value_order 
_chem_comp_bond.pdbx_aromatic_flag 
_chem_comp_bond.pdbx_stereo_config 
_chem_comp_bond.pdbx_ordinal 
ALA N   CA   sing N N 1   
ALA N   H    sing N N 2   
ALA N   H2   sing N N 3   
ALA CA  C    sing N N 4   
ALA CA  CB   sing N N 5   
ALA CA  HA   sing N N 6   
ALA C   O    doub N N 7   
ALA C   OXT  sing N N 8   
ALA CB  HB1  sing N N 9   
ALA CB  HB2  sing N N 10  
ALA CB  HB3  sing N N 11  
ALA OXT HXT  sing N N 12  
ARG N   CA   sing N N 13  
ARG N   H    sing N N 14  
ARG N   H2   sing N N 15  
ARG CA  C    sing N N 16  
ARG CA  CB   sing N N 17  
ARG CA  HA   sing N N 18  
ARG C   O    doub N N 19  
ARG C   OXT  sing N N 20  
ARG CB  CG   sing N N 21  
ARG CB  HB2  sing N N 22  
ARG CB  HB3  sing N N 23  
ARG CG  CD   sing N N 24  
ARG CG  HG2  sing N N 25  
ARG CG  HG3  sing N N 26  
ARG CD  NE   sing N N 27  
ARG CD  HD2  sing N N 28  
ARG CD  HD3  sing N N 29  
ARG NE  CZ   sing N N 30  
ARG NE  HE   sing N N 31  
ARG CZ  NH1  sing N N 32  
ARG CZ  NH2  doub N N 33  
ARG NH1 HH11 sing N N 34  
ARG NH1 HH12 sing N N 35  
ARG NH2 HH21 sing N N 36  
ARG NH2 HH22 sing N N 37  
ARG OXT HXT  sing N N 38  
ASN N   CA   sing N N 39  
ASN N   H    sing N N 40  
ASN N   H2   sing N N 41  
ASN CA  C    sing N N 42  
ASN CA  CB   sing N N 43  
ASN CA  HA   sing N N 44  
ASN C   O    doub N N 45  
ASN C   OXT  sing N N 46  
ASN CB  CG   sing N N 47  
ASN CB  HB2  sing N N 48  
ASN CB  HB3  sing N N 49  
ASN CG  OD1  doub N N 50  
ASN CG  ND2  sing N N 51  
ASN ND2 HD21 sing N N 52  
ASN ND2 HD22 sing N N 53  
ASN OXT HXT  sing N N 54  
ASP N   CA   sing N N 55  
ASP N   H    sing N N 56  
ASP N   H2   sing N N 57  
ASP CA  C    sing N N 58  
ASP CA  CB   sing N N 59  
ASP CA  HA   sing N N 60  
ASP C   O    doub N N 61  
ASP C   OXT  sing N N 62  
ASP CB  CG   sing N N 63  
ASP CB  HB2  sing N N 64  
ASP CB  HB3  sing N N 65  
ASP CG  OD1  doub N N 66  
ASP CG  OD2  sing N N 67  
ASP OD2 HD2  sing N N 68  
ASP OXT HXT  sing N N 69  
CYS N   CA   sing N N 70  
CYS N   H    sing N N 71  
CYS N   H2   sing N N 72  
CYS CA  C    sing N N 73  
CYS CA  CB   sing N N 74  
CYS CA  HA   sing N N 75  
CYS C   O    doub N N 76  
CYS C   OXT  sing N N 77  
CYS CB  SG   sing N N 78  
CYS CB  HB2  sing N N 79  
CYS CB  HB3  sing N N 80  
CYS SG  HG   sing N N 81  
CYS OXT HXT  sing N N 82  
GLN N   CA   sing N N 83  
GLN N   H    sing N N 84  
GLN N   H2   sing N N 85  
GLN CA  C    sing N N 86  
GLN CA  CB   sing N N 87  
GLN CA  HA   sing N N 88  
GLN C   O    doub N N 89  
GLN C   OXT  sing N N 90  
GLN CB  CG   sing N N 91  
GLN CB  HB2  sing N N 92  
GLN CB  HB3  sing N N 93  
GLN CG  CD   sing N N 94  
GLN CG  HG2  sing N N 95  
GLN CG  HG3  sing N N 96  
GLN CD  OE1  doub N N 97  
GLN CD  NE2  sing N N 98  
GLN NE2 HE21 sing N N 99  
GLN NE2 HE22 sing N N 100 
GLN OXT HXT  sing N N 101 
GLU N   CA   sing N N 102 
GLU N   H    sing N N 103 
GLU N   H2   sing N N 104 
GLU CA  C    sing N N 105 
GLU CA  CB   sing N N 106 
GLU CA  HA   sing N N 107 
GLU C   O    doub N N 108 
GLU C   OXT  sing N N 109 
GLU CB  CG   sing N N 110 
GLU CB  HB2  sing N N 111 
GLU CB  HB3  sing N N 112 
GLU CG  CD   sing N N 113 
GLU CG  HG2  sing N N 114 
GLU CG  HG3  sing N N 115 
GLU CD  OE1  doub N N 116 
GLU CD  OE2  sing N N 117 
GLU OE2 HE2  sing N N 118 
GLU OXT HXT  sing N N 119 
GLY N   CA   sing N N 120 
GLY N   H    sing N N 121 
GLY N   H2   sing N N 122 
GLY CA  C    sing N N 123 
GLY CA  HA2  sing N N 124 
GLY CA  HA3  sing N N 125 
GLY C   O    doub N N 126 
GLY C   OXT  sing N N 127 
GLY OXT HXT  sing N N 128 
HIS N   CA   sing N N 129 
HIS N   H    sing N N 130 
HIS N   H2   sing N N 131 
HIS CA  C    sing N N 132 
HIS CA  CB   sing N N 133 
HIS CA  HA   sing N N 134 
HIS C   O    doub N N 135 
HIS C   OXT  sing N N 136 
HIS CB  CG   sing N N 137 
HIS CB  HB2  sing N N 138 
HIS CB  HB3  sing N N 139 
HIS CG  ND1  sing Y N 140 
HIS CG  CD2  doub Y N 141 
HIS ND1 CE1  doub Y N 142 
HIS ND1 HD1  sing N N 143 
HIS CD2 NE2  sing Y N 144 
HIS CD2 HD2  sing N N 145 
HIS CE1 NE2  sing Y N 146 
HIS CE1 HE1  sing N N 147 
HIS NE2 HE2  sing N N 148 
HIS OXT HXT  sing N N 149 
ILE N   CA   sing N N 150 
ILE N   H    sing N N 151 
ILE N   H2   sing N N 152 
ILE CA  C    sing N N 153 
ILE CA  CB   sing N N 154 
ILE CA  HA   sing N N 155 
ILE C   O    doub N N 156 
ILE C   OXT  sing N N 157 
ILE CB  CG1  sing N N 158 
ILE CB  CG2  sing N N 159 
ILE CB  HB   sing N N 160 
ILE CG1 CD1  sing N N 161 
ILE CG1 HG12 sing N N 162 
ILE CG1 HG13 sing N N 163 
ILE CG2 HG21 sing N N 164 
ILE CG2 HG22 sing N N 165 
ILE CG2 HG23 sing N N 166 
ILE CD1 HD11 sing N N 167 
ILE CD1 HD12 sing N N 168 
ILE CD1 HD13 sing N N 169 
ILE OXT HXT  sing N N 170 
LEU N   CA   sing N N 171 
LEU N   H    sing N N 172 
LEU N   H2   sing N N 173 
LEU CA  C    sing N N 174 
LEU CA  CB   sing N N 175 
LEU CA  HA   sing N N 176 
LEU C   O    doub N N 177 
LEU C   OXT  sing N N 178 
LEU CB  CG   sing N N 179 
LEU CB  HB2  sing N N 180 
LEU CB  HB3  sing N N 181 
LEU CG  CD1  sing N N 182 
LEU CG  CD2  sing N N 183 
LEU CG  HG   sing N N 184 
LEU CD1 HD11 sing N N 185 
LEU CD1 HD12 sing N N 186 
LEU CD1 HD13 sing N N 187 
LEU CD2 HD21 sing N N 188 
LEU CD2 HD22 sing N N 189 
LEU CD2 HD23 sing N N 190 
LEU OXT HXT  sing N N 191 
LYS N   CA   sing N N 192 
LYS N   H    sing N N 193 
LYS N   H2   sing N N 194 
LYS CA  C    sing N N 195 
LYS CA  CB   sing N N 196 
LYS CA  HA   sing N N 197 
LYS C   O    doub N N 198 
LYS C   OXT  sing N N 199 
LYS CB  CG   sing N N 200 
LYS CB  HB2  sing N N 201 
LYS CB  HB3  sing N N 202 
LYS CG  CD   sing N N 203 
LYS CG  HG2  sing N N 204 
LYS CG  HG3  sing N N 205 
LYS CD  CE   sing N N 206 
LYS CD  HD2  sing N N 207 
LYS CD  HD3  sing N N 208 
LYS CE  NZ   sing N N 209 
LYS CE  HE2  sing N N 210 
LYS CE  HE3  sing N N 211 
LYS NZ  HZ1  sing N N 212 
LYS NZ  HZ2  sing N N 213 
LYS NZ  HZ3  sing N N 214 
LYS OXT HXT  sing N N 215 
MET N   CA   sing N N 216 
MET N   H    sing N N 217 
MET N   H2   sing N N 218 
MET CA  C    sing N N 219 
MET CA  CB   sing N N 220 
MET CA  HA   sing N N 221 
MET C   O    doub N N 222 
MET C   OXT  sing N N 223 
MET CB  CG   sing N N 224 
MET CB  HB2  sing N N 225 
MET CB  HB3  sing N N 226 
MET CG  SD   sing N N 227 
MET CG  HG2  sing N N 228 
MET CG  HG3  sing N N 229 
MET SD  CE   sing N N 230 
MET CE  HE1  sing N N 231 
MET CE  HE2  sing N N 232 
MET CE  HE3  sing N N 233 
MET OXT HXT  sing N N 234 
PHE N   CA   sing N N 235 
PHE N   H    sing N N 236 
PHE N   H2   sing N N 237 
PHE CA  C    sing N N 238 
PHE CA  CB   sing N N 239 
PHE CA  HA   sing N N 240 
PHE C   O    doub N N 241 
PHE C   OXT  sing N N 242 
PHE CB  CG   sing N N 243 
PHE CB  HB2  sing N N 244 
PHE CB  HB3  sing N N 245 
PHE CG  CD1  doub Y N 246 
PHE CG  CD2  sing Y N 247 
PHE CD1 CE1  sing Y N 248 
PHE CD1 HD1  sing N N 249 
PHE CD2 CE2  doub Y N 250 
PHE CD2 HD2  sing N N 251 
PHE CE1 CZ   doub Y N 252 
PHE CE1 HE1  sing N N 253 
PHE CE2 CZ   sing Y N 254 
PHE CE2 HE2  sing N N 255 
PHE CZ  HZ   sing N N 256 
PHE OXT HXT  sing N N 257 
PRO N   CA   sing N N 258 
PRO N   CD   sing N N 259 
PRO N   H    sing N N 260 
PRO CA  C    sing N N 261 
PRO CA  CB   sing N N 262 
PRO CA  HA   sing N N 263 
PRO C   O    doub N N 264 
PRO C   OXT  sing N N 265 
PRO CB  CG   sing N N 266 
PRO CB  HB2  sing N N 267 
PRO CB  HB3  sing N N 268 
PRO CG  CD   sing N N 269 
PRO CG  HG2  sing N N 270 
PRO CG  HG3  sing N N 271 
PRO CD  HD2  sing N N 272 
PRO CD  HD3  sing N N 273 
PRO OXT HXT  sing N N 274 
SER N   CA   sing N N 275 
SER N   H    sing N N 276 
SER N   H2   sing N N 277 
SER CA  C    sing N N 278 
SER CA  CB   sing N N 279 
SER CA  HA   sing N N 280 
SER C   O    doub N N 281 
SER C   OXT  sing N N 282 
SER CB  OG   sing N N 283 
SER CB  HB2  sing N N 284 
SER CB  HB3  sing N N 285 
SER OG  HG   sing N N 286 
SER OXT HXT  sing N N 287 
THR N   CA   sing N N 288 
THR N   H    sing N N 289 
THR N   H2   sing N N 290 
THR CA  C    sing N N 291 
THR CA  CB   sing N N 292 
THR CA  HA   sing N N 293 
THR C   O    doub N N 294 
THR C   OXT  sing N N 295 
THR CB  OG1  sing N N 296 
THR CB  CG2  sing N N 297 
THR CB  HB   sing N N 298 
THR OG1 HG1  sing N N 299 
THR CG2 HG21 sing N N 300 
THR CG2 HG22 sing N N 301 
THR CG2 HG23 sing N N 302 
THR OXT HXT  sing N N 303 
TRP N   CA   sing N N 304 
TRP N   H    sing N N 305 
TRP N   H2   sing N N 306 
TRP CA  C    sing N N 307 
TRP CA  CB   sing N N 308 
TRP CA  HA   sing N N 309 
TRP C   O    doub N N 310 
TRP C   OXT  sing N N 311 
TRP CB  CG   sing N N 312 
TRP CB  HB2  sing N N 313 
TRP CB  HB3  sing N N 314 
TRP CG  CD1  doub Y N 315 
TRP CG  CD2  sing Y N 316 
TRP CD1 NE1  sing Y N 317 
TRP CD1 HD1  sing N N 318 
TRP CD2 CE2  doub Y N 319 
TRP CD2 CE3  sing Y N 320 
TRP NE1 CE2  sing Y N 321 
TRP NE1 HE1  sing N N 322 
TRP CE2 CZ2  sing Y N 323 
TRP CE3 CZ3  doub Y N 324 
TRP CE3 HE3  sing N N 325 
TRP CZ2 CH2  doub Y N 326 
TRP CZ2 HZ2  sing N N 327 
TRP CZ3 CH2  sing Y N 328 
TRP CZ3 HZ3  sing N N 329 
TRP CH2 HH2  sing N N 330 
TRP OXT HXT  sing N N 331 
TYR N   CA   sing N N 332 
TYR N   H    sing N N 333 
TYR N   H2   sing N N 334 
TYR CA  C    sing N N 335 
TYR CA  CB   sing N N 336 
TYR CA  HA   sing N N 337 
TYR C   O    doub N N 338 
TYR C   OXT  sing N N 339 
TYR CB  CG   sing N N 340 
TYR CB  HB2  sing N N 341 
TYR CB  HB3  sing N N 342 
TYR CG  CD1  doub Y N 343 
TYR CG  CD2  sing Y N 344 
TYR CD1 CE1  sing Y N 345 
TYR CD1 HD1  sing N N 346 
TYR CD2 CE2  doub Y N 347 
TYR CD2 HD2  sing N N 348 
TYR CE1 CZ   doub Y N 349 
TYR CE1 HE1  sing N N 350 
TYR CE2 CZ   sing Y N 351 
TYR CE2 HE2  sing N N 352 
TYR CZ  OH   sing N N 353 
TYR OH  HH   sing N N 354 
TYR OXT HXT  sing N N 355 
VAL N   CA   sing N N 356 
VAL N   H    sing N N 357 
VAL N   H2   sing N N 358 
VAL CA  C    sing N N 359 
VAL CA  CB   sing N N 360 
VAL CA  HA   sing N N 361 
VAL C   O    doub N N 362 
VAL C   OXT  sing N N 363 
VAL CB  CG1  sing N N 364 
VAL CB  CG2  sing N N 365 
VAL CB  HB   sing N N 366 
VAL CG1 HG11 sing N N 367 
VAL CG1 HG12 sing N N 368 
VAL CG1 HG13 sing N N 369 
VAL CG2 HG21 sing N N 370 
VAL CG2 HG22 sing N N 371 
VAL CG2 HG23 sing N N 372 
VAL OXT HXT  sing N N 373 
# 
_em_3d_crystal_entity.id                    1 
_em_3d_crystal_entity.image_processing_id   1 
_em_3d_crystal_entity.angle_alpha           90 
_em_3d_crystal_entity.angle_beta            90 
_em_3d_crystal_entity.angle_gamma           90 
_em_3d_crystal_entity.length_a              41.5298 
_em_3d_crystal_entity.length_b              71.3297 
_em_3d_crystal_entity.length_c              79.5082 
_em_3d_crystal_entity.space_group_name      'P 21 21 21' 
_em_3d_crystal_entity.space_group_num       19 
# 
_em_admin.entry_id           5TY4 
_em_admin.current_status     REL 
_em_admin.deposition_date    2016-11-18 
_em_admin.deposition_site    RCSB 
_em_admin.last_update        2024-11-06 
_em_admin.map_release_date   2016-06-22 
_em_admin.title              'MicroED structure of a complex between monomeric TGF-b and its receptor, TbRII, at 2.9 A resolution' 
# 
_em_buffer_component.buffer_id             1 
_em_buffer_component.id                    1 
_em_buffer_component.concentration         100 
_em_buffer_component.concentration_units   mM 
_em_buffer_component.formula               ? 
_em_buffer_component.name                  HEPES 
# 
_em_ctf_correction.id                       1 
_em_ctf_correction.em_image_processing_id   1 
_em_ctf_correction.type                     NONE 
_em_ctf_correction.details                  ? 
# 
_em_diffraction.id                1 
_em_diffraction.camera_length     2000 
_em_diffraction.imaging_id        1 
_em_diffraction.tilt_angle_list   ? 
# 
_em_diffraction_shell.id                        1 
_em_diffraction_shell.em_diffraction_stats_id   1 
_em_diffraction_shell.fourier_space_coverage    69.1 
_em_diffraction_shell.high_resolution           2.90 
_em_diffraction_shell.low_resolution            3.65 
_em_diffraction_shell.multiplicity              3.9 
_em_diffraction_shell.num_structure_factors     1884 
_em_diffraction_shell.phase_residual            46.4 
# 
_em_diffraction_stats.id                               1 
_em_diffraction_stats.details                          ? 
_em_diffraction_stats.image_processing_id              1 
_em_diffraction_stats.fourier_space_coverage           71.9 
_em_diffraction_stats.high_resolution                  2.90 
_em_diffraction_stats.num_intensities_measured         14911 
_em_diffraction_stats.num_structure_factors            3884 
_em_diffraction_stats.overall_phase_error              30.99 
_em_diffraction_stats.overall_phase_residual           43.53 
_em_diffraction_stats.phase_error_rejection_criteria   0 
_em_diffraction_stats.r_merge                          0.293 
_em_diffraction_stats.r_sym                            0.293 
# 
_em_entity_assembly_molwt.entity_assembly_id   1 
_em_entity_assembly_molwt.id                   1 
_em_entity_assembly_molwt.experimental_flag    NO 
_em_entity_assembly_molwt.units                MEGADALTONS 
_em_entity_assembly_molwt.value                0.019072 
# 
_em_entity_assembly_naturalsource.id                   1 
_em_entity_assembly_naturalsource.entity_assembly_id   1 
_em_entity_assembly_naturalsource.cell                 ? 
_em_entity_assembly_naturalsource.cellular_location    ? 
_em_entity_assembly_naturalsource.ncbi_tax_id          9606 
_em_entity_assembly_naturalsource.organ                ? 
_em_entity_assembly_naturalsource.organelle            ? 
_em_entity_assembly_naturalsource.organism             'Homo sapiens' 
_em_entity_assembly_naturalsource.strain               ? 
_em_entity_assembly_naturalsource.tissue               ? 
# 
_em_image_processing.id                   1 
_em_image_processing.image_recording_id   1 
_em_image_processing.details              ? 
# 
_em_image_recording.id                            1 
_em_image_recording.imaging_id                    1 
_em_image_recording.avg_electron_dose_per_image   0.004 
_em_image_recording.average_exposure_time         4.1 
_em_image_recording.details                       ? 
_em_image_recording.detector_mode                 ? 
_em_image_recording.film_or_detector_model        'TVIPS TEMCAM-F416 (4k x 4k)' 
_em_image_recording.num_diffraction_images        353 
_em_image_recording.num_grids_imaged              2 
_em_image_recording.num_real_images               353 
# 
loop_
_em_software.id 
_em_software.category 
_em_software.details 
_em_software.name 
_em_software.version 
_em_software.image_processing_id 
_em_software.fitting_id 
_em_software.imaging_id 
1  'IMAGE ACQUISITION'             ?       EM-Menu        4.0.9.75 ? ? 1 
2  MASKING                         ?       ?              ?        ? ? ? 
3  'CTF CORRECTION'                ?       ?              ?        1 ? ? 
4  'LAYERLINE INDEXING'            ?       ?              ?        ? ? ? 
5  'DIFFRACTION INDEXING'          ?       iMosflm/MOSFLM 7.2.1    ? ? ? 
6  'MODEL FITTING'                 ?       Phaser         2.6.0    ? 1 ? 
7  OTHER                           phasing MOLREP         11.4.05  ? ? ? 
8  'MODEL REFINEMENT'              ?       PHENIX         1.10     ? 1 ? 
9  'MOLECULAR REPLACEMENT'         ?       Phaser         2.6.0    1 ? ? 
10 'LATTICE DISTORTION CORRECTION' ?       ?              ?        1 ? ? 
11 'SYMMETRY DETERMINATION'        ?       POINTLESS      1.10.26  1 ? ? 
12 'CRYSTALLOGRAPHY MERGING'       ?       AIMLESS        0.5.27   1 ? ? 
13 RECONSTRUCTION                  ?       ?              ?        1 ? ? 
# 
_em_specimen.id                      1 
_em_specimen.experiment_id           1 
_em_specimen.concentration           ? 
_em_specimen.details                 ? 
_em_specimen.embedding_applied       NO 
_em_specimen.shadowing_applied       NO 
_em_specimen.staining_applied        NO 
_em_specimen.vitrification_applied   YES 
# 
_pdbx_initial_refinement_model.id               1 
_pdbx_initial_refinement_model.entity_id_list   ? 
_pdbx_initial_refinement_model.type             'experimental model' 
_pdbx_initial_refinement_model.source_name      PDB 
_pdbx_initial_refinement_model.accession_code   1KTZ 
_pdbx_initial_refinement_model.details          'PDB entry 1KTZ' 
# 
_pdbx_related_exp_data_set.ordinal              1 
_pdbx_related_exp_data_set.data_reference       10.15785/SBGRID/368 
_pdbx_related_exp_data_set.metadata_reference   ? 
_pdbx_related_exp_data_set.data_set_type        'diffraction image data' 
_pdbx_related_exp_data_set.details              ? 
# 
_atom_sites.entry_id                    5TY4 
_atom_sites.fract_transf_matrix[1][1]   -0.00341171 
_atom_sites.fract_transf_matrix[1][2]   -0.01665903 
_atom_sites.fract_transf_matrix[1][3]   0.01704802 
_atom_sites.fract_transf_matrix[2][1]   -0.00733832 
_atom_sites.fract_transf_matrix[2][2]   -0.00777607 
_atom_sites.fract_transf_matrix[2][3]   -0.00906721 
_atom_sites.fract_transf_matrix[3][1]   0.01056707 
_atom_sites.fract_transf_matrix[3][2]   -0.00581371 
_atom_sites.fract_transf_matrix[3][3]   -0.00356634 
_atom_sites.fract_transf_vector[1]      -0.155838 
_atom_sites.fract_transf_vector[2]      0.161436 
_atom_sites.fract_transf_vector[3]      -0.118958 
# 
loop_
_atom_type.symbol 
C 
N 
O 
S 
# 
loop_
_atom_site.group_PDB 
_atom_site.id 
_atom_site.type_symbol 
_atom_site.label_atom_id 
_atom_site.label_alt_id 
_atom_site.label_comp_id 
_atom_site.label_asym_id 
_atom_site.label_entity_id 
_atom_site.label_seq_id 
_atom_site.pdbx_PDB_ins_code 
_atom_site.Cartn_x 
_atom_site.Cartn_y 
_atom_site.Cartn_z 
_atom_site.occupancy 
_atom_site.B_iso_or_equiv 
_atom_site.pdbx_formal_charge 
_atom_site.auth_seq_id 
_atom_site.auth_comp_id 
_atom_site.auth_asym_id 
_atom_site.auth_atom_id 
_atom_site.pdbx_PDB_model_num 
ATOM 1    N N   . PHE A 1 1   ? 1.187   -9.325  12.669  1.00 55.02  ? 47  PHE A N   1 
ATOM 2    C CA  . PHE A 1 1   ? 0.991   -9.334  11.224  1.00 58.07  ? 47  PHE A CA  1 
ATOM 3    C C   . PHE A 1 1   ? 1.513   -8.060  10.574  1.00 50.81  ? 47  PHE A C   1 
ATOM 4    O O   . PHE A 1 1   ? 1.296   -6.961  11.084  1.00 50.47  ? 47  PHE A O   1 
ATOM 5    C CB  . PHE A 1 1   ? -0.487  -9.531  10.888  1.00 65.02  ? 47  PHE A CB  1 
ATOM 6    C CG  . PHE A 1 1   ? -0.860  -10.964 10.637  1.00 69.12  ? 47  PHE A CG  1 
ATOM 7    C CD1 . PHE A 1 1   ? 0.030   -11.821 10.009  1.00 69.03  ? 47  PHE A CD1 1 
ATOM 8    C CD2 . PHE A 1 1   ? -2.093  -11.457 11.033  1.00 66.23  ? 47  PHE A CD2 1 
ATOM 9    C CE1 . PHE A 1 1   ? -0.304  -13.139 9.774   1.00 60.90  ? 47  PHE A CE1 1 
ATOM 10   C CE2 . PHE A 1 1   ? -2.433  -12.778 10.803  1.00 62.13  ? 47  PHE A CE2 1 
ATOM 11   C CZ  . PHE A 1 1   ? -1.537  -13.619 10.173  1.00 56.63  ? 47  PHE A CZ  1 
ATOM 12   N N   . PRO A 1 2   ? 2.195   -8.207  9.440   1.00 44.79  ? 48  PRO A N   1 
ATOM 13   C CA  . PRO A 1 2   ? 2.841   -7.050  8.819   1.00 44.76  ? 48  PRO A CA  1 
ATOM 14   C C   . PRO A 1 2   ? 1.827   -6.100  8.212   1.00 48.38  ? 48  PRO A C   1 
ATOM 15   O O   . PRO A 1 2   ? 0.769   -6.500  7.721   1.00 52.43  ? 48  PRO A O   1 
ATOM 16   C CB  . PRO A 1 2   ? 3.725   -7.678  7.739   1.00 43.56  ? 48  PRO A CB  1 
ATOM 17   C CG  . PRO A 1 2   ? 2.975   -8.898  7.344   1.00 46.04  ? 48  PRO A CG  1 
ATOM 18   C CD  . PRO A 1 2   ? 2.338   -9.419  8.614   1.00 44.71  ? 48  PRO A CD  1 
ATOM 19   N N   . GLN A 1 3   ? 2.173   -4.823  8.256   1.00 45.24  ? 49  GLN A N   1 
ATOM 20   C CA  . GLN A 1 3   ? 1.327   -3.781  7.712   1.00 35.84  ? 49  GLN A CA  1 
ATOM 21   C C   . GLN A 1 3   ? 1.593   -3.600  6.223   1.00 34.80  ? 49  GLN A C   1 
ATOM 22   O O   . GLN A 1 3   ? 2.621   -4.026  5.691   1.00 35.50  ? 49  GLN A O   1 
ATOM 23   C CB  . GLN A 1 3   ? 1.581   -2.463  8.447   1.00 27.92  ? 49  GLN A CB  1 
ATOM 24   C CG  . GLN A 1 3   ? 0.383   -1.544  8.554   1.00 24.86  ? 49  GLN A CG  1 
ATOM 25   C CD  . GLN A 1 3   ? 0.502   -0.610  9.733   1.00 26.83  ? 49  GLN A CD  1 
ATOM 26   O OE1 . GLN A 1 3   ? 1.474   0.135   9.856   1.00 25.90  ? 49  GLN A OE1 1 
ATOM 27   N NE2 . GLN A 1 3   ? -0.484  -0.654  10.620  1.00 31.17  ? 49  GLN A NE2 1 
ATOM 28   N N   . LEU A 1 4   ? 0.636   -2.982  5.549   1.00 39.95  ? 50  LEU A N   1 
ATOM 29   C CA  . LEU A 1 4   ? 0.876   -2.304  4.284   1.00 44.25  ? 50  LEU A CA  1 
ATOM 30   C C   . LEU A 1 4   ? 0.878   -0.821  4.613   1.00 40.18  ? 50  LEU A C   1 
ATOM 31   O O   . LEU A 1 4   ? -0.170  -0.264  4.931   1.00 39.21  ? 50  LEU A O   1 
ATOM 32   C CB  . LEU A 1 4   ? -0.210  -2.603  3.247   1.00 51.09  ? 50  LEU A CB  1 
ATOM 33   C CG  . LEU A 1 4   ? -0.618  -4.001  2.780   1.00 49.40  ? 50  LEU A CG  1 
ATOM 34   C CD1 . LEU A 1 4   ? -2.133  -4.112  2.753   1.00 42.48  ? 50  LEU A CD1 1 
ATOM 35   C CD2 . LEU A 1 4   ? -0.072  -4.274  1.401   1.00 53.92  ? 50  LEU A CD2 1 
ATOM 36   N N   . CYS A 1 5   ? 2.037   -0.185  4.579   1.00 36.39  ? 51  CYS A N   1 
ATOM 37   C CA  . CYS A 1 5   ? 2.081   1.272   4.618   1.00 31.51  ? 51  CYS A CA  1 
ATOM 38   C C   . CYS A 1 5   ? 3.077   1.730   3.550   1.00 38.44  ? 51  CYS A C   1 
ATOM 39   O O   . CYS A 1 5   ? 4.160   1.146   3.416   1.00 46.26  ? 51  CYS A O   1 
ATOM 40   C CB  . CYS A 1 5   ? 2.366   1.785   6.062   1.00 19.92  ? 51  CYS A CB  1 
ATOM 41   S SG  . CYS A 1 5   ? 0.882   2.651   6.981   1.00 19.10  ? 51  CYS A SG  1 
ATOM 42   N N   . LYS A 1 6   ? 2.650   2.719   2.741   1.00 37.32  ? 52  LYS A N   1 
ATOM 43   C CA  . LYS A 1 6   ? 3.168   2.936   1.382   1.00 32.96  ? 52  LYS A CA  1 
ATOM 44   C C   . LYS A 1 6   ? 4.680   3.109   1.336   1.00 25.30  ? 52  LYS A C   1 
ATOM 45   O O   . LYS A 1 6   ? 5.264   3.847   2.135   1.00 31.41  ? 52  LYS A O   1 
ATOM 46   C CB  . LYS A 1 6   ? 2.507   4.169   0.743   1.00 32.35  ? 52  LYS A CB  1 
ATOM 47   C CG  . LYS A 1 6   ? 1.351   3.874   -0.200  1.00 40.39  ? 52  LYS A CG  1 
ATOM 48   C CD  . LYS A 1 6   ? 0.823   5.033   -1.016  1.00 39.40  ? 52  LYS A CD  1 
ATOM 49   C CE  . LYS A 1 6   ? -0.557  4.793   -1.556  1.00 36.82  ? 52  LYS A CE  1 
ATOM 50   N NZ  . LYS A 1 6   ? -0.998  3.376   -1.611  1.00 38.36  ? 52  LYS A NZ  1 
ATOM 51   N N   . PHE A 1 7   ? 5.317   2.453   0.368   1.00 29.25  ? 53  PHE A N   1 
ATOM 52   C CA  . PHE A 1 7   ? 6.767   2.569   0.290   1.00 33.71  ? 53  PHE A CA  1 
ATOM 53   C C   . PHE A 1 7   ? 7.273   3.260   -0.976  1.00 41.39  ? 53  PHE A C   1 
ATOM 54   O O   . PHE A 1 7   ? 8.270   2.827   -1.559  1.00 37.95  ? 53  PHE A O   1 
ATOM 55   C CB  . PHE A 1 7   ? 7.409   1.189   0.427   1.00 42.82  ? 53  PHE A CB  1 
ATOM 56   C CG  . PHE A 1 7   ? 8.621   1.185   1.310   1.00 40.33  ? 53  PHE A CG  1 
ATOM 57   C CD1 . PHE A 1 7   ? 9.643   2.098   1.104   1.00 44.00  ? 53  PHE A CD1 1 
ATOM 58   C CD2 . PHE A 1 7   ? 8.727   0.299   2.366   1.00 38.04  ? 53  PHE A CD2 1 
ATOM 59   C CE1 . PHE A 1 7   ? 10.754  2.108   1.917   1.00 38.67  ? 53  PHE A CE1 1 
ATOM 60   C CE2 . PHE A 1 7   ? 9.838   0.307   3.186   1.00 36.57  ? 53  PHE A CE2 1 
ATOM 61   C CZ  . PHE A 1 7   ? 10.852  1.215   2.962   1.00 38.90  ? 53  PHE A CZ  1 
ATOM 62   N N   . CYS A 1 8   ? 6.667   4.377   -1.376  1.00 55.80  ? 54  CYS A N   1 
ATOM 63   C CA  . CYS A 1 8   ? 7.065   5.029   -2.617  1.00 59.52  ? 54  CYS A CA  1 
ATOM 64   C C   . CYS A 1 8   ? 8.259   5.962   -2.475  1.00 59.23  ? 54  CYS A C   1 
ATOM 65   O O   . CYS A 1 8   ? 8.536   6.720   -3.408  1.00 61.64  ? 54  CYS A O   1 
ATOM 66   C CB  . CYS A 1 8   ? 5.906   5.805   -3.210  1.00 61.92  ? 54  CYS A CB  1 
ATOM 67   S SG  . CYS A 1 8   ? 5.022   4.931   -4.463  1.00 63.27  ? 54  CYS A SG  1 
ATOM 68   N N   . ASP A 1 9   ? 8.957   5.943   -1.340  1.00 40.55  ? 55  ASP A N   1 
ATOM 69   C CA  . ASP A 1 9   ? 10.231  6.646   -1.230  1.00 31.92  ? 55  ASP A CA  1 
ATOM 70   C C   . ASP A 1 9   ? 10.078  8.146   -1.449  1.00 29.44  ? 55  ASP A C   1 
ATOM 71   O O   . ASP A 1 9   ? 9.006   8.711   -1.210  1.00 19.17  ? 55  ASP A O   1 
ATOM 72   C CB  . ASP A 1 9   ? 11.227  6.071   -2.239  1.00 43.58  ? 55  ASP A CB  1 
ATOM 73   C CG  . ASP A 1 9   ? 12.066  4.961   -1.658  1.00 51.09  ? 55  ASP A CG  1 
ATOM 74   O OD1 . ASP A 1 9   ? 12.487  5.088   -0.490  1.00 56.34  ? 55  ASP A OD1 1 
ATOM 75   O OD2 . ASP A 1 9   ? 12.285  3.956   -2.363  1.00 55.41  ? 55  ASP A OD2 1 
ATOM 76   N N   . VAL A 1 10  ? 11.140  8.787   -1.930  1.00 35.86  ? 56  VAL A N   1 
ATOM 77   C CA  . VAL A 1 10  ? 11.143  10.224  -2.181  1.00 36.26  ? 56  VAL A CA  1 
ATOM 78   C C   . VAL A 1 10  ? 10.502  10.505  -3.534  1.00 33.45  ? 56  VAL A C   1 
ATOM 79   O O   . VAL A 1 10  ? 10.801  9.834   -4.529  1.00 30.85  ? 56  VAL A O   1 
ATOM 80   C CB  . VAL A 1 10  ? 12.575  10.775  -2.119  1.00 27.32  ? 56  VAL A CB  1 
ATOM 81   C CG1 . VAL A 1 10  ? 13.022  10.908  -0.681  1.00 25.43  ? 56  VAL A CG1 1 
ATOM 82   C CG2 . VAL A 1 10  ? 13.516  9.849   -2.869  1.00 30.29  ? 56  VAL A CG2 1 
ATOM 83   N N   . ARG A 1 11  ? 9.617   11.501  -3.573  1.00 32.92  ? 57  ARG A N   1 
ATOM 84   C CA  . ARG A 1 11  ? 8.920   11.882  -4.792  1.00 34.89  ? 57  ARG A CA  1 
ATOM 85   C C   . ARG A 1 11  ? 8.667   13.381  -4.772  1.00 34.57  ? 57  ARG A C   1 
ATOM 86   O O   . ARG A 1 11  ? 8.509   13.982  -3.706  1.00 44.69  ? 57  ARG A O   1 
ATOM 87   C CB  . ARG A 1 11  ? 7.588   11.136  -4.945  1.00 40.36  ? 57  ARG A CB  1 
ATOM 88   C CG  . ARG A 1 11  ? 7.724   9.675   -5.321  1.00 41.13  ? 57  ARG A CG  1 
ATOM 89   C CD  . ARG A 1 11  ? 8.432   9.521   -6.655  1.00 41.66  ? 57  ARG A CD  1 
ATOM 90   N NE  . ARG A 1 11  ? 8.713   8.122   -6.955  1.00 39.26  ? 57  ARG A NE  1 
ATOM 91   C CZ  . ARG A 1 11  ? 7.812   7.257   -7.411  1.00 37.24  ? 57  ARG A CZ  1 
ATOM 92   N NH1 . ARG A 1 11  ? 6.561   7.645   -7.629  1.00 39.76  ? 57  ARG A NH1 1 
ATOM 93   N NH2 . ARG A 1 11  ? 8.165   6.003   -7.652  1.00 37.17  ? 57  ARG A NH2 1 
ATOM 94   N N   . PHE A 1 12  ? 8.628   13.978  -5.962  1.00 31.52  ? 58  PHE A N   1 
ATOM 95   C CA  . PHE A 1 12  ? 8.285   15.387  -6.091  1.00 29.12  ? 58  PHE A CA  1 
ATOM 96   C C   . PHE A 1 12  ? 6.769   15.545  -6.071  1.00 32.48  ? 58  PHE A C   1 
ATOM 97   O O   . PHE A 1 12  ? 6.054   14.847  -6.797  1.00 35.63  ? 58  PHE A O   1 
ATOM 98   C CB  . PHE A 1 12  ? 8.878   15.969  -7.374  1.00 33.77  ? 58  PHE A CB  1 
ATOM 99   C CG  . PHE A 1 12  ? 10.374  15.821  -7.475  1.00 37.29  ? 58  PHE A CG  1 
ATOM 100  C CD1 . PHE A 1 12  ? 11.213  16.518  -6.618  1.00 38.64  ? 58  PHE A CD1 1 
ATOM 101  C CD2 . PHE A 1 12  ? 10.941  14.988  -8.426  1.00 37.73  ? 58  PHE A CD2 1 
ATOM 102  C CE1 . PHE A 1 12  ? 12.588  16.385  -6.707  1.00 38.95  ? 58  PHE A CE1 1 
ATOM 103  C CE2 . PHE A 1 12  ? 12.316  14.852  -8.519  1.00 38.21  ? 58  PHE A CE2 1 
ATOM 104  C CZ  . PHE A 1 12  ? 13.140  15.552  -7.658  1.00 38.63  ? 58  PHE A CZ  1 
ATOM 105  N N   . SER A 1 13  ? 6.281   16.464  -5.238  1.00 34.05  ? 59  SER A N   1 
ATOM 106  C CA  . SER A 1 13  ? 4.869   16.528  -4.889  1.00 44.55  ? 59  SER A CA  1 
ATOM 107  C C   . SER A 1 13  ? 4.255   17.851  -5.325  1.00 52.00  ? 59  SER A C   1 
ATOM 108  O O   . SER A 1 13  ? 4.914   18.896  -5.326  1.00 55.64  ? 59  SER A O   1 
ATOM 109  C CB  . SER A 1 13  ? 4.672   16.343  -3.374  1.00 49.51  ? 59  SER A CB  1 
ATOM 110  O OG  . SER A 1 13  ? 3.360   15.906  -3.068  1.00 51.49  ? 59  SER A OG  1 
ATOM 111  N N   . THR A 1 14  ? 2.973   17.793  -5.693  1.00 53.98  ? 60  THR A N   1 
ATOM 112  C CA  . THR A 1 14  ? 2.166   18.995  -5.867  1.00 56.47  ? 60  THR A CA  1 
ATOM 113  C C   . THR A 1 14  ? 1.549   19.473  -4.558  1.00 57.35  ? 60  THR A C   1 
ATOM 114  O O   . THR A 1 14  ? 0.857   20.495  -4.560  1.00 58.21  ? 60  THR A O   1 
ATOM 115  C CB  . THR A 1 14  ? 1.059   18.756  -6.901  1.00 48.48  ? 60  THR A CB  1 
ATOM 116  O OG1 . THR A 1 14  ? 0.306   19.962  -7.085  1.00 46.87  ? 60  THR A OG1 1 
ATOM 117  C CG2 . THR A 1 14  ? 0.122   17.650  -6.428  1.00 45.11  ? 60  THR A CG2 1 
ATOM 118  N N   . CYS A 1 15  ? 1.767   18.750  -3.461  1.00 53.33  ? 61  CYS A N   1 
ATOM 119  C CA  . CYS A 1 15  ? 1.338   19.187  -2.139  1.00 63.92  ? 61  CYS A CA  1 
ATOM 120  C C   . CYS A 1 15  ? 1.786   20.618  -1.872  1.00 71.02  ? 61  CYS A C   1 
ATOM 121  O O   . CYS A 1 15  ? 2.936   20.981  -2.140  1.00 71.85  ? 61  CYS A O   1 
ATOM 122  C CB  . CYS A 1 15  ? 1.918   18.248  -1.077  1.00 70.57  ? 61  CYS A CB  1 
ATOM 123  S SG  . CYS A 1 15  ? 0.982   18.077  0.472   1.00 74.11  ? 61  CYS A SG  1 
ATOM 124  N N   . ASP A 1 16  ? 0.875   21.427  -1.328  1.00 76.26  ? 62  ASP A N   1 
ATOM 125  C CA  . ASP A 1 16  ? 1.161   22.824  -1.015  1.00 80.82  ? 62  ASP A CA  1 
ATOM 126  C C   . ASP A 1 16  ? 0.379   23.304  0.204   1.00 83.31  ? 62  ASP A C   1 
ATOM 127  O O   . ASP A 1 16  ? 0.608   22.818  1.316   1.00 83.89  ? 62  ASP A O   1 
ATOM 128  C CB  . ASP A 1 16  ? 0.864   23.725  -2.221  1.00 81.74  ? 62  ASP A CB  1 
ATOM 129  C CG  . ASP A 1 16  ? 2.124   24.144  -2.965  1.00 78.14  ? 62  ASP A CG  1 
ATOM 130  O OD1 . ASP A 1 16  ? 3.196   23.565  -2.709  1.00 75.98  ? 62  ASP A OD1 1 
ATOM 131  O OD2 . ASP A 1 16  ? 2.036   25.067  -3.801  1.00 78.81  ? 62  ASP A OD2 1 
ATOM 132  N N   . ASN A 1 17  ? -0.551  24.242  0.010   1.00 83.61  ? 63  ASN A N   1 
ATOM 133  C CA  . ASN A 1 17  ? -1.184  24.959  1.114   1.00 82.67  ? 63  ASN A CA  1 
ATOM 134  C C   . ASN A 1 17  ? -2.472  24.318  1.620   1.00 85.56  ? 63  ASN A C   1 
ATOM 135  O O   . ASN A 1 17  ? -3.051  24.822  2.590   1.00 88.29  ? 63  ASN A O   1 
ATOM 136  C CB  . ASN A 1 17  ? -1.478  26.407  0.706   1.00 85.24  ? 63  ASN A CB  1 
ATOM 137  C CG  . ASN A 1 17  ? -0.229  27.259  0.630   1.00 90.86  ? 63  ASN A CG  1 
ATOM 138  O OD1 . ASN A 1 17  ? 0.889   26.752  0.725   1.00 94.36  ? 63  ASN A OD1 1 
ATOM 139  N ND2 . ASN A 1 17  ? -0.413  28.562  0.461   1.00 92.18  ? 63  ASN A ND2 1 
ATOM 140  N N   . GLN A 1 18  ? -2.940  23.238  1.005   1.00 83.53  ? 64  GLN A N   1 
ATOM 141  C CA  . GLN A 1 18  ? -4.197  22.634  1.422   1.00 83.75  ? 64  GLN A CA  1 
ATOM 142  C C   . GLN A 1 18  ? -4.011  21.845  2.714   1.00 85.39  ? 64  GLN A C   1 
ATOM 143  O O   . GLN A 1 18  ? -2.941  21.288  2.979   1.00 84.18  ? 64  GLN A O   1 
ATOM 144  C CB  . GLN A 1 18  ? -4.756  21.736  0.315   1.00 81.79  ? 64  GLN A CB  1 
ATOM 145  C CG  . GLN A 1 18  ? -6.025  20.963  0.675   1.00 82.48  ? 64  GLN A CG  1 
ATOM 146  C CD  . GLN A 1 18  ? -7.272  21.835  0.745   1.00 82.26  ? 64  GLN A CD  1 
ATOM 147  O OE1 . GLN A 1 18  ? -7.199  23.063  0.679   1.00 83.36  ? 64  GLN A OE1 1 
ATOM 148  N NE2 . GLN A 1 18  ? -8.428  21.195  0.885   1.00 84.09  ? 64  GLN A NE2 1 
ATOM 149  N N   . LYS A 1 19  ? -5.074  21.822  3.529   1.00 86.12  ? 65  LYS A N   1 
ATOM 150  C CA  . LYS A 1 19  ? -5.043  21.131  4.815   1.00 88.07  ? 65  LYS A CA  1 
ATOM 151  C C   . LYS A 1 19  ? -4.579  19.686  4.677   1.00 85.54  ? 65  LYS A C   1 
ATOM 152  O O   . LYS A 1 19  ? -3.856  19.173  5.537   1.00 81.15  ? 65  LYS A O   1 
ATOM 153  C CB  . LYS A 1 19  ? -6.431  21.184  5.460   1.00 90.81  ? 65  LYS A CB  1 
ATOM 154  C CG  . LYS A 1 19  ? -6.699  20.070  6.462   1.00 88.47  ? 65  LYS A CG  1 
ATOM 155  C CD  . LYS A 1 19  ? -8.189  19.816  6.634   1.00 87.82  ? 65  LYS A CD  1 
ATOM 156  C CE  . LYS A 1 19  ? -8.720  20.436  7.915   1.00 87.09  ? 65  LYS A CE  1 
ATOM 157  N NZ  . LYS A 1 19  ? -10.101 19.971  8.220   1.00 81.70  ? 65  LYS A NZ  1 
ATOM 158  N N   . SER A 1 20  ? -4.976  19.016  3.595   1.00 88.24  ? 66  SER A N   1 
ATOM 159  C CA  . SER A 1 20  ? -4.644  17.613  3.400   1.00 89.15  ? 66  SER A CA  1 
ATOM 160  C C   . SER A 1 20  ? -4.352  17.343  1.929   1.00 86.68  ? 66  SER A C   1 
ATOM 161  O O   . SER A 1 20  ? -5.098  17.792  1.054   1.00 88.69  ? 66  SER A O   1 
ATOM 162  C CB  . SER A 1 20  ? -5.785  16.708  3.899   1.00 90.93  ? 66  SER A CB  1 
ATOM 163  O OG  . SER A 1 20  ? -6.613  16.268  2.838   1.00 89.99  ? 66  SER A OG  1 
ATOM 164  N N   . CYS A 1 21  ? -3.260  16.622  1.659   1.00 78.01  ? 67  CYS A N   1 
ATOM 165  C CA  . CYS A 1 21  ? -2.931  16.189  0.305   1.00 78.24  ? 67  CYS A CA  1 
ATOM 166  C C   . CYS A 1 21  ? -2.712  14.683  0.298   1.00 76.24  ? 67  CYS A C   1 
ATOM 167  O O   . CYS A 1 21  ? -2.346  14.081  1.310   1.00 83.43  ? 67  CYS A O   1 
ATOM 168  C CB  . CYS A 1 21  ? -1.684  16.890  -0.269  1.00 83.11  ? 67  CYS A CB  1 
ATOM 169  S SG  . CYS A 1 21  ? -0.062  16.333  0.318   1.00 91.33  ? 67  CYS A SG  1 
ATOM 170  N N   . MET A 1 22  ? -2.953  14.073  -0.858  1.00 67.50  ? 68  MET A N   1 
ATOM 171  C CA  . MET A 1 22  ? -2.815  12.632  -1.009  1.00 53.92  ? 68  MET A CA  1 
ATOM 172  C C   . MET A 1 22  ? -1.442  12.285  -1.566  1.00 41.11  ? 68  MET A C   1 
ATOM 173  O O   . MET A 1 22  ? -0.974  12.915  -2.521  1.00 34.70  ? 68  MET A O   1 
ATOM 174  C CB  . MET A 1 22  ? -3.897  12.053  -1.924  1.00 44.55  ? 68  MET A CB  1 
ATOM 175  C CG  . MET A 1 22  ? -5.213  11.721  -1.234  1.00 48.55  ? 68  MET A CG  1 
ATOM 176  S SD  . MET A 1 22  ? -6.113  10.404  -2.086  1.00 57.17  ? 68  MET A SD  1 
ATOM 177  C CE  . MET A 1 22  ? -7.116  11.344  -3.239  1.00 64.10  ? 68  MET A CE  1 
ATOM 178  N N   . SER A 1 23  ? -0.805  11.289  -0.962  1.00 51.41  ? 69  SER A N   1 
ATOM 179  C CA  . SER A 1 23  ? 0.296   10.606  -1.622  1.00 53.69  ? 69  SER A CA  1 
ATOM 180  C C   . SER A 1 23  ? -0.178  10.079  -2.965  1.00 55.99  ? 69  SER A C   1 
ATOM 181  O O   . SER A 1 23  ? -1.065  9.222   -3.028  1.00 61.79  ? 69  SER A O   1 
ATOM 182  C CB  . SER A 1 23  ? 0.804   9.458   -0.748  1.00 55.78  ? 69  SER A CB  1 
ATOM 183  O OG  . SER A 1 23  ? 1.495   8.497   -1.523  1.00 57.83  ? 69  SER A OG  1 
ATOM 184  N N   . ASN A 1 24  ? 0.385   10.612  -4.046  1.00 61.38  ? 70  ASN A N   1 
ATOM 185  C CA  . ASN A 1 24  ? 0.019   10.143  -5.375  1.00 61.47  ? 70  ASN A CA  1 
ATOM 186  C C   . ASN A 1 24  ? 0.793   8.902   -5.774  1.00 57.64  ? 70  ASN A C   1 
ATOM 187  O O   . ASN A 1 24  ? 0.976   8.633   -6.968  1.00 60.87  ? 70  ASN A O   1 
ATOM 188  C CB  . ASN A 1 24  ? 0.210   11.265  -6.396  1.00 70.99  ? 70  ASN A CB  1 
ATOM 189  C CG  . ASN A 1 24  ? -0.905  12.284  -6.344  1.00 77.72  ? 70  ASN A CG  1 
ATOM 190  O OD1 . ASN A 1 24  ? -0.897  13.185  -5.508  1.00 78.07  ? 70  ASN A OD1 1 
ATOM 191  N ND2 . ASN A 1 24  ? -1.880  12.140  -7.231  1.00 79.36  ? 70  ASN A ND2 1 
ATOM 192  N N   . CYS A 1 25  ? 1.224   8.145   -4.769  1.00 41.70  ? 71  CYS A N   1 
ATOM 193  C CA  . CYS A 1 25  ? 2.080   6.983   -4.950  1.00 23.81  ? 71  CYS A CA  1 
ATOM 194  C C   . CYS A 1 25  ? 1.344   5.784   -5.532  1.00 24.69  ? 71  CYS A C   1 
ATOM 195  O O   . CYS A 1 25  ? 0.208   5.488   -5.149  1.00 16.30  ? 71  CYS A O   1 
ATOM 196  C CB  . CYS A 1 25  ? 2.678   6.580   -3.612  1.00 18.72  ? 71  CYS A CB  1 
ATOM 197  S SG  . CYS A 1 25  ? 3.204   4.865   -3.566  1.00 17.74  ? 71  CYS A SG  1 
ATOM 198  N N   . SER A 1 26  ? 2.043   5.044   -6.402  1.00 33.30  ? 72  SER A N   1 
ATOM 199  C CA  . SER A 1 26  ? 1.467   3.949   -7.177  1.00 36.07  ? 72  SER A CA  1 
ATOM 200  C C   . SER A 1 26  ? 1.706   2.580   -6.555  1.00 30.90  ? 72  SER A C   1 
ATOM 201  O O   . SER A 1 26  ? 1.303   1.564   -7.134  1.00 29.84  ? 72  SER A O   1 
ATOM 202  C CB  . SER A 1 26  ? 2.038   3.950   -8.590  1.00 39.12  ? 72  SER A CB  1 
ATOM 203  O OG  . SER A 1 26  ? 3.450   4.066   -8.517  1.00 42.86  ? 72  SER A OG  1 
ATOM 204  N N   . ILE A 1 27  ? 2.341   2.500   -5.398  1.00 33.29  ? 73  ILE A N   1 
ATOM 205  C CA  . ILE A 1 27  ? 2.727   1.189   -4.882  1.00 36.60  ? 73  ILE A CA  1 
ATOM 206  C C   . ILE A 1 27  ? 2.373   1.095   -3.394  1.00 39.86  ? 73  ILE A C   1 
ATOM 207  O O   . ILE A 1 27  ? 2.795   1.927   -2.577  1.00 44.77  ? 73  ILE A O   1 
ATOM 208  C CB  . ILE A 1 27  ? 4.209   0.883   -5.115  1.00 35.61  ? 73  ILE A CB  1 
ATOM 209  C CG1 . ILE A 1 27  ? 4.528   1.070   -6.548  1.00 36.00  ? 73  ILE A CG1 1 
ATOM 210  C CG2 . ILE A 1 27  ? 4.440   -0.505  -4.832  1.00 31.35  ? 73  ILE A CG2 1 
ATOM 211  C CD1 . ILE A 1 27  ? 5.924   0.868   -6.812  1.00 31.34  ? 73  ILE A CD1 1 
ATOM 212  N N   . THR A 1 28  ? 1.686   0.003   -3.044  1.00 38.59  ? 74  THR A N   1 
ATOM 213  C CA  . THR A 1 28  ? 1.334   -0.373  -1.684  1.00 38.54  ? 74  THR A CA  1 
ATOM 214  C C   . THR A 1 28  ? 2.144   -1.622  -1.364  1.00 29.40  ? 74  THR A C   1 
ATOM 215  O O   . THR A 1 28  ? 2.127   -2.584  -2.140  1.00 28.66  ? 74  THR A O   1 
ATOM 216  C CB  . THR A 1 28  ? -0.178  -0.625  -1.593  1.00 42.58  ? 74  THR A CB  1 
ATOM 217  O OG1 . THR A 1 28  ? -0.901  0.618   -1.704  1.00 47.53  ? 74  THR A OG1 1 
ATOM 218  C CG2 . THR A 1 28  ? -0.554  -1.293  -0.271  1.00 50.01  ? 74  THR A CG2 1 
ATOM 219  N N   . SER A 1 29  ? 2.871   -1.593  -0.252  1.00 17.17  ? 75  SER A N   1 
ATOM 220  C CA  . SER A 1 29  ? 3.851   -2.617  0.088   1.00 8.69   ? 75  SER A CA  1 
ATOM 221  C C   . SER A 1 29  ? 3.414   -3.414  1.310   1.00 4.99   ? 75  SER A C   1 
ATOM 222  O O   . SER A 1 29  ? 2.660   -2.926  2.142   1.00 2.00   ? 75  SER A O   1 
ATOM 223  C CB  . SER A 1 29  ? 5.213   -1.982  0.374   1.00 11.81  ? 75  SER A CB  1 
ATOM 224  O OG  . SER A 1 29  ? 6.175   -2.326  -0.602  1.00 7.94   ? 75  SER A OG  1 
ATOM 225  N N   . ILE A 1 30  ? 3.939   -4.633  1.443   1.00 9.01   ? 76  ILE A N   1 
ATOM 226  C CA  . ILE A 1 30  ? 3.678   -5.508  2.593   1.00 19.14  ? 76  ILE A CA  1 
ATOM 227  C C   . ILE A 1 30  ? 4.898   -5.415  3.507   1.00 23.47  ? 76  ILE A C   1 
ATOM 228  O O   . ILE A 1 30  ? 5.852   -6.175  3.346   1.00 23.03  ? 76  ILE A O   1 
ATOM 229  C CB  . ILE A 1 30  ? 3.413   -6.957  2.158   1.00 28.36  ? 76  ILE A CB  1 
ATOM 230  C CG1 . ILE A 1 30  ? 1.977   -7.152  1.679   1.00 38.44  ? 76  ILE A CG1 1 
ATOM 231  C CG2 . ILE A 1 30  ? 3.601   -7.942  3.320   1.00 28.24  ? 76  ILE A CG2 1 
ATOM 232  C CD1 . ILE A 1 30  ? 0.967   -7.220  2.814   1.00 46.97  ? 76  ILE A CD1 1 
ATOM 233  N N   . CYS A 1 31  ? 4.851   -4.520  4.502   1.00 24.97  ? 77  CYS A N   1 
ATOM 234  C CA  . CYS A 1 31  ? 6.022   -4.166  5.308   1.00 33.77  ? 77  CYS A CA  1 
ATOM 235  C C   . CYS A 1 31  ? 6.832   -5.389  5.734   1.00 46.54  ? 77  CYS A C   1 
ATOM 236  O O   . CYS A 1 31  ? 6.287   -6.460  6.016   1.00 48.20  ? 77  CYS A O   1 
ATOM 237  C CB  . CYS A 1 31  ? 5.586   -3.382  6.543   1.00 37.92  ? 77  CYS A CB  1 
ATOM 238  S SG  . CYS A 1 31  ? 4.826   -1.794  6.168   1.00 51.64  ? 77  CYS A SG  1 
ATOM 239  N N   . GLU A 1 32  ? 8.159   -5.213  5.790   1.00 58.04  ? 78  GLU A N   1 
ATOM 240  C CA  . GLU A 1 32  ? 9.062   -6.350  5.940   1.00 61.75  ? 78  GLU A CA  1 
ATOM 241  C C   . GLU A 1 32  ? 9.068   -6.923  7.352   1.00 65.34  ? 78  GLU A C   1 
ATOM 242  O O   . GLU A 1 32  ? 9.500   -8.065  7.536   1.00 64.91  ? 78  GLU A O   1 
ATOM 243  C CB  . GLU A 1 32  ? 10.490  -5.962  5.536   1.00 65.89  ? 78  GLU A CB  1 
ATOM 244  C CG  . GLU A 1 32  ? 11.062  -4.742  6.255   1.00 68.67  ? 78  GLU A CG  1 
ATOM 245  C CD  . GLU A 1 32  ? 10.802  -3.436  5.518   1.00 69.77  ? 78  GLU A CD  1 
ATOM 246  O OE1 . GLU A 1 32  ? 9.623   -3.108  5.279   1.00 69.13  ? 78  GLU A OE1 1 
ATOM 247  O OE2 . GLU A 1 32  ? 11.785  -2.738  5.190   1.00 68.64  ? 78  GLU A OE2 1 
ATOM 248  N N   . LYS A 1 33  ? 8.608   -6.171  8.349   1.00 62.71  ? 79  LYS A N   1 
ATOM 249  C CA  . LYS A 1 33  ? 8.526   -6.715  9.694   1.00 59.77  ? 79  LYS A CA  1 
ATOM 250  C C   . LYS A 1 33  ? 7.148   -6.417  10.283  1.00 58.58  ? 79  LYS A C   1 
ATOM 251  O O   . LYS A 1 33  ? 6.624   -5.312  10.103  1.00 62.83  ? 79  LYS A O   1 
ATOM 252  C CB  . LYS A 1 33  ? 9.616   -6.131  10.604  1.00 55.98  ? 79  LYS A CB  1 
ATOM 253  C CG  . LYS A 1 33  ? 11.037  -6.305  10.098  1.00 48.63  ? 79  LYS A CG  1 
ATOM 254  C CD  . LYS A 1 33  ? 12.017  -5.555  10.987  1.00 50.26  ? 79  LYS A CD  1 
ATOM 255  C CE  . LYS A 1 33  ? 13.267  -5.159  10.222  1.00 52.33  ? 79  LYS A CE  1 
ATOM 256  N NZ  . LYS A 1 33  ? 13.752  -3.809  10.626  1.00 55.49  ? 79  LYS A NZ  1 
ATOM 257  N N   . PRO A 1 34  ? 6.543   -7.384  10.972  1.00 52.02  ? 80  PRO A N   1 
ATOM 258  C CA  . PRO A 1 34  ? 5.227   -7.130  11.587  1.00 52.24  ? 80  PRO A CA  1 
ATOM 259  C C   . PRO A 1 34  ? 5.233   -5.983  12.577  1.00 45.43  ? 80  PRO A C   1 
ATOM 260  O O   . PRO A 1 34  ? 4.166   -5.434  12.879  1.00 40.11  ? 80  PRO A O   1 
ATOM 261  C CB  . PRO A 1 34  ? 4.906   -8.461  12.279  1.00 54.66  ? 80  PRO A CB  1 
ATOM 262  C CG  . PRO A 1 34  ? 5.671   -9.477  11.494  1.00 56.17  ? 80  PRO A CG  1 
ATOM 263  C CD  . PRO A 1 34  ? 6.947   -8.793  11.091  1.00 53.12  ? 80  PRO A CD  1 
ATOM 264  N N   . GLN A 1 35  ? 6.400   -5.604  13.092  1.00 48.48  ? 81  GLN A N   1 
ATOM 265  C CA  . GLN A 1 35  ? 6.494   -4.504  14.041  1.00 51.12  ? 81  GLN A CA  1 
ATOM 266  C C   . GLN A 1 35  ? 6.319   -3.141  13.382  1.00 48.29  ? 81  GLN A C   1 
ATOM 267  O O   . GLN A 1 35  ? 6.055   -2.158  14.084  1.00 48.93  ? 81  GLN A O   1 
ATOM 268  C CB  . GLN A 1 35  ? 7.846   -4.570  14.751  1.00 56.83  ? 81  GLN A CB  1 
ATOM 269  C CG  . GLN A 1 35  ? 8.997   -4.851  13.790  1.00 55.87  ? 81  GLN A CG  1 
ATOM 270  C CD  . GLN A 1 35  ? 10.141  -5.617  14.426  1.00 57.63  ? 81  GLN A CD  1 
ATOM 271  O OE1 . GLN A 1 35  ? 10.356  -6.794  14.130  1.00 57.17  ? 81  GLN A OE1 1 
ATOM 272  N NE2 . GLN A 1 35  ? 10.897  -4.948  15.288  1.00 59.96  ? 81  GLN A NE2 1 
ATOM 273  N N   . GLU A 1 36  ? 6.433   -3.059  12.058  1.00 37.19  ? 82  GLU A N   1 
ATOM 274  C CA  . GLU A 1 36  ? 6.659   -1.774  11.414  1.00 26.86  ? 82  GLU A CA  1 
ATOM 275  C C   . GLU A 1 36  ? 5.369   -0.986  11.198  1.00 21.54  ? 82  GLU A C   1 
ATOM 276  O O   . GLU A 1 36  ? 4.263   -1.405  11.552  1.00 20.22  ? 82  GLU A O   1 
ATOM 277  C CB  . GLU A 1 36  ? 7.395   -1.957  10.093  1.00 35.13  ? 82  GLU A CB  1 
ATOM 278  C CG  . GLU A 1 36  ? 8.558   -2.899  10.176  1.00 36.23  ? 82  GLU A CG  1 
ATOM 279  C CD  . GLU A 1 36  ? 9.479   -2.743  9.002   1.00 37.15  ? 82  GLU A CD  1 
ATOM 280  O OE1 . GLU A 1 36  ? 10.581  -2.180  9.170   1.00 40.17  ? 82  GLU A OE1 1 
ATOM 281  O OE2 . GLU A 1 36  ? 9.064   -3.150  7.901   1.00 27.22  ? 82  GLU A OE2 1 
ATOM 282  N N   . VAL A 1 37  ? 5.546   0.162   10.552  1.00 14.01  ? 83  VAL A N   1 
ATOM 283  C CA  . VAL A 1 37  ? 4.717   1.353   10.688  1.00 8.57   ? 83  VAL A CA  1 
ATOM 284  C C   . VAL A 1 37  ? 5.030   2.214   9.472   1.00 13.13  ? 83  VAL A C   1 
ATOM 285  O O   . VAL A 1 37  ? 6.180   2.263   9.031   1.00 12.11  ? 83  VAL A O   1 
ATOM 286  C CB  . VAL A 1 37  ? 5.063   2.085   12.013  1.00 13.73  ? 83  VAL A CB  1 
ATOM 287  C CG1 . VAL A 1 37  ? 4.499   3.469   12.054  1.00 3.12   ? 83  VAL A CG1 1 
ATOM 288  C CG2 . VAL A 1 37  ? 4.618   1.295   13.252  1.00 13.31  ? 83  VAL A CG2 1 
ATOM 289  N N   . CYS A 1 38  ? 4.033   2.890   8.906   1.00 27.56  ? 84  CYS A N   1 
ATOM 290  C CA  . CYS A 1 38  ? 4.434   3.812   7.850   1.00 22.21  ? 84  CYS A CA  1 
ATOM 291  C C   . CYS A 1 38  ? 4.714   5.191   8.404   1.00 20.37  ? 84  CYS A C   1 
ATOM 292  O O   . CYS A 1 38  ? 4.237   5.578   9.474   1.00 26.87  ? 84  CYS A O   1 
ATOM 293  C CB  . CYS A 1 38  ? 3.442   3.962   6.687   1.00 20.83  ? 84  CYS A CB  1 
ATOM 294  S SG  . CYS A 1 38  ? 1.737   4.470   6.950   1.00 17.97  ? 84  CYS A SG  1 
ATOM 295  N N   . VAL A 1 39  ? 5.530   5.912   7.657   1.00 24.78  ? 85  VAL A N   1 
ATOM 296  C CA  . VAL A 1 39  ? 5.807   7.309   7.909   1.00 15.61  ? 85  VAL A CA  1 
ATOM 297  C C   . VAL A 1 39  ? 5.712   8.026   6.575   1.00 28.48  ? 85  VAL A C   1 
ATOM 298  O O   . VAL A 1 39  ? 5.975   7.452   5.513   1.00 24.47  ? 85  VAL A O   1 
ATOM 299  C CB  . VAL A 1 39  ? 7.189   7.524   8.566   1.00 28.00  ? 85  VAL A CB  1 
ATOM 300  C CG1 . VAL A 1 39  ? 7.415   6.513   9.680   1.00 33.63  ? 85  VAL A CG1 1 
ATOM 301  C CG2 . VAL A 1 39  ? 8.295   7.454   7.542   1.00 22.71  ? 85  VAL A CG2 1 
ATOM 302  N N   . ALA A 1 40  ? 5.276   9.274   6.632   1.00 13.17  ? 86  ALA A N   1 
ATOM 303  C CA  . ALA A 1 40  ? 5.255   10.155  5.481   1.00 20.63  ? 86  ALA A CA  1 
ATOM 304  C C   . ALA A 1 40  ? 5.931   11.445  5.899   1.00 25.53  ? 86  ALA A C   1 
ATOM 305  O O   . ALA A 1 40  ? 5.544   12.049  6.905   1.00 25.10  ? 86  ALA A O   1 
ATOM 306  C CB  . ALA A 1 40  ? 3.828   10.416  4.993   1.00 17.36  ? 86  ALA A CB  1 
ATOM 307  N N   . VAL A 1 41  ? 6.966   11.841  5.169   1.00 35.63  ? 87  VAL A N   1 
ATOM 308  C CA  . VAL A 1 41  ? 7.685   13.069  5.467   1.00 40.62  ? 87  VAL A CA  1 
ATOM 309  C C   . VAL A 1 41  ? 7.627   13.955  4.235   1.00 42.76  ? 87  VAL A C   1 
ATOM 310  O O   . VAL A 1 41  ? 7.672   13.467  3.099   1.00 43.68  ? 87  VAL A O   1 
ATOM 311  C CB  . VAL A 1 41  ? 9.142   12.803  5.913   1.00 48.99  ? 87  VAL A CB  1 
ATOM 312  C CG1 . VAL A 1 41  ? 9.183   11.706  6.965   1.00 54.09  ? 87  VAL A CG1 1 
ATOM 313  C CG2 . VAL A 1 41  ? 10.038  12.462  4.745   1.00 50.49  ? 87  VAL A CG2 1 
ATOM 314  N N   . TRP A 1 42  ? 7.497   15.257  4.461   1.00 37.34  ? 88  TRP A N   1 
ATOM 315  C CA  . TRP A 1 42  ? 7.200   16.219  3.405   1.00 36.19  ? 88  TRP A CA  1 
ATOM 316  C C   . TRP A 1 42  ? 8.117   17.421  3.610   1.00 36.37  ? 88  TRP A C   1 
ATOM 317  O O   . TRP A 1 42  ? 7.737   18.422  4.223   1.00 39.49  ? 88  TRP A O   1 
ATOM 318  C CB  . TRP A 1 42  ? 5.713   16.579  3.440   1.00 38.44  ? 88  TRP A CB  1 
ATOM 319  C CG  . TRP A 1 42  ? 5.312   17.703  2.559   1.00 37.55  ? 88  TRP A CG  1 
ATOM 320  C CD1 . TRP A 1 42  ? 5.207   17.690  1.197   1.00 39.30  ? 88  TRP A CD1 1 
ATOM 321  C CD2 . TRP A 1 42  ? 4.925   19.012  2.979   1.00 32.25  ? 88  TRP A CD2 1 
ATOM 322  N NE1 . TRP A 1 42  ? 4.785   18.918  0.745   1.00 35.68  ? 88  TRP A NE1 1 
ATOM 323  C CE2 . TRP A 1 42  ? 4.613   19.748  1.819   1.00 32.34  ? 88  TRP A CE2 1 
ATOM 324  C CE3 . TRP A 1 42  ? 4.823   19.633  4.222   1.00 33.73  ? 88  TRP A CE3 1 
ATOM 325  C CZ2 . TRP A 1 42  ? 4.202   21.078  1.872   1.00 32.79  ? 88  TRP A CZ2 1 
ATOM 326  C CZ3 . TRP A 1 42  ? 4.415   20.954  4.272   1.00 36.64  ? 88  TRP A CZ3 1 
ATOM 327  C CH2 . TRP A 1 42  ? 4.110   21.662  3.104   1.00 34.43  ? 88  TRP A CH2 1 
ATOM 328  N N   . ARG A 1 43  ? 9.341   17.305  3.097   1.00 35.60  ? 89  ARG A N   1 
ATOM 329  C CA  . ARG A 1 43  ? 10.375  18.321  3.263   1.00 49.10  ? 89  ARG A CA  1 
ATOM 330  C C   . ARG A 1 43  ? 10.250  19.380  2.174   1.00 55.35  ? 89  ARG A C   1 
ATOM 331  O O   . ARG A 1 43  ? 10.073  19.052  0.997   1.00 54.49  ? 89  ARG A O   1 
ATOM 332  C CB  . ARG A 1 43  ? 11.759  17.673  3.230   1.00 49.99  ? 89  ARG A CB  1 
ATOM 333  C CG  . ARG A 1 43  ? 11.955  16.630  4.325   1.00 50.22  ? 89  ARG A CG  1 
ATOM 334  C CD  . ARG A 1 43  ? 13.152  15.720  4.070   1.00 50.41  ? 89  ARG A CD  1 
ATOM 335  N NE  . ARG A 1 43  ? 14.282  16.437  3.487   1.00 53.67  ? 89  ARG A NE  1 
ATOM 336  C CZ  . ARG A 1 43  ? 15.547  16.039  3.576   1.00 58.45  ? 89  ARG A CZ  1 
ATOM 337  N NH1 . ARG A 1 43  ? 15.849  14.932  4.242   1.00 55.33  ? 89  ARG A NH1 1 
ATOM 338  N NH2 . ARG A 1 43  ? 16.510  16.751  3.008   1.00 63.83  ? 89  ARG A NH2 1 
ATOM 339  N N   . LYS A 1 44  ? 10.365  20.648  2.569   1.00 57.90  ? 90  LYS A N   1 
ATOM 340  C CA  . LYS A 1 44  ? 10.041  21.791  1.717   1.00 58.47  ? 90  LYS A CA  1 
ATOM 341  C C   . LYS A 1 44  ? 11.274  22.675  1.599   1.00 59.24  ? 90  LYS A C   1 
ATOM 342  O O   . LYS A 1 44  ? 11.606  23.406  2.538   1.00 59.82  ? 90  LYS A O   1 
ATOM 343  C CB  . LYS A 1 44  ? 8.867   22.576  2.308   1.00 57.91  ? 90  LYS A CB  1 
ATOM 344  C CG  . LYS A 1 44  ? 8.222   23.576  1.406   1.00 64.55  ? 90  LYS A CG  1 
ATOM 345  C CD  . LYS A 1 44  ? 8.489   25.050  1.669   1.00 66.43  ? 90  LYS A CD  1 
ATOM 346  C CE  . LYS A 1 44  ? 7.741   25.887  0.641   1.00 64.45  ? 90  LYS A CE  1 
ATOM 347  N NZ  . LYS A 1 44  ? 6.291   26.063  0.963   1.00 74.35  ? 90  LYS A NZ  1 
ATOM 348  N N   . ASN A 1 45  ? 11.956  22.611  0.459   1.00 58.86  ? 91  ASN A N   1 
ATOM 349  C CA  . ASN A 1 45  ? 13.102  23.490  0.236   1.00 58.64  ? 91  ASN A CA  1 
ATOM 350  C C   . ASN A 1 45  ? 12.672  24.954  0.285   1.00 54.56  ? 91  ASN A C   1 
ATOM 351  O O   . ASN A 1 45  ? 12.482  25.593  -0.750  1.00 55.07  ? 91  ASN A O   1 
ATOM 352  C CB  . ASN A 1 45  ? 13.785  23.193  -1.104  1.00 58.90  ? 91  ASN A CB  1 
ATOM 353  C CG  . ASN A 1 45  ? 15.200  22.683  -0.935  1.00 60.67  ? 91  ASN A CG  1 
ATOM 354  O OD1 . ASN A 1 45  ? 15.803  22.838  0.125   1.00 61.15  ? 91  ASN A OD1 1 
ATOM 355  N ND2 . ASN A 1 45  ? 15.744  22.082  -1.987  1.00 61.54  ? 91  ASN A ND2 1 
ATOM 356  N N   . ASN A 1 48  ? 11.841  23.276  -4.090  1.00 82.18  ? 94  ASN A N   1 
ATOM 357  C CA  . ASN A 1 48  ? 10.692  22.435  -4.409  1.00 74.77  ? 94  ASN A CA  1 
ATOM 358  C C   . ASN A 1 48  ? 10.384  21.503  -3.246  1.00 69.59  ? 94  ASN A C   1 
ATOM 359  O O   . ASN A 1 48  ? 11.125  21.465  -2.267  1.00 68.01  ? 94  ASN A O   1 
ATOM 360  C CB  . ASN A 1 48  ? 10.943  21.628  -5.680  1.00 65.99  ? 94  ASN A CB  1 
ATOM 361  C CG  . ASN A 1 48  ? 12.091  20.645  -5.530  1.00 60.59  ? 94  ASN A CG  1 
ATOM 362  O OD1 . ASN A 1 48  ? 12.771  20.607  -4.504  1.00 47.81  ? 94  ASN A OD1 1 
ATOM 363  N ND2 . ASN A 1 48  ? 12.304  19.835  -6.559  1.00 65.78  ? 94  ASN A ND2 1 
ATOM 364  N N   . ILE A 1 49  ? 9.309   20.731  -3.335  1.00 61.08  ? 95  ILE A N   1 
ATOM 365  C CA  . ILE A 1 49  ? 8.864   19.939  -2.201  1.00 56.61  ? 95  ILE A CA  1 
ATOM 366  C C   . ILE A 1 49  ? 8.912   18.469  -2.582  1.00 57.75  ? 95  ILE A C   1 
ATOM 367  O O   . ILE A 1 49  ? 8.394   18.069  -3.632  1.00 57.79  ? 95  ILE A O   1 
ATOM 368  C CB  . ILE A 1 49  ? 7.456   20.330  -1.732  1.00 55.35  ? 95  ILE A CB  1 
ATOM 369  C CG1 . ILE A 1 49  ? 7.236   21.797  -1.807  1.00 59.12  ? 95  ILE A CG1 1 
ATOM 370  C CG2 . ILE A 1 49  ? 7.224   19.797  -0.383  1.00 52.87  ? 95  ILE A CG2 1 
ATOM 371  C CD1 . ILE A 1 49  ? 8.191   22.607  -1.216  1.00 62.46  ? 95  ILE A CD1 1 
ATOM 372  N N   . THR A 1 50  ? 9.534   17.675  -1.720  1.00 51.34  ? 96  THR A N   1 
ATOM 373  C CA  . THR A 1 50  ? 9.609   16.237  -1.889  1.00 42.54  ? 96  THR A CA  1 
ATOM 374  C C   . THR A 1 50  ? 8.804   15.588  -0.772  1.00 42.17  ? 96  THR A C   1 
ATOM 375  O O   . THR A 1 50  ? 8.878   16.014  0.384   1.00 54.78  ? 96  THR A O   1 
ATOM 376  C CB  . THR A 1 50  ? 11.073  15.778  -1.901  1.00 49.22  ? 96  THR A CB  1 
ATOM 377  O OG1 . THR A 1 50  ? 11.149  14.386  -2.233  1.00 55.40  ? 96  THR A OG1 1 
ATOM 378  C CG2 . THR A 1 50  ? 11.753  16.046  -0.560  1.00 51.07  ? 96  THR A CG2 1 
ATOM 379  N N   . LEU A 1 51  ? 7.991   14.605  -1.134  1.00 37.26  ? 97  LEU A N   1 
ATOM 380  C CA  . LEU A 1 51  ? 7.241   13.810  -0.175  1.00 37.35  ? 97  LEU A CA  1 
ATOM 381  C C   . LEU A 1 51  ? 7.840   12.414  -0.139  1.00 22.15  ? 97  LEU A C   1 
ATOM 382  O O   . LEU A 1 51  ? 8.136   11.838  -1.191  1.00 15.92  ? 97  LEU A O   1 
ATOM 383  C CB  . LEU A 1 51  ? 5.755   13.762  -0.539  1.00 35.16  ? 97  LEU A CB  1 
ATOM 384  C CG  . LEU A 1 51  ? 4.876   12.691  0.110   1.00 40.25  ? 97  LEU A CG  1 
ATOM 385  C CD1 . LEU A 1 51  ? 3.502   13.253  0.397   1.00 45.93  ? 97  LEU A CD1 1 
ATOM 386  C CD2 . LEU A 1 51  ? 4.758   11.494  -0.814  1.00 38.78  ? 97  LEU A CD2 1 
ATOM 387  N N   . GLU A 1 52  ? 8.035   11.882  1.064   1.00 25.33  ? 98  GLU A N   1 
ATOM 388  C CA  . GLU A 1 52  ? 8.619   10.563  1.252   1.00 25.83  ? 98  GLU A CA  1 
ATOM 389  C C   . GLU A 1 52  ? 7.651   9.684   2.026   1.00 22.17  ? 98  GLU A C   1 
ATOM 390  O O   . GLU A 1 52  ? 7.104   10.107  3.048   1.00 16.75  ? 98  GLU A O   1 
ATOM 391  C CB  . GLU A 1 52  ? 9.962   10.657  1.979   1.00 27.01  ? 98  GLU A CB  1 
ATOM 392  C CG  . GLU A 1 52  ? 10.489  9.327   2.470   1.00 40.15  ? 98  GLU A CG  1 
ATOM 393  C CD  . GLU A 1 52  ? 11.988  9.337   2.691   1.00 43.45  ? 98  GLU A CD  1 
ATOM 394  O OE1 . GLU A 1 52  ? 12.532  10.402  3.055   1.00 44.75  ? 98  GLU A OE1 1 
ATOM 395  O OE2 . GLU A 1 52  ? 12.621  8.278   2.496   1.00 42.16  ? 98  GLU A OE2 1 
ATOM 396  N N   . THR A 1 53  ? 7.434   8.466   1.528   1.00 18.35  ? 99  THR A N   1 
ATOM 397  C CA  . THR A 1 53  ? 6.559   7.481   2.156   1.00 14.11  ? 99  THR A CA  1 
ATOM 398  C C   . THR A 1 53  ? 7.305   6.161   2.238   1.00 14.51  ? 99  THR A C   1 
ATOM 399  O O   . THR A 1 53  ? 7.702   5.606   1.208   1.00 17.13  ? 99  THR A O   1 
ATOM 400  C CB  . THR A 1 53  ? 5.258   7.292   1.370   1.00 13.77  ? 99  THR A CB  1 
ATOM 401  O OG1 . THR A 1 53  ? 5.554   6.730   0.086   1.00 19.09  ? 99  THR A OG1 1 
ATOM 402  C CG2 . THR A 1 53  ? 4.520   8.610   1.193   1.00 14.77  ? 99  THR A CG2 1 
ATOM 403  N N   . VAL A 1 54  ? 7.500   5.655   3.455   1.00 23.09  ? 100 VAL A N   1 
ATOM 404  C CA  . VAL A 1 54  ? 8.198   4.394   3.677   1.00 18.01  ? 100 VAL A CA  1 
ATOM 405  C C   . VAL A 1 54  ? 7.478   3.616   4.772   1.00 19.25  ? 100 VAL A C   1 
ATOM 406  O O   . VAL A 1 54  ? 6.487   4.074   5.338   1.00 25.21  ? 100 VAL A O   1 
ATOM 407  C CB  . VAL A 1 54  ? 9.681   4.597   4.064   1.00 16.06  ? 100 VAL A CB  1 
ATOM 408  C CG1 . VAL A 1 54  ? 10.390  5.498   3.065   1.00 14.53  ? 100 VAL A CG1 1 
ATOM 409  C CG2 . VAL A 1 54  ? 9.802   5.131   5.475   1.00 13.88  ? 100 VAL A CG2 1 
ATOM 410  N N   . CYS A 1 55  ? 7.988   2.422   5.066   1.00 26.10  ? 101 CYS A N   1 
ATOM 411  C CA  . CYS A 1 55  ? 7.560   1.655   6.226   1.00 37.98  ? 101 CYS A CA  1 
ATOM 412  C C   . CYS A 1 55  ? 8.721   1.573   7.207   1.00 38.13  ? 101 CYS A C   1 
ATOM 413  O O   . CYS A 1 55  ? 9.852   1.271   6.819   1.00 42.20  ? 101 CYS A O   1 
ATOM 414  C CB  . CYS A 1 55  ? 7.081   0.256   5.838   1.00 49.49  ? 101 CYS A CB  1 
ATOM 415  S SG  . CYS A 1 55  ? 6.015   -0.463  7.132   1.00 66.19  ? 101 CYS A SG  1 
ATOM 416  N N   . HIS A 1 56  ? 8.435   1.832   8.476   1.00 32.29  ? 102 HIS A N   1 
ATOM 417  C CA  . HIS A 1 56  ? 9.455   2.042   9.489   1.00 34.39  ? 102 HIS A CA  1 
ATOM 418  C C   . HIS A 1 56  ? 8.971   1.437   10.794  1.00 37.06  ? 102 HIS A C   1 
ATOM 419  O O   . HIS A 1 56  ? 7.793   1.111   10.963  1.00 34.03  ? 102 HIS A O   1 
ATOM 420  C CB  . HIS A 1 56  ? 9.760   3.541   9.631   1.00 37.39  ? 102 HIS A CB  1 
ATOM 421  C CG  . HIS A 1 56  ? 11.092  3.858   10.241  1.00 38.19  ? 102 HIS A CG  1 
ATOM 422  N ND1 . HIS A 1 56  ? 11.245  4.813   11.223  1.00 48.92  ? 102 HIS A ND1 1 
ATOM 423  C CD2 . HIS A 1 56  ? 12.333  3.382   9.983   1.00 44.02  ? 102 HIS A CD2 1 
ATOM 424  C CE1 . HIS A 1 56  ? 12.519  4.898   11.558  1.00 56.99  ? 102 HIS A CE1 1 
ATOM 425  N NE2 . HIS A 1 56  ? 13.202  4.040   10.821  1.00 52.53  ? 102 HIS A NE2 1 
ATOM 426  N N   . ASP A 1 57  ? 9.905   1.314   11.702  1.00 46.12  ? 103 ASP A N   1 
ATOM 427  C CA  . ASP A 1 57  ? 10.024  0.703   13.012  1.00 57.60  ? 103 ASP A CA  1 
ATOM 428  C C   . ASP A 1 57  ? 9.942   1.768   14.123  1.00 66.30  ? 103 ASP A C   1 
ATOM 429  O O   . ASP A 1 57  ? 10.637  2.784   14.022  1.00 79.80  ? 103 ASP A O   1 
ATOM 430  C CB  . ASP A 1 57  ? 11.374  -0.037  13.021  1.00 57.32  ? 103 ASP A CB  1 
ATOM 431  C CG  . ASP A 1 57  ? 11.641  -0.846  14.294  1.00 61.33  ? 103 ASP A CG  1 
ATOM 432  O OD1 . ASP A 1 57  ? 12.834  -0.824  14.692  1.00 63.18  ? 103 ASP A OD1 1 
ATOM 433  O OD2 . ASP A 1 57  ? 10.757  -1.511  14.818  1.00 62.78  ? 103 ASP A OD2 1 
ATOM 434  N N   . PRO A 1 58  ? 9.083   1.620   15.145  1.00 82.96  ? 104 PRO A N   1 
ATOM 435  C CA  . PRO A 1 58  ? 8.902   2.709   16.106  1.00 70.48  ? 104 PRO A CA  1 
ATOM 436  C C   . PRO A 1 58  ? 10.119  2.885   17.015  1.00 74.55  ? 104 PRO A C   1 
ATOM 437  O O   . PRO A 1 58  ? 10.342  4.001   17.502  1.00 70.10  ? 104 PRO A O   1 
ATOM 438  C CB  . PRO A 1 58  ? 7.688   2.262   16.906  1.00 79.09  ? 104 PRO A CB  1 
ATOM 439  C CG  . PRO A 1 58  ? 7.481   0.811   16.635  1.00 79.89  ? 104 PRO A CG  1 
ATOM 440  C CD  . PRO A 1 58  ? 8.390   0.388   15.547  1.00 79.12  ? 104 PRO A CD  1 
ATOM 441  N N   . LYS A 1 59  ? 10.924  1.823   17.278  1.00 74.78  ? 105 LYS A N   1 
ATOM 442  C CA  . LYS A 1 59  ? 12.106  1.986   18.128  1.00 76.91  ? 105 LYS A CA  1 
ATOM 443  C C   . LYS A 1 59  ? 13.208  2.757   17.410  1.00 78.70  ? 105 LYS A C   1 
ATOM 444  O O   . LYS A 1 59  ? 13.957  3.497   18.051  1.00 83.02  ? 105 LYS A O   1 
ATOM 445  C CB  . LYS A 1 59  ? 12.595  0.618   18.581  1.00 77.99  ? 105 LYS A CB  1 
ATOM 446  C CG  . LYS A 1 59  ? 13.300  -0.167  17.480  1.00 79.33  ? 105 LYS A CG  1 
ATOM 447  C CD  . LYS A 1 59  ? 13.603  -1.622  17.826  1.00 84.86  ? 105 LYS A CD  1 
ATOM 448  C CE  . LYS A 1 59  ? 14.640  -2.202  16.853  1.00 82.33  ? 105 LYS A CE  1 
ATOM 449  N NZ  . LYS A 1 59  ? 14.227  -3.498  16.240  1.00 84.99  ? 105 LYS A NZ  1 
ATOM 450  N N   . LEU A 1 60  ? 13.333  2.591   16.077  1.00 74.09  ? 106 LEU A N   1 
ATOM 451  C CA  . LEU A 1 60  ? 14.428  3.217   15.350  1.00 65.13  ? 106 LEU A CA  1 
ATOM 452  C C   . LEU A 1 60  ? 14.136  4.691   15.090  1.00 58.82  ? 106 LEU A C   1 
ATOM 453  O O   . LEU A 1 60  ? 12.976  5.088   14.953  1.00 60.19  ? 106 LEU A O   1 
ATOM 454  C CB  . LEU A 1 60  ? 14.677  2.510   14.021  1.00 64.70  ? 106 LEU A CB  1 
ATOM 455  C CG  . LEU A 1 60  ? 15.385  1.154   14.054  1.00 59.47  ? 106 LEU A CG  1 
ATOM 456  C CD1 . LEU A 1 60  ? 15.901  0.780   12.666  1.00 54.65  ? 106 LEU A CD1 1 
ATOM 457  C CD2 . LEU A 1 60  ? 16.513  1.161   15.074  1.00 61.44  ? 106 LEU A CD2 1 
ATOM 458  N N   . PRO A 1 61  ? 15.176  5.523   15.025  1.00 52.20  ? 107 PRO A N   1 
ATOM 459  C CA  . PRO A 1 61  ? 14.979  6.935   14.687  1.00 51.99  ? 107 PRO A CA  1 
ATOM 460  C C   . PRO A 1 61  ? 15.116  7.192   13.194  1.00 49.61  ? 107 PRO A C   1 
ATOM 461  O O   . PRO A 1 61  ? 15.979  6.635   12.512  1.00 53.35  ? 107 PRO A O   1 
ATOM 462  C CB  . PRO A 1 61  ? 16.103  7.623   15.470  1.00 52.01  ? 107 PRO A CB  1 
ATOM 463  C CG  . PRO A 1 61  ? 17.213  6.616   15.451  1.00 54.37  ? 107 PRO A CG  1 
ATOM 464  C CD  . PRO A 1 61  ? 16.561  5.246   15.452  1.00 52.70  ? 107 PRO A CD  1 
ATOM 465  N N   . TYR A 1 62  ? 14.246  8.055   12.680  1.00 42.61  ? 108 TYR A N   1 
ATOM 466  C CA  . TYR A 1 62  ? 14.251  8.419   11.269  1.00 37.54  ? 108 TYR A CA  1 
ATOM 467  C C   . TYR A 1 62  ? 14.644  9.881   11.125  1.00 35.27  ? 108 TYR A C   1 
ATOM 468  O O   . TYR A 1 62  ? 14.063  10.750  11.782  1.00 35.14  ? 108 TYR A O   1 
ATOM 469  C CB  . TYR A 1 62  ? 12.886  8.165   10.621  1.00 44.75  ? 108 TYR A CB  1 
ATOM 470  C CG  . TYR A 1 62  ? 12.985  7.860   9.141   1.00 52.55  ? 108 TYR A CG  1 
ATOM 471  C CD1 . TYR A 1 62  ? 13.826  6.856   8.682   1.00 47.98  ? 108 TYR A CD1 1 
ATOM 472  C CD2 . TYR A 1 62  ? 12.252  8.581   8.206   1.00 52.07  ? 108 TYR A CD2 1 
ATOM 473  C CE1 . TYR A 1 62  ? 13.933  6.574   7.338   1.00 39.54  ? 108 TYR A CE1 1 
ATOM 474  C CE2 . TYR A 1 62  ? 12.354  8.304   6.855   1.00 44.61  ? 108 TYR A CE2 1 
ATOM 475  C CZ  . TYR A 1 62  ? 13.197  7.298   6.428   1.00 41.37  ? 108 TYR A CZ  1 
ATOM 476  O OH  . TYR A 1 62  ? 13.306  7.013   5.088   1.00 43.62  ? 108 TYR A OH  1 
ATOM 477  N N   . HIS A 1 63  ? 15.630  10.144  10.264  1.00 41.08  ? 109 HIS A N   1 
ATOM 478  C CA  . HIS A 1 63  ? 16.126  11.497  10.010  1.00 45.52  ? 109 HIS A CA  1 
ATOM 479  C C   . HIS A 1 63  ? 16.651  12.155  11.282  1.00 52.61  ? 109 HIS A C   1 
ATOM 480  O O   . HIS A 1 63  ? 16.582  13.378  11.429  1.00 55.99  ? 109 HIS A O   1 
ATOM 481  C CB  . HIS A 1 63  ? 15.049  12.376  9.366   1.00 44.94  ? 109 HIS A CB  1 
ATOM 482  C CG  . HIS A 1 63  ? 14.782  12.054  7.929   1.00 49.40  ? 109 HIS A CG  1 
ATOM 483  N ND1 . HIS A 1 63  ? 13.637  12.461  7.277   1.00 51.55  ? 109 HIS A ND1 1 
ATOM 484  C CD2 . HIS A 1 63  ? 15.513  11.372  7.015   1.00 51.54  ? 109 HIS A CD2 1 
ATOM 485  C CE1 . HIS A 1 63  ? 13.672  12.040  6.026   1.00 54.13  ? 109 HIS A CE1 1 
ATOM 486  N NE2 . HIS A 1 63  ? 14.800  11.378  5.840   1.00 54.53  ? 109 HIS A NE2 1 
ATOM 487  N N   . ASP A 1 64  ? 17.186  11.346  12.200  1.00 55.58  ? 110 ASP A N   1 
ATOM 488  C CA  . ASP A 1 64  ? 17.577  11.769  13.545  1.00 63.13  ? 110 ASP A CA  1 
ATOM 489  C C   . ASP A 1 64  ? 16.386  12.255  14.369  1.00 64.82  ? 110 ASP A C   1 
ATOM 490  O O   . ASP A 1 64  ? 16.563  12.951  15.374  1.00 67.17  ? 110 ASP A O   1 
ATOM 491  C CB  . ASP A 1 64  ? 18.672  12.845  13.511  1.00 64.49  ? 110 ASP A CB  1 
ATOM 492  C CG  . ASP A 1 64  ? 20.070  12.260  13.616  1.00 63.14  ? 110 ASP A CG  1 
ATOM 493  O OD1 . ASP A 1 64  ? 20.393  11.674  14.673  1.00 63.17  ? 110 ASP A OD1 1 
ATOM 494  O OD2 . ASP A 1 64  ? 20.847  12.391  12.647  1.00 64.42  ? 110 ASP A OD2 1 
ATOM 495  N N   . PHE A 1 65  ? 15.172  11.899  13.959  1.00 57.67  ? 111 PHE A N   1 
ATOM 496  C CA  . PHE A 1 65  ? 13.961  12.149  14.722  1.00 56.47  ? 111 PHE A CA  1 
ATOM 497  C C   . PHE A 1 65  ? 13.341  10.822  15.131  1.00 56.89  ? 111 PHE A C   1 
ATOM 498  O O   . PHE A 1 65  ? 13.641  9.772   14.557  1.00 62.71  ? 111 PHE A O   1 
ATOM 499  C CB  . PHE A 1 65  ? 12.955  12.972  13.912  1.00 63.25  ? 111 PHE A CB  1 
ATOM 500  C CG  . PHE A 1 65  ? 13.308  14.418  13.816  1.00 63.90  ? 111 PHE A CG  1 
ATOM 501  C CD1 . PHE A 1 65  ? 13.835  14.939  12.647  1.00 61.73  ? 111 PHE A CD1 1 
ATOM 502  C CD2 . PHE A 1 65  ? 13.136  15.256  14.904  1.00 60.55  ? 111 PHE A CD2 1 
ATOM 503  C CE1 . PHE A 1 65  ? 14.173  16.273  12.563  1.00 57.49  ? 111 PHE A CE1 1 
ATOM 504  C CE2 . PHE A 1 65  ? 13.473  16.587  14.826  1.00 57.64  ? 111 PHE A CE2 1 
ATOM 505  C CZ  . PHE A 1 65  ? 13.999  17.093  13.656  1.00 57.47  ? 111 PHE A CZ  1 
ATOM 506  N N   . ILE A 1 66  ? 12.467  10.872  16.130  1.00 50.21  ? 112 ILE A N   1 
ATOM 507  C CA  . ILE A 1 66  ? 11.834  9.669   16.654  1.00 49.42  ? 112 ILE A CA  1 
ATOM 508  C C   . ILE A 1 66  ? 10.320  9.842   16.626  1.00 47.39  ? 112 ILE A C   1 
ATOM 509  O O   . ILE A 1 66  ? 9.800   10.939  16.859  1.00 50.12  ? 112 ILE A O   1 
ATOM 510  C CB  . ILE A 1 66  ? 12.348  9.326   18.071  1.00 56.60  ? 112 ILE A CB  1 
ATOM 511  C CG1 . ILE A 1 66  ? 11.947  7.898   18.452  1.00 56.13  ? 112 ILE A CG1 1 
ATOM 512  C CG2 . ILE A 1 66  ? 11.868  10.342  19.102  1.00 62.45  ? 112 ILE A CG2 1 
ATOM 513  C CD1 . ILE A 1 66  ? 12.701  6.828   17.681  1.00 55.52  ? 112 ILE A CD1 1 
ATOM 514  N N   . LEU A 1 67  ? 9.620   8.742   16.337  1.00 48.23  ? 113 LEU A N   1 
ATOM 515  C CA  . LEU A 1 67  ? 8.196   8.731   16.000  1.00 42.73  ? 113 LEU A CA  1 
ATOM 516  C C   . LEU A 1 67  ? 7.388   8.554   17.276  1.00 38.34  ? 113 LEU A C   1 
ATOM 517  O O   . LEU A 1 67  ? 7.178   7.427   17.735  1.00 30.56  ? 113 LEU A O   1 
ATOM 518  C CB  . LEU A 1 67  ? 7.892   7.595   15.025  1.00 38.75  ? 113 LEU A CB  1 
ATOM 519  C CG  . LEU A 1 67  ? 8.641   7.464   13.695  1.00 37.94  ? 113 LEU A CG  1 
ATOM 520  C CD1 . LEU A 1 67  ? 8.735   8.794   13.003  1.00 34.96  ? 113 LEU A CD1 1 
ATOM 521  C CD2 . LEU A 1 67  ? 10.027  6.864   13.889  1.00 40.69  ? 113 LEU A CD2 1 
ATOM 522  N N   . GLU A 1 68  ? 6.890   9.653   17.843  1.00 45.62  ? 114 GLU A N   1 
ATOM 523  C CA  . GLU A 1 68  ? 6.227   9.528   19.137  1.00 53.00  ? 114 GLU A CA  1 
ATOM 524  C C   . GLU A 1 68  ? 4.753   9.148   18.970  1.00 44.79  ? 114 GLU A C   1 
ATOM 525  O O   . GLU A 1 68  ? 4.215   8.367   19.758  1.00 42.84  ? 114 GLU A O   1 
ATOM 526  C CB  . GLU A 1 68  ? 6.406   10.809  19.963  1.00 62.04  ? 114 GLU A CB  1 
ATOM 527  C CG  . GLU A 1 68  ? 5.447   11.957  19.707  1.00 65.53  ? 114 GLU A CG  1 
ATOM 528  C CD  . GLU A 1 68  ? 5.244   12.805  20.959  1.00 62.91  ? 114 GLU A CD  1 
ATOM 529  O OE1 . GLU A 1 68  ? 4.102   12.851  21.463  1.00 56.61  ? 114 GLU A OE1 1 
ATOM 530  O OE2 . GLU A 1 68  ? 6.231   13.407  21.436  1.00 65.77  ? 114 GLU A OE2 1 
ATOM 531  N N   . ASP A 1 69  ? 4.084   9.656   17.935  1.00 48.39  ? 115 ASP A N   1 
ATOM 532  C CA  . ASP A 1 69  ? 2.696   9.277   17.651  1.00 51.02  ? 115 ASP A CA  1 
ATOM 533  C C   . ASP A 1 69  ? 2.603   8.105   16.683  1.00 40.19  ? 115 ASP A C   1 
ATOM 534  O O   . ASP A 1 69  ? 1.679   8.042   15.868  1.00 36.88  ? 115 ASP A O   1 
ATOM 535  C CB  . ASP A 1 69  ? 1.901   10.464  17.105  1.00 56.90  ? 115 ASP A CB  1 
ATOM 536  C CG  . ASP A 1 69  ? 2.106   11.726  17.908  1.00 61.64  ? 115 ASP A CG  1 
ATOM 537  O OD1 . ASP A 1 69  ? 1.203   12.084  18.690  1.00 62.89  ? 115 ASP A OD1 1 
ATOM 538  O OD2 . ASP A 1 69  ? 3.151   12.387  17.729  1.00 64.33  ? 115 ASP A OD2 1 
ATOM 539  N N   . ALA A 1 70  ? 3.537   7.154   16.759  1.00 37.07  ? 116 ALA A N   1 
ATOM 540  C CA  . ALA A 1 70  ? 3.575   6.072   15.781  1.00 38.70  ? 116 ALA A CA  1 
ATOM 541  C C   . ALA A 1 70  ? 2.332   5.190   15.824  1.00 39.55  ? 116 ALA A C   1 
ATOM 542  O O   . ALA A 1 70  ? 2.041   4.505   14.839  1.00 36.86  ? 116 ALA A O   1 
ATOM 543  C CB  . ALA A 1 70  ? 4.826   5.220   15.994  1.00 38.62  ? 116 ALA A CB  1 
ATOM 544  N N   . ALA A 1 71  ? 1.588   5.198   16.927  1.00 39.94  ? 117 ALA A N   1 
ATOM 545  C CA  . ALA A 1 71  ? 0.430   4.325   17.065  1.00 43.67  ? 117 ALA A CA  1 
ATOM 546  C C   . ALA A 1 71  ? -0.868  4.955   16.576  1.00 39.64  ? 117 ALA A C   1 
ATOM 547  O O   . ALA A 1 71  ? -1.898  4.274   16.567  1.00 29.68  ? 117 ALA A O   1 
ATOM 548  C CB  . ALA A 1 71  ? 0.262   3.899   18.528  1.00 43.73  ? 117 ALA A CB  1 
ATOM 549  N N   . SER A 1 72  ? -0.846  6.219   16.166  1.00 40.46  ? 118 SER A N   1 
ATOM 550  C CA  . SER A 1 72  ? -2.081  6.888   15.783  1.00 36.32  ? 118 SER A CA  1 
ATOM 551  C C   . SER A 1 72  ? -2.645  6.258   14.505  1.00 36.82  ? 118 SER A C   1 
ATOM 552  O O   . SER A 1 72  ? -1.887  5.870   13.615  1.00 37.21  ? 118 SER A O   1 
ATOM 553  C CB  . SER A 1 72  ? -1.838  8.383   15.577  1.00 38.49  ? 118 SER A CB  1 
ATOM 554  O OG  . SER A 1 72  ? -0.564  8.624   15.008  1.00 40.88  ? 118 SER A OG  1 
ATOM 555  N N   . PRO A 1 73  ? -3.973  6.164   14.385  1.00 38.93  ? 119 PRO A N   1 
ATOM 556  C CA  . PRO A 1 73  ? -4.534  5.407   13.256  1.00 43.07  ? 119 PRO A CA  1 
ATOM 557  C C   . PRO A 1 73  ? -4.426  6.133   11.932  1.00 50.72  ? 119 PRO A C   1 
ATOM 558  O O   . PRO A 1 73  ? -4.306  5.477   10.889  1.00 56.24  ? 119 PRO A O   1 
ATOM 559  C CB  . PRO A 1 73  ? -5.998  5.203   13.670  1.00 46.32  ? 119 PRO A CB  1 
ATOM 560  C CG  . PRO A 1 73  ? -6.206  6.037   14.920  1.00 46.11  ? 119 PRO A CG  1 
ATOM 561  C CD  . PRO A 1 73  ? -5.010  6.895   15.120  1.00 43.23  ? 119 PRO A CD  1 
ATOM 562  N N   . THR A 1 74  ? -4.463  7.460   11.937  1.00 49.63  ? 120 THR A N   1 
ATOM 563  C CA  . THR A 1 74  ? -4.311  8.257   10.731  1.00 49.75  ? 120 THR A CA  1 
ATOM 564  C C   . THR A 1 74  ? -3.126  9.202   10.890  1.00 54.86  ? 120 THR A C   1 
ATOM 565  O O   . THR A 1 74  ? -2.952  9.831   11.941  1.00 48.39  ? 120 THR A O   1 
ATOM 566  C CB  . THR A 1 74  ? -5.591  9.044   10.416  1.00 57.02  ? 120 THR A CB  1 
ATOM 567  O OG1 . THR A 1 74  ? -5.984  9.798   11.568  1.00 63.32  ? 120 THR A OG1 1 
ATOM 568  C CG2 . THR A 1 74  ? -6.726  8.094   10.035  1.00 56.24  ? 120 THR A CG2 1 
ATOM 569  N N   . CYS A 1 75  ? -2.312  9.273   9.840   1.00 66.72  ? 121 CYS A N   1 
ATOM 570  C CA  . CYS A 1 75  ? -1.134  10.133  9.799   1.00 72.10  ? 121 CYS A CA  1 
ATOM 571  C C   . CYS A 1 75  ? -1.478  11.610  10.001  1.00 72.47  ? 121 CYS A C   1 
ATOM 572  O O   . CYS A 1 75  ? -2.456  12.121  9.449   1.00 72.99  ? 121 CYS A O   1 
ATOM 573  C CB  . CYS A 1 75  ? -0.428  9.929   8.459   1.00 76.59  ? 121 CYS A CB  1 
ATOM 574  S SG  . CYS A 1 75  ? 0.603   11.303  7.900   1.00 74.98  ? 121 CYS A SG  1 
ATOM 575  N N   . ILE A 1 76  ? -0.650  12.301  10.792  1.00 73.17  ? 122 ILE A N   1 
ATOM 576  C CA  . ILE A 1 76  ? -0.800  13.729  11.082  1.00 70.06  ? 122 ILE A CA  1 
ATOM 577  C C   . ILE A 1 76  ? 0.588   14.362  11.129  1.00 66.02  ? 122 ILE A C   1 
ATOM 578  O O   . ILE A 1 76  ? 1.473   13.865  11.832  1.00 62.98  ? 122 ILE A O   1 
ATOM 579  C CB  . ILE A 1 76  ? -1.541  13.979  12.413  1.00 59.92  ? 122 ILE A CB  1 
ATOM 580  C CG1 . ILE A 1 76  ? -2.915  13.298  12.424  1.00 47.56  ? 122 ILE A CG1 1 
ATOM 581  C CG2 . ILE A 1 76  ? -1.677  15.471  12.675  1.00 66.63  ? 122 ILE A CG2 1 
ATOM 582  C CD1 . ILE A 1 76  ? -4.002  14.071  11.713  1.00 47.13  ? 122 ILE A CD1 1 
ATOM 583  N N   . MET A 1 77  ? 0.774   15.464  10.403  1.00 61.69  ? 123 MET A N   1 
ATOM 584  C CA  . MET A 1 77  ? 2.088   16.078  10.225  1.00 63.57  ? 123 MET A CA  1 
ATOM 585  C C   . MET A 1 77  ? 2.323   17.194  11.234  1.00 70.26  ? 123 MET A C   1 
ATOM 586  O O   . MET A 1 77  ? 1.474   18.076  11.399  1.00 76.92  ? 123 MET A O   1 
ATOM 587  C CB  . MET A 1 77  ? 2.243   16.645  8.816   1.00 62.83  ? 123 MET A CB  1 
ATOM 588  C CG  . MET A 1 77  ? 2.178   15.623  7.713   1.00 58.38  ? 123 MET A CG  1 
ATOM 589  S SD  . MET A 1 77  ? 3.614   14.546  7.575   1.00 52.02  ? 123 MET A SD  1 
ATOM 590  C CE  . MET A 1 77  ? 3.666   14.309  5.801   1.00 49.67  ? 123 MET A CE  1 
ATOM 591  N N   . LYS A 1 78  ? 3.495   17.170  11.872  1.00 67.85  ? 124 LYS A N   1 
ATOM 592  C CA  . LYS A 1 78  ? 3.956   18.224  12.764  1.00 60.76  ? 124 LYS A CA  1 
ATOM 593  C C   . LYS A 1 78  ? 5.375   18.613  12.373  1.00 60.64  ? 124 LYS A C   1 
ATOM 594  O O   . LYS A 1 78  ? 6.171   17.755  11.979  1.00 64.18  ? 124 LYS A O   1 
ATOM 595  C CB  . LYS A 1 78  ? 3.922   17.771  14.231  1.00 60.56  ? 124 LYS A CB  1 
ATOM 596  C CG  . LYS A 1 78  ? 2.552   17.323  14.716  1.00 59.07  ? 124 LYS A CG  1 
ATOM 597  C CD  . LYS A 1 78  ? 1.495   18.383  14.448  1.00 58.08  ? 124 LYS A CD  1 
ATOM 598  C CE  . LYS A 1 78  ? 0.218   18.118  15.231  1.00 56.45  ? 124 LYS A CE  1 
ATOM 599  N NZ  . LYS A 1 78  ? -0.932  18.895  14.689  1.00 57.24  ? 124 LYS A NZ  1 
ATOM 600  N N   . GLU A 1 79  ? 5.692   19.903  12.485  1.00 59.75  ? 125 GLU A N   1 
ATOM 601  C CA  . GLU A 1 79  ? 7.019   20.375  12.103  1.00 54.97  ? 125 GLU A CA  1 
ATOM 602  C C   . GLU A 1 79  ? 8.080   19.816  13.040  1.00 47.28  ? 125 GLU A C   1 
ATOM 603  O O   . GLU A 1 79  ? 7.935   19.870  14.265  1.00 43.72  ? 125 GLU A O   1 
ATOM 604  C CB  . GLU A 1 79  ? 7.089   21.900  12.119  1.00 59.22  ? 125 GLU A CB  1 
ATOM 605  C CG  . GLU A 1 79  ? 5.871   22.626  11.601  1.00 68.08  ? 125 GLU A CG  1 
ATOM 606  C CD  . GLU A 1 79  ? 5.818   24.053  12.112  1.00 75.76  ? 125 GLU A CD  1 
ATOM 607  O OE1 . GLU A 1 79  ? 6.618   24.385  13.013  1.00 80.37  ? 125 GLU A OE1 1 
ATOM 608  O OE2 . GLU A 1 79  ? 4.988   24.841  11.614  1.00 74.56  ? 125 GLU A OE2 1 
ATOM 609  N N   . LYS A 1 80  ? 9.156   19.294  12.459  1.00 50.63  ? 126 LYS A N   1 
ATOM 610  C CA  . LYS A 1 80  ? 10.299  18.812  13.219  1.00 58.96  ? 126 LYS A CA  1 
ATOM 611  C C   . LYS A 1 80  ? 11.450  19.811  13.248  1.00 68.83  ? 126 LYS A C   1 
ATOM 612  O O   . LYS A 1 80  ? 12.477  19.529  13.869  1.00 71.46  ? 126 LYS A O   1 
ATOM 613  C CB  . LYS A 1 80  ? 10.775  17.471  12.652  1.00 63.76  ? 126 LYS A CB  1 
ATOM 614  C CG  . LYS A 1 80  ? 9.669   16.442  12.474  1.00 74.89  ? 126 LYS A CG  1 
ATOM 615  C CD  . LYS A 1 80  ? 9.620   15.479  13.644  1.00 75.17  ? 126 LYS A CD  1 
ATOM 616  C CE  . LYS A 1 80  ? 8.253   14.827  13.765  1.00 81.37  ? 126 LYS A CE  1 
ATOM 617  N NZ  . LYS A 1 80  ? 7.207   15.808  14.177  1.00 82.11  ? 126 LYS A NZ  1 
ATOM 618  N N   . LYS A 1 81  ? 11.296  20.964  12.592  1.00 78.37  ? 127 LYS A N   1 
ATOM 619  C CA  . LYS A 1 81  ? 12.249  22.086  12.639  1.00 84.42  ? 127 LYS A CA  1 
ATOM 620  C C   . LYS A 1 81  ? 13.695  21.654  12.369  1.00 85.45  ? 127 LYS A C   1 
ATOM 621  O O   . LYS A 1 81  ? 14.635  22.098  13.031  1.00 82.00  ? 127 LYS A O   1 
ATOM 622  C CB  . LYS A 1 81  ? 12.142  22.860  13.966  1.00 30.00  ? 127 LYS A CB  1 
ATOM 623  C CG  . LYS A 1 81  ? 12.631  22.135  15.226  1.00 30.00  ? 127 LYS A CG  1 
ATOM 624  C CD  . LYS A 1 81  ? 12.439  22.949  16.491  1.00 30.00  ? 127 LYS A CD  1 
ATOM 625  C CE  . LYS A 1 81  ? 12.795  22.117  17.715  1.00 30.00  ? 127 LYS A CE  1 
ATOM 626  N NZ  . LYS A 1 81  ? 12.579  22.855  18.989  1.00 30.00  ? 127 LYS A NZ  1 
ATOM 627  N N   . LYS A 1 82  ? 13.885  20.803  11.366  1.00 85.50  ? 128 LYS A N   1 
ATOM 628  C CA  . LYS A 1 82  ? 15.237  20.555  10.881  1.00 78.35  ? 128 LYS A CA  1 
ATOM 629  C C   . LYS A 1 82  ? 15.788  21.857  10.276  1.00 89.61  ? 128 LYS A C   1 
ATOM 630  O O   . LYS A 1 82  ? 15.050  22.587  9.616   1.00 80.18  ? 128 LYS A O   1 
ATOM 631  C CB  . LYS A 1 82  ? 15.249  19.431  9.840   1.00 78.60  ? 128 LYS A CB  1 
ATOM 632  C CG  . LYS A 1 82  ? 16.643  18.908  9.467   1.00 74.42  ? 128 LYS A CG  1 
ATOM 633  C CD  . LYS A 1 82  ? 16.592  17.664  8.590   1.00 76.55  ? 128 LYS A CD  1 
ATOM 634  C CE  . LYS A 1 82  ? 16.668  16.397  9.411   1.00 73.30  ? 128 LYS A CE  1 
ATOM 635  N NZ  . LYS A 1 82  ? 17.724  16.504  10.446  1.00 74.46  ? 128 LYS A NZ  1 
ATOM 636  N N   . PRO A 1 83  ? 17.065  22.167  10.512  1.00 79.55  ? 129 PRO A N   1 
ATOM 637  C CA  . PRO A 1 83  ? 17.563  23.500  10.125  1.00 89.22  ? 129 PRO A CA  1 
ATOM 638  C C   . PRO A 1 83  ? 17.683  23.677  8.622   1.00 82.57  ? 129 PRO A C   1 
ATOM 639  O O   . PRO A 1 83  ? 18.127  22.784  7.897   1.00 89.49  ? 129 PRO A O   1 
ATOM 640  C CB  . PRO A 1 83  ? 18.940  23.559  10.802  1.00 86.76  ? 129 PRO A CB  1 
ATOM 641  C CG  . PRO A 1 83  ? 19.349  22.131  10.933  1.00 86.12  ? 129 PRO A CG  1 
ATOM 642  C CD  . PRO A 1 83  ? 18.077  21.400  11.246  1.00 84.53  ? 129 PRO A CD  1 
ATOM 643  N N   . GLY A 1 84  ? 17.289  24.865  8.160   1.00 81.46  ? 130 GLY A N   1 
ATOM 644  C CA  . GLY A 1 84  ? 17.428  25.254  6.773   1.00 85.63  ? 130 GLY A CA  1 
ATOM 645  C C   . GLY A 1 84  ? 16.284  24.866  5.867   1.00 91.92  ? 130 GLY A C   1 
ATOM 646  O O   . GLY A 1 84  ? 16.338  25.167  4.669   1.00 97.81  ? 130 GLY A O   1 
ATOM 647  N N   . GLU A 1 85  ? 15.247  24.225  6.393   1.00 88.62  ? 131 GLU A N   1 
ATOM 648  C CA  . GLU A 1 85  ? 14.205  23.677  5.540   1.00 89.23  ? 131 GLU A CA  1 
ATOM 649  C C   . GLU A 1 85  ? 12.894  23.650  6.309   1.00 87.38  ? 131 GLU A C   1 
ATOM 650  O O   . GLU A 1 85  ? 12.870  23.721  7.539   1.00 92.44  ? 131 GLU A O   1 
ATOM 651  C CB  . GLU A 1 85  ? 14.565  22.266  5.070   1.00 91.17  ? 131 GLU A CB  1 
ATOM 652  C CG  . GLU A 1 85  ? 14.055  21.195  6.007   1.00 89.83  ? 131 GLU A CG  1 
ATOM 653  C CD  . GLU A 1 85  ? 14.930  19.971  6.028   1.00 90.09  ? 131 GLU A CD  1 
ATOM 654  O OE1 . GLU A 1 85  ? 15.875  19.879  5.220   1.00 95.43  ? 131 GLU A OE1 1 
ATOM 655  O OE2 . GLU A 1 85  ? 14.656  19.091  6.851   1.00 89.91  ? 131 GLU A OE2 1 
ATOM 656  N N   . THR A 1 86  ? 11.804  23.549  5.560   1.00 83.22  ? 132 THR A N   1 
ATOM 657  C CA  . THR A 1 86  ? 10.516  23.201  6.145   1.00 81.66  ? 132 THR A CA  1 
ATOM 658  C C   . THR A 1 86  ? 10.402  21.678  6.188   1.00 81.64  ? 132 THR A C   1 
ATOM 659  O O   . THR A 1 86  ? 10.484  21.016  5.147   1.00 87.84  ? 132 THR A O   1 
ATOM 660  C CB  . THR A 1 86  ? 9.387   23.824  5.325   1.00 99.30  ? 132 THR A CB  1 
ATOM 661  O OG1 . THR A 1 86  ? 9.225   25.204  5.673   1.00 103.23 ? 132 THR A OG1 1 
ATOM 662  C CG2 . THR A 1 86  ? 8.098   23.101  5.547   1.00 99.94  ? 132 THR A CG2 1 
ATOM 663  N N   . PHE A 1 87  ? 10.247  21.116  7.388   1.00 66.39  ? 133 PHE A N   1 
ATOM 664  C CA  . PHE A 1 87  ? 10.284  19.669  7.586   1.00 60.55  ? 133 PHE A CA  1 
ATOM 665  C C   . PHE A 1 87  ? 9.067   19.219  8.380   1.00 55.20  ? 133 PHE A C   1 
ATOM 666  O O   . PHE A 1 87  ? 8.799   19.745  9.463   1.00 57.00  ? 133 PHE A O   1 
ATOM 667  C CB  . PHE A 1 87  ? 11.568  19.239  8.310   1.00 54.36  ? 133 PHE A CB  1 
ATOM 668  C CG  . PHE A 1 87  ? 11.780  17.744  8.349   1.00 49.47  ? 133 PHE A CG  1 
ATOM 669  C CD1 . PHE A 1 87  ? 10.999  16.930  9.153   1.00 38.65  ? 133 PHE A CD1 1 
ATOM 670  C CD2 . PHE A 1 87  ? 12.762  17.156  7.581   1.00 49.69  ? 133 PHE A CD2 1 
ATOM 671  C CE1 . PHE A 1 87  ? 11.196  15.565  9.178   1.00 38.24  ? 133 PHE A CE1 1 
ATOM 672  C CE2 . PHE A 1 87  ? 12.968  15.796  7.606   1.00 51.28  ? 133 PHE A CE2 1 
ATOM 673  C CZ  . PHE A 1 87  ? 12.184  14.999  8.403   1.00 42.92  ? 133 PHE A CZ  1 
ATOM 674  N N   . PHE A 1 88  ? 8.351   18.228  7.844   1.00 53.38  ? 134 PHE A N   1 
ATOM 675  C CA  . PHE A 1 88  ? 7.140   17.682  8.443   1.00 44.33  ? 134 PHE A CA  1 
ATOM 676  C C   . PHE A 1 88  ? 7.209   16.158  8.407   1.00 40.47  ? 134 PHE A C   1 
ATOM 677  O O   . PHE A 1 88  ? 7.777   15.574  7.478   1.00 42.15  ? 134 PHE A O   1 
ATOM 678  C CB  . PHE A 1 88  ? 5.879   18.168  7.701   1.00 44.75  ? 134 PHE A CB  1 
ATOM 679  C CG  . PHE A 1 88  ? 5.566   19.636  7.891   1.00 45.09  ? 134 PHE A CG  1 
ATOM 680  C CD1 . PHE A 1 88  ? 6.471   20.623  7.555   1.00 52.80  ? 134 PHE A CD1 1 
ATOM 681  C CD2 . PHE A 1 88  ? 4.335   20.025  8.378   1.00 50.54  ? 134 PHE A CD2 1 
ATOM 682  C CE1 . PHE A 1 88  ? 6.162   21.954  7.739   1.00 62.63  ? 134 PHE A CE1 1 
ATOM 683  C CE2 . PHE A 1 88  ? 4.023   21.364  8.543   1.00 59.66  ? 134 PHE A CE2 1 
ATOM 684  C CZ  . PHE A 1 88  ? 4.941   22.326  8.218   1.00 66.38  ? 134 PHE A CZ  1 
ATOM 685  N N   . MET A 1 89  ? 6.624   15.508  9.416   1.00 42.23  ? 135 MET A N   1 
ATOM 686  C CA  . MET A 1 89  ? 6.697   14.051  9.521   1.00 43.85  ? 135 MET A CA  1 
ATOM 687  C C   . MET A 1 89  ? 5.451   13.508  10.216  1.00 38.79  ? 135 MET A C   1 
ATOM 688  O O   . MET A 1 89  ? 4.729   14.243  10.891  1.00 38.16  ? 135 MET A O   1 
ATOM 689  C CB  . MET A 1 89  ? 7.967   13.610  10.266  1.00 52.77  ? 135 MET A CB  1 
ATOM 690  C CG  . MET A 1 89  ? 8.284   12.126  10.140  1.00 60.42  ? 135 MET A CG  1 
ATOM 691  S SD  . MET A 1 89  ? 9.949   11.662  10.645  1.00 70.44  ? 135 MET A SD  1 
ATOM 692  C CE  . MET A 1 89  ? 9.876   12.016  12.395  1.00 74.28  ? 135 MET A CE  1 
ATOM 693  N N   . CYS A 1 90  ? 5.197   12.208  10.036  1.00 37.99  ? 136 CYS A N   1 
ATOM 694  C CA  . CYS A 1 90  ? 4.048   11.540  10.645  1.00 39.88  ? 136 CYS A CA  1 
ATOM 695  C C   . CYS A 1 90  ? 4.271   10.029  10.645  1.00 28.98  ? 136 CYS A C   1 
ATOM 696  O O   . CYS A 1 90  ? 5.286   9.529   10.150  1.00 27.87  ? 136 CYS A O   1 
ATOM 697  C CB  . CYS A 1 90  ? 2.760   11.877  9.902   1.00 51.39  ? 136 CYS A CB  1 
ATOM 698  S SG  . CYS A 1 90  ? 2.510   10.860  8.448   1.00 64.20  ? 136 CYS A SG  1 
ATOM 699  N N   . SER A 1 91  ? 3.283   9.298   11.167  1.00 23.85  ? 137 SER A N   1 
ATOM 700  C CA  . SER A 1 91  ? 3.414   7.860   11.365  1.00 22.60  ? 137 SER A CA  1 
ATOM 701  C C   . SER A 1 91  ? 2.044   7.209   11.558  1.00 21.32  ? 137 SER A C   1 
ATOM 702  O O   . SER A 1 91  ? 1.166   7.778   12.214  1.00 29.86  ? 137 SER A O   1 
ATOM 703  C CB  . SER A 1 91  ? 4.311   7.577   12.569  1.00 35.74  ? 137 SER A CB  1 
ATOM 704  O OG  . SER A 1 91  ? 5.019   6.375   12.389  1.00 51.31  ? 137 SER A OG  1 
ATOM 705  N N   . CYS A 1 92  ? 1.887   5.999   11.014  1.00 15.62  ? 138 CYS A N   1 
ATOM 706  C CA  . CYS A 1 92  ? 0.626   5.266   11.010  1.00 25.97  ? 138 CYS A CA  1 
ATOM 707  C C   . CYS A 1 92  ? 0.699   4.000   11.843  1.00 33.07  ? 138 CYS A C   1 
ATOM 708  O O   . CYS A 1 92  ? 1.717   3.316   11.868  1.00 3.74   ? 138 CYS A O   1 
ATOM 709  C CB  . CYS A 1 92  ? 0.240   4.795   9.611   1.00 42.90  ? 138 CYS A CB  1 
ATOM 710  S SG  . CYS A 1 92  ? 1.393   3.590   8.750   1.00 52.25  ? 138 CYS A SG  1 
ATOM 711  N N   . SER A 1 93  ? -0.434  3.597   12.394  1.00 36.95  ? 139 SER A N   1 
ATOM 712  C CA  . SER A 1 93  ? -0.579  2.212   12.795  1.00 33.03  ? 139 SER A CA  1 
ATOM 713  C C   . SER A 1 93  ? -1.591  1.474   11.930  1.00 43.31  ? 139 SER A C   1 
ATOM 714  O O   . SER A 1 93  ? -1.761  0.265   12.102  1.00 52.11  ? 139 SER A O   1 
ATOM 715  C CB  . SER A 1 93  ? -0.957  2.113   14.278  1.00 30.02  ? 139 SER A CB  1 
ATOM 716  O OG  . SER A 1 93  ? -2.319  2.424   14.490  1.00 31.84  ? 139 SER A OG  1 
ATOM 717  N N   . SER A 1 94  ? -2.243  2.158   10.986  1.00 45.26  ? 140 SER A N   1 
ATOM 718  C CA  . SER A 1 94  ? -3.237  1.539   10.119  1.00 49.92  ? 140 SER A CA  1 
ATOM 719  C C   . SER A 1 94  ? -2.596  1.023   8.832   1.00 55.87  ? 140 SER A C   1 
ATOM 720  O O   . SER A 1 94  ? -1.406  1.213   8.576   1.00 58.30  ? 140 SER A O   1 
ATOM 721  C CB  . SER A 1 94  ? -4.364  2.521   9.792   1.00 45.40  ? 140 SER A CB  1 
ATOM 722  O OG  . SER A 1 94  ? -5.473  2.330   10.652  1.00 42.19  ? 140 SER A OG  1 
ATOM 723  N N   . ASP A 1 95  ? -3.407  0.367   8.007   1.00 62.93  ? 141 ASP A N   1 
ATOM 724  C CA  . ASP A 1 95  ? -2.906  -0.303  6.814   1.00 65.15  ? 141 ASP A CA  1 
ATOM 725  C C   . ASP A 1 95  ? -2.995  0.657   5.629   1.00 57.04  ? 141 ASP A C   1 
ATOM 726  O O   . ASP A 1 95  ? -4.090  0.954   5.136   1.00 44.73  ? 141 ASP A O   1 
ATOM 727  C CB  . ASP A 1 95  ? -3.677  -1.600  6.575   1.00 68.93  ? 141 ASP A CB  1 
ATOM 728  C CG  . ASP A 1 95  ? -2.760  -2.757  6.283   1.00 68.81  ? 141 ASP A CG  1 
ATOM 729  O OD1 . ASP A 1 95  ? -1.706  -2.493  5.702   1.00 63.81  ? 141 ASP A OD1 1 
ATOM 730  O OD2 . ASP A 1 95  ? -3.064  -3.912  6.647   1.00 73.25  ? 141 ASP A OD2 1 
ATOM 731  N N   . GLU A 1 96  ? -1.827  1.142   5.187   1.00 66.43  ? 142 GLU A N   1 
ATOM 732  C CA  . GLU A 1 96  ? -1.657  2.188   4.168   1.00 66.53  ? 142 GLU A CA  1 
ATOM 733  C C   . GLU A 1 96  ? -2.232  3.518   4.638   1.00 65.38  ? 142 GLU A C   1 
ATOM 734  O O   . GLU A 1 96  ? -2.832  4.269   3.865   1.00 66.28  ? 142 GLU A O   1 
ATOM 735  C CB  . GLU A 1 96  ? -2.230  1.778   2.811   1.00 68.45  ? 142 GLU A CB  1 
ATOM 736  C CG  . GLU A 1 96  ? -1.439  2.354   1.657   1.00 73.17  ? 142 GLU A CG  1 
ATOM 737  C CD  . GLU A 1 96  ? -0.120  1.620   1.467   1.00 82.14  ? 142 GLU A CD  1 
ATOM 738  O OE1 . GLU A 1 96  ? 0.408   1.057   2.421   1.00 83.86  ? 142 GLU A OE1 1 
ATOM 739  O OE2 . GLU A 1 96  ? 0.379   1.544   0.347   1.00 84.70  ? 142 GLU A OE2 1 
ATOM 740  N N   . CYS A 1 97  ? -2.087  3.762   5.935   1.00 46.72  ? 143 CYS A N   1 
ATOM 741  C CA  . CYS A 1 97  ? -2.083  5.085   6.539   1.00 36.83  ? 143 CYS A CA  1 
ATOM 742  C C   . CYS A 1 97  ? -1.780  6.237   5.590   1.00 41.25  ? 143 CYS A C   1 
ATOM 743  O O   . CYS A 1 97  ? -2.658  7.032   5.236   1.00 51.23  ? 143 CYS A O   1 
ATOM 744  C CB  . CYS A 1 97  ? -1.024  5.078   7.623   1.00 38.60  ? 143 CYS A CB  1 
ATOM 745  S SG  . CYS A 1 97  ? 0.651   4.436   7.049   1.00 40.32  ? 143 CYS A SG  1 
ATOM 746  N N   . ASN A 1 98  ? -0.511  6.337   5.203   1.00 37.50  ? 144 ASN A N   1 
ATOM 747  C CA  . ASN A 1 98  ? 0.085   7.565   4.696   1.00 32.64  ? 144 ASN A CA  1 
ATOM 748  C C   . ASN A 1 98  ? -0.260  7.827   3.238   1.00 28.70  ? 144 ASN A C   1 
ATOM 749  O O   . ASN A 1 98  ? 0.533   8.432   2.510   1.00 29.33  ? 144 ASN A O   1 
ATOM 750  C CB  . ASN A 1 98  ? 1.604   7.508   4.880   1.00 27.14  ? 144 ASN A CB  1 
ATOM 751  C CG  . ASN A 1 98  ? 2.211   6.241   4.308   1.00 28.01  ? 144 ASN A CG  1 
ATOM 752  O OD1 . ASN A 1 98  ? 1.500   5.300   3.945   1.00 22.74  ? 144 ASN A OD1 1 
ATOM 753  N ND2 . ASN A 1 98  ? 3.532   6.203   4.242   1.00 32.88  ? 144 ASN A ND2 1 
ATOM 754  N N   . ASP A 1 99  ? -1.438  7.383   2.800   1.00 22.69  ? 145 ASP A N   1 
ATOM 755  C CA  . ASP A 1 99  ? -1.917  7.800   1.491   1.00 22.45  ? 145 ASP A CA  1 
ATOM 756  C C   . ASP A 1 99  ? -2.605  9.153   1.563   1.00 33.57  ? 145 ASP A C   1 
ATOM 757  O O   . ASP A 1 99  ? -2.539  9.927   0.603   1.00 43.77  ? 145 ASP A O   1 
ATOM 758  C CB  . ASP A 1 99  ? -2.864  6.753   0.909   1.00 23.47  ? 145 ASP A CB  1 
ATOM 759  C CG  . ASP A 1 99  ? -3.113  6.962   -0.565  1.00 21.93  ? 145 ASP A CG  1 
ATOM 760  O OD1 . ASP A 1 99  ? -2.198  7.464   -1.249  1.00 25.47  ? 145 ASP A OD1 1 
ATOM 761  O OD2 . ASP A 1 99  ? -4.219  6.631   -1.042  1.00 17.41  ? 145 ASP A OD2 1 
ATOM 762  N N   . ASN A 1 100 ? -3.260  9.459   2.681   1.00 44.04  ? 146 ASN A N   1 
ATOM 763  C CA  . ASN A 1 100 ? -3.859  10.768  2.905   1.00 51.86  ? 146 ASN A CA  1 
ATOM 764  C C   . ASN A 1 100 ? -3.164  11.429  4.083   1.00 46.22  ? 146 ASN A C   1 
ATOM 765  O O   . ASN A 1 100 ? -3.235  10.934  5.214   1.00 43.73  ? 146 ASN A O   1 
ATOM 766  C CB  . ASN A 1 100 ? -5.365  10.670  3.158   1.00 62.95  ? 146 ASN A CB  1 
ATOM 767  C CG  . ASN A 1 100 ? -6.074  11.992  2.927   1.00 64.38  ? 146 ASN A CG  1 
ATOM 768  O OD1 . ASN A 1 100 ? -5.579  12.853  2.200   1.00 65.86  ? 146 ASN A OD1 1 
ATOM 769  N ND2 . ASN A 1 100 ? -7.228  12.167  3.558   1.00 65.31  ? 146 ASN A ND2 1 
ATOM 770  N N   . ILE A 1 101 ? -2.499  12.543  3.813   1.00 42.43  ? 147 ILE A N   1 
ATOM 771  C CA  . ILE A 1 101 ? -1.779  13.308  4.822   1.00 44.36  ? 147 ILE A CA  1 
ATOM 772  C C   . ILE A 1 101 ? -2.695  14.408  5.334   1.00 47.93  ? 147 ILE A C   1 
ATOM 773  O O   . ILE A 1 101 ? -3.329  15.105  4.539   1.00 46.90  ? 147 ILE A O   1 
ATOM 774  C CB  . ILE A 1 101 ? -0.494  13.901  4.226   1.00 37.96  ? 147 ILE A CB  1 
ATOM 775  C CG1 . ILE A 1 101 ? 0.471   12.792  3.812   1.00 27.26  ? 147 ILE A CG1 1 
ATOM 776  C CG2 . ILE A 1 101 ? 0.130   14.870  5.183   1.00 40.89  ? 147 ILE A CG2 1 
ATOM 777  C CD1 . ILE A 1 101 ? 0.559   12.613  2.313   1.00 22.50  ? 147 ILE A CD1 1 
ATOM 778  N N   . ILE A 1 102 ? -2.760  14.580  6.653   1.00 45.80  ? 148 ILE A N   1 
ATOM 779  C CA  . ILE A 1 102 ? -3.609  15.596  7.268   1.00 44.28  ? 148 ILE A CA  1 
ATOM 780  C C   . ILE A 1 102 ? -2.734  16.543  8.076   1.00 48.07  ? 148 ILE A C   1 
ATOM 781  O O   . ILE A 1 102 ? -1.905  16.100  8.879   1.00 42.41  ? 148 ILE A O   1 
ATOM 782  C CB  . ILE A 1 102 ? -4.707  14.978  8.156   1.00 40.99  ? 148 ILE A CB  1 
ATOM 783  C CG1 . ILE A 1 102 ? -5.607  14.041  7.347   1.00 36.61  ? 148 ILE A CG1 1 
ATOM 784  C CG2 . ILE A 1 102 ? -5.547  16.068  8.803   1.00 47.08  ? 148 ILE A CG2 1 
ATOM 785  C CD1 . ILE A 1 102 ? -5.163  12.593  7.349   1.00 31.85  ? 148 ILE A CD1 1 
ATOM 786  N N   . PHE A 1 103 ? -2.923  17.844  7.865   1.00 50.12  ? 149 PHE A N   1 
ATOM 787  C CA  . PHE A 1 103 ? -2.203  18.866  8.619   1.00 48.64  ? 149 PHE A CA  1 
ATOM 788  C C   . PHE A 1 103 ? -3.110  19.521  9.655   1.00 40.20  ? 149 PHE A C   1 
ATOM 789  O O   . PHE A 1 103 ? -2.745  20.528  10.262  1.00 38.32  ? 149 PHE A O   1 
ATOM 790  C CB  . PHE A 1 103 ? -1.635  19.931  7.681   1.00 54.10  ? 149 PHE A CB  1 
ATOM 791  C CG  . PHE A 1 103 ? -0.491  19.450  6.836   1.00 56.93  ? 149 PHE A CG  1 
ATOM 792  C CD1 . PHE A 1 103 ? -0.722  18.858  5.605   1.00 59.10  ? 149 PHE A CD1 1 
ATOM 793  C CD2 . PHE A 1 103 ? 0.815   19.596  7.265   1.00 54.60  ? 149 PHE A CD2 1 
ATOM 794  C CE1 . PHE A 1 103 ? 0.329   18.416  4.823   1.00 58.13  ? 149 PHE A CE1 1 
ATOM 795  C CE2 . PHE A 1 103 ? 1.867   19.157  6.485   1.00 52.71  ? 149 PHE A CE2 1 
ATOM 796  C CZ  . PHE A 1 103 ? 1.625   18.566  5.266   1.00 53.99  ? 149 PHE A CZ  1 
ATOM 797  N N   . CYS B 2 1   ? -25.291 -25.874 -16.037 1.00 87.09  ? 315 CYS B N   1 
ATOM 798  C CA  . CYS B 2 1   ? -23.942 -26.152 -15.561 1.00 85.95  ? 315 CYS B CA  1 
ATOM 799  C C   . CYS B 2 1   ? -22.950 -26.022 -16.705 1.00 79.29  ? 315 CYS B C   1 
ATOM 800  O O   . CYS B 2 1   ? -22.274 -26.979 -17.079 1.00 79.34  ? 315 CYS B O   1 
ATOM 801  C CB  . CYS B 2 1   ? -23.870 -27.549 -14.936 1.00 88.05  ? 315 CYS B CB  1 
ATOM 802  S SG  . CYS B 2 1   ? -22.243 -28.088 -14.315 1.00 81.81  ? 315 CYS B SG  1 
ATOM 803  N N   . CYS B 2 2   ? -22.883 -24.829 -17.278 1.00 76.37  ? 316 CYS B N   1 
ATOM 804  C CA  . CYS B 2 2   ? -21.867 -24.514 -18.265 1.00 72.75  ? 316 CYS B CA  1 
ATOM 805  C C   . CYS B 2 2   ? -21.068 -23.315 -17.789 1.00 64.06  ? 316 CYS B C   1 
ATOM 806  O O   . CYS B 2 2   ? -21.568 -22.471 -17.036 1.00 63.01  ? 316 CYS B O   1 
ATOM 807  C CB  . CYS B 2 2   ? -22.468 -24.225 -19.645 1.00 68.30  ? 316 CYS B CB  1 
ATOM 808  S SG  . CYS B 2 2   ? -21.259 -24.283 -20.990 1.00 64.37  ? 316 CYS B SG  1 
ATOM 809  N N   . LEU B 2 3   ? -19.815 -23.258 -18.234 1.00 55.72  ? 317 LEU B N   1 
ATOM 810  C CA  . LEU B 2 3   ? -18.985 -22.107 -17.920 1.00 48.69  ? 317 LEU B CA  1 
ATOM 811  C C   . LEU B 2 3   ? -19.594 -20.829 -18.486 1.00 41.94  ? 317 LEU B C   1 
ATOM 812  O O   . LEU B 2 3   ? -20.314 -20.845 -19.494 1.00 41.66  ? 317 LEU B O   1 
ATOM 813  C CB  . LEU B 2 3   ? -17.548 -22.257 -18.457 1.00 51.57  ? 317 LEU B CB  1 
ATOM 814  C CG  . LEU B 2 3   ? -16.389 -21.356 -17.945 1.00 58.40  ? 317 LEU B CG  1 
ATOM 815  C CD1 . LEU B 2 3   ? -15.921 -21.815 -16.655 1.00 58.49  ? 317 LEU B CD1 1 
ATOM 816  C CD2 . LEU B 2 3   ? -15.177 -21.284 -18.846 1.00 63.61  ? 317 LEU B CD2 1 
ATOM 817  N N   . ARG B 2 4   ? -19.080 -19.727 -17.952 1.00 40.45  ? 318 ARG B N   1 
ATOM 818  C CA  . ARG B 2 4   ? -19.694 -18.476 -17.532 1.00 37.63  ? 318 ARG B CA  1 
ATOM 819  C C   . ARG B 2 4   ? -18.571 -17.442 -17.562 1.00 31.48  ? 318 ARG B C   1 
ATOM 820  O O   . ARG B 2 4   ? -17.393 -17.804 -17.492 1.00 33.01  ? 318 ARG B O   1 
ATOM 821  C CB  . ARG B 2 4   ? -20.225 -18.533 -16.098 1.00 44.76  ? 318 ARG B CB  1 
ATOM 822  C CG  . ARG B 2 4   ? -19.023 -18.663 -15.230 1.00 50.76  ? 318 ARG B CG  1 
ATOM 823  C CD  . ARG B 2 4   ? -18.400 -20.147 -15.221 1.00 52.93  ? 318 ARG B CD  1 
ATOM 824  N NE  . ARG B 2 4   ? -17.485 -20.193 -14.183 1.00 53.21  ? 318 ARG B NE  1 
ATOM 825  C CZ  . ARG B 2 4   ? -16.917 -21.260 -13.655 1.00 53.58  ? 318 ARG B CZ  1 
ATOM 826  N NH1 . ARG B 2 4   ? -17.116 -22.429 -14.146 1.00 51.46  ? 318 ARG B NH1 1 
ATOM 827  N NH2 . ARG B 2 4   ? -16.095 -21.167 -12.597 1.00 57.57  ? 318 ARG B NH2 1 
ATOM 828  N N   . PRO B 2 5   ? -18.882 -16.185 -17.782 1.00 34.03  ? 319 PRO B N   1 
ATOM 829  C CA  . PRO B 2 5   ? -17.811 -15.184 -17.655 1.00 29.23  ? 319 PRO B CA  1 
ATOM 830  C C   . PRO B 2 5   ? -18.032 -14.227 -16.493 1.00 33.80  ? 319 PRO B C   1 
ATOM 831  O O   . PRO B 2 5   ? -19.146 -13.735 -16.302 1.00 31.06  ? 319 PRO B O   1 
ATOM 832  C CB  . PRO B 2 5   ? -17.855 -14.465 -19.009 1.00 31.32  ? 319 PRO B CB  1 
ATOM 833  C CG  . PRO B 2 5   ? -19.290 -14.731 -19.548 1.00 37.81  ? 319 PRO B CG  1 
ATOM 834  C CD  . PRO B 2 5   ? -20.000 -15.660 -18.579 1.00 39.47  ? 319 PRO B CD  1 
ATOM 835  N N   . LEU B 2 6   ? -16.993 -13.961 -15.700 1.00 35.71  ? 320 LEU B N   1 
ATOM 836  C CA  . LEU B 2 6   ? -17.083 -12.986 -14.622 1.00 28.35  ? 320 LEU B CA  1 
ATOM 837  C C   . LEU B 2 6   ? -15.760 -12.245 -14.506 1.00 24.48  ? 320 LEU B C   1 
ATOM 838  O O   . LEU B 2 6   ? -14.700 -12.784 -14.834 1.00 18.48  ? 320 LEU B O   1 
ATOM 839  C CB  . LEU B 2 6   ? -17.438 -13.640 -13.279 1.00 26.86  ? 320 LEU B CB  1 
ATOM 840  C CG  . LEU B 2 6   ? -17.715 -12.674 -12.123 1.00 26.61  ? 320 LEU B CG  1 
ATOM 841  C CD1 . LEU B 2 6   ? -18.798 -11.676 -12.515 1.00 23.38  ? 320 LEU B CD1 1 
ATOM 842  C CD2 . LEU B 2 6   ? -18.100 -13.427 -10.863 1.00 27.77  ? 320 LEU B CD2 1 
ATOM 843  N N   . TYR B 2 7   ? -15.833 -10.996 -14.045 1.00 24.69  ? 321 TYR B N   1 
ATOM 844  C CA  . TYR B 2 7   ? -14.661 -10.156 -13.850 1.00 26.28  ? 321 TYR B CA  1 
ATOM 845  C C   . TYR B 2 7   ? -14.573 -9.719  -12.394 1.00 35.14  ? 321 TYR B C   1 
ATOM 846  O O   . TYR B 2 7   ? -15.588 -9.399  -11.766 1.00 48.01  ? 321 TYR B O   1 
ATOM 847  C CB  . TYR B 2 7   ? -14.699 -8.930  -14.758 1.00 25.53  ? 321 TYR B CB  1 
ATOM 848  C CG  . TYR B 2 7   ? -13.378 -8.207  -14.813 1.00 31.14  ? 321 TYR B CG  1 
ATOM 849  C CD1 . TYR B 2 7   ? -12.400 -8.586  -15.720 1.00 28.34  ? 321 TYR B CD1 1 
ATOM 850  C CD2 . TYR B 2 7   ? -13.103 -7.156  -13.948 1.00 33.90  ? 321 TYR B CD2 1 
ATOM 851  C CE1 . TYR B 2 7   ? -11.187 -7.935  -15.772 1.00 29.42  ? 321 TYR B CE1 1 
ATOM 852  C CE2 . TYR B 2 7   ? -11.891 -6.499  -13.994 1.00 33.68  ? 321 TYR B CE2 1 
ATOM 853  C CZ  . TYR B 2 7   ? -10.938 -6.893  -14.907 1.00 36.28  ? 321 TYR B CZ  1 
ATOM 854  O OH  . TYR B 2 7   ? -9.728  -6.243  -14.960 1.00 44.04  ? 321 TYR B OH  1 
ATOM 855  N N   . ILE B 2 8   ? -13.350 -9.708  -11.863 1.00 37.12  ? 322 ILE B N   1 
ATOM 856  C CA  . ILE B 2 8   ? -13.103 -9.444  -10.449 1.00 45.03  ? 322 ILE B CA  1 
ATOM 857  C C   . ILE B 2 8   ? -11.942 -8.458  -10.339 1.00 50.29  ? 322 ILE B C   1 
ATOM 858  O O   . ILE B 2 8   ? -10.906 -8.637  -10.985 1.00 53.96  ? 322 ILE B O   1 
ATOM 859  C CB  . ILE B 2 8   ? -12.816 -10.750 -9.681  1.00 50.57  ? 322 ILE B CB  1 
ATOM 860  C CG1 . ILE B 2 8   ? -13.902 -11.786 -9.966  1.00 52.34  ? 322 ILE B CG1 1 
ATOM 861  C CG2 . ILE B 2 8   ? -12.787 -10.517 -8.197  1.00 52.57  ? 322 ILE B CG2 1 
ATOM 862  C CD1 . ILE B 2 8   ? -13.446 -12.926 -10.824 1.00 49.28  ? 322 ILE B CD1 1 
ATOM 863  N N   . ASP B 2 9   ? -12.119 -7.422  -9.514  1.00 49.03  ? 323 ASP B N   1 
ATOM 864  C CA  . ASP B 2 9   ? -11.254 -6.241  -9.420  1.00 43.02  ? 323 ASP B CA  1 
ATOM 865  C C   . ASP B 2 9   ? -10.720 -6.138  -7.993  1.00 42.85  ? 323 ASP B C   1 
ATOM 866  O O   . ASP B 2 9   ? -11.260 -5.382  -7.184  1.00 39.92  ? 323 ASP B O   1 
ATOM 867  C CB  . ASP B 2 9   ? -12.073 -4.985  -9.810  1.00 39.67  ? 323 ASP B CB  1 
ATOM 868  C CG  . ASP B 2 9   ? -11.313 -4.032  -10.712 1.00 32.72  ? 323 ASP B CG  1 
ATOM 869  O OD1 . ASP B 2 9   ? -10.323 -4.459  -11.344 1.00 39.24  ? 323 ASP B OD1 1 
ATOM 870  O OD2 . ASP B 2 9   ? -11.723 -2.854  -10.800 1.00 32.09  ? 323 ASP B OD2 1 
ATOM 871  N N   . PHE B 2 10  ? -9.644  -6.881  -7.707  1.00 40.95  ? 324 PHE B N   1 
ATOM 872  C CA  . PHE B 2 10  ? -9.103  -7.132  -6.366  1.00 37.47  ? 324 PHE B CA  1 
ATOM 873  C C   . PHE B 2 10  ? -9.462  -6.109  -5.292  1.00 36.46  ? 324 PHE B C   1 
ATOM 874  O O   . PHE B 2 10  ? -10.012 -6.474  -4.247  1.00 36.53  ? 324 PHE B O   1 
ATOM 875  C CB  . PHE B 2 10  ? -7.581  -7.253  -6.440  1.00 37.36  ? 324 PHE B CB  1 
ATOM 876  C CG  . PHE B 2 10  ? -7.112  -8.403  -7.274  1.00 28.69  ? 324 PHE B CG  1 
ATOM 877  C CD1 . PHE B 2 10  ? -7.217  -9.701  -6.809  1.00 28.16  ? 324 PHE B CD1 1 
ATOM 878  C CD2 . PHE B 2 10  ? -6.570  -8.186  -8.526  1.00 31.40  ? 324 PHE B CD2 1 
ATOM 879  C CE1 . PHE B 2 10  ? -6.791  -10.761 -7.577  1.00 34.15  ? 324 PHE B CE1 1 
ATOM 880  C CE2 . PHE B 2 10  ? -6.140  -9.242  -9.297  1.00 38.34  ? 324 PHE B CE2 1 
ATOM 881  C CZ  . PHE B 2 10  ? -6.250  -10.531 -8.823  1.00 37.98  ? 324 PHE B CZ  1 
ATOM 882  N N   . ARG B 2 11  ? -9.157  -4.831  -5.525  1.00 39.20  ? 325 ARG B N   1 
ATOM 883  C CA  . ARG B 2 11  ? -9.421  -3.830  -4.496  1.00 42.05  ? 325 ARG B CA  1 
ATOM 884  C C   . ARG B 2 11  ? -10.915 -3.570  -4.334  1.00 42.60  ? 325 ARG B C   1 
ATOM 885  O O   . ARG B 2 11  ? -11.397 -3.392  -3.209  1.00 42.45  ? 325 ARG B O   1 
ATOM 886  C CB  . ARG B 2 11  ? -8.682  -2.529  -4.807  1.00 43.04  ? 325 ARG B CB  1 
ATOM 887  C CG  . ARG B 2 11  ? -8.881  -1.452  -3.742  1.00 42.43  ? 325 ARG B CG  1 
ATOM 888  C CD  . ARG B 2 11  ? -7.683  -0.526  -3.638  1.00 46.69  ? 325 ARG B CD  1 
ATOM 889  N NE  . ARG B 2 11  ? -6.428  -1.259  -3.761  1.00 55.54  ? 325 ARG B NE  1 
ATOM 890  C CZ  . ARG B 2 11  ? -5.227  -0.694  -3.735  1.00 58.01  ? 325 ARG B CZ  1 
ATOM 891  N NH1 . ARG B 2 11  ? -5.110  0.619   -3.583  1.00 64.11  ? 325 ARG B NH1 1 
ATOM 892  N NH2 . ARG B 2 11  ? -4.141  -1.444  -3.858  1.00 58.01  ? 325 ARG B NH2 1 
ATOM 893  N N   . LYS B 2 12  ? -11.668 -3.555  -5.432  1.00 41.57  ? 326 LYS B N   1 
ATOM 894  C CA  . LYS B 2 12  ? -13.059 -3.124  -5.361  1.00 41.84  ? 326 LYS B CA  1 
ATOM 895  C C   . LYS B 2 12  ? -14.056 -4.257  -5.143  1.00 36.52  ? 326 LYS B C   1 
ATOM 896  O O   . LYS B 2 12  ? -15.231 -3.973  -4.890  1.00 33.93  ? 326 LYS B O   1 
ATOM 897  C CB  . LYS B 2 12  ? -13.441 -2.336  -6.621  1.00 55.80  ? 326 LYS B CB  1 
ATOM 898  C CG  . LYS B 2 12  ? -13.700 -0.857  -6.337  1.00 64.28  ? 326 LYS B CG  1 
ATOM 899  C CD  . LYS B 2 12  ? -14.253 -0.106  -7.543  1.00 64.26  ? 326 LYS B CD  1 
ATOM 900  C CE  . LYS B 2 12  ? -15.749 -0.338  -7.720  1.00 57.86  ? 326 LYS B CE  1 
ATOM 901  N NZ  . LYS B 2 12  ? -16.270 0.306   -8.959  1.00 55.22  ? 326 LYS B NZ  1 
ATOM 902  N N   . ASP B 2 13  ? -13.638 -5.525  -5.213  1.00 35.83  ? 327 ASP B N   1 
ATOM 903  C CA  . ASP B 2 13  ? -14.543 -6.632  -4.903  1.00 36.19  ? 327 ASP B CA  1 
ATOM 904  C C   . ASP B 2 13  ? -13.953 -7.551  -3.840  1.00 28.25  ? 327 ASP B C   1 
ATOM 905  O O   . ASP B 2 13  ? -14.508 -7.630  -2.744  1.00 26.15  ? 327 ASP B O   1 
ATOM 906  C CB  . ASP B 2 13  ? -14.910 -7.406  -6.167  1.00 38.34  ? 327 ASP B CB  1 
ATOM 907  C CG  . ASP B 2 13  ? -13.751 -7.555  -7.100  1.00 41.65  ? 327 ASP B CG  1 
ATOM 908  O OD1 . ASP B 2 13  ? -12.627 -7.829  -6.619  1.00 35.61  ? 327 ASP B OD1 1 
ATOM 909  O OD2 . ASP B 2 13  ? -13.964 -7.391  -8.317  1.00 43.86  ? 327 ASP B OD2 1 
ATOM 910  N N   . LEU B 2 14  ? -12.856 -8.258  -4.123  1.00 31.34  ? 328 LEU B N   1 
ATOM 911  C CA  . LEU B 2 14  ? -12.280 -9.127  -3.100  1.00 37.39  ? 328 LEU B CA  1 
ATOM 912  C C   . LEU B 2 14  ? -11.776 -8.328  -1.907  1.00 34.45  ? 328 LEU B C   1 
ATOM 913  O O   . LEU B 2 14  ? -11.814 -8.819  -0.773  1.00 25.47  ? 328 LEU B O   1 
ATOM 914  C CB  . LEU B 2 14  ? -11.145 -9.970  -3.682  1.00 41.75  ? 328 LEU B CB  1 
ATOM 915  C CG  . LEU B 2 14  ? -11.503 -10.941 -4.809  1.00 45.01  ? 328 LEU B CG  1 
ATOM 916  C CD1 . LEU B 2 14  ? -10.382 -11.947 -5.022  1.00 44.60  ? 328 LEU B CD1 1 
ATOM 917  C CD2 . LEU B 2 14  ? -12.824 -11.643 -4.530  1.00 45.42  ? 328 LEU B CD2 1 
ATOM 918  N N   . GLY B 2 15  ? -11.317 -7.102  -2.137  1.00 36.31  ? 329 GLY B N   1 
ATOM 919  C CA  . GLY B 2 15  ? -10.808 -6.271  -1.068  1.00 34.34  ? 329 GLY B CA  1 
ATOM 920  C C   . GLY B 2 15  ? -9.349  -6.474  -0.744  1.00 28.65  ? 329 GLY B C   1 
ATOM 921  O O   . GLY B 2 15  ? -8.925  -6.135  0.367   1.00 26.66  ? 329 GLY B O   1 
ATOM 922  N N   . TRP B 2 16  ? -8.566  -7.016  -1.673  1.00 18.43  ? 330 TRP B N   1 
ATOM 923  C CA  . TRP B 2 16  ? -7.148  -7.259  -1.446  1.00 20.83  ? 330 TRP B CA  1 
ATOM 924  C C   . TRP B 2 16  ? -6.351  -6.038  -1.891  1.00 17.30  ? 330 TRP B C   1 
ATOM 925  O O   . TRP B 2 16  ? -6.336  -5.700  -3.079  1.00 19.60  ? 330 TRP B O   1 
ATOM 926  C CB  . TRP B 2 16  ? -6.684  -8.506  -2.196  1.00 32.57  ? 330 TRP B CB  1 
ATOM 927  C CG  . TRP B 2 16  ? -7.381  -9.772  -1.782  1.00 41.22  ? 330 TRP B CG  1 
ATOM 928  C CD1 . TRP B 2 16  ? -8.291  -9.921  -0.774  1.00 44.54  ? 330 TRP B CD1 1 
ATOM 929  C CD2 . TRP B 2 16  ? -7.212  -11.071 -2.363  1.00 42.79  ? 330 TRP B CD2 1 
ATOM 930  N NE1 . TRP B 2 16  ? -8.702  -11.232 -0.698  1.00 46.36  ? 330 TRP B NE1 1 
ATOM 931  C CE2 . TRP B 2 16  ? -8.054  -11.957 -1.661  1.00 45.71  ? 330 TRP B CE2 1 
ATOM 932  C CE3 . TRP B 2 16  ? -6.431  -11.569 -3.410  1.00 41.04  ? 330 TRP B CE3 1 
ATOM 933  C CZ2 . TRP B 2 16  ? -8.136  -13.313 -1.973  1.00 44.78  ? 330 TRP B CZ2 1 
ATOM 934  C CZ3 . TRP B 2 16  ? -6.515  -12.915 -3.719  1.00 40.82  ? 330 TRP B CZ3 1 
ATOM 935  C CH2 . TRP B 2 16  ? -7.361  -13.770 -3.003  1.00 42.06  ? 330 TRP B CH2 1 
ATOM 936  N N   . LYS B 2 17  ? -5.691  -5.381  -0.938  1.00 10.81  ? 331 LYS B N   1 
ATOM 937  C CA  . LYS B 2 17  ? -4.911  -4.184  -1.218  1.00 22.42  ? 331 LYS B CA  1 
ATOM 938  C C   . LYS B 2 17  ? -3.442  -4.481  -1.484  1.00 14.54  ? 331 LYS B C   1 
ATOM 939  O O   . LYS B 2 17  ? -2.711  -3.578  -1.908  1.00 7.82   ? 331 LYS B O   1 
ATOM 940  C CB  . LYS B 2 17  ? -5.011  -3.197  -0.048  1.00 37.01  ? 331 LYS B CB  1 
ATOM 941  C CG  . LYS B 2 17  ? -6.420  -2.801  0.338   1.00 43.80  ? 331 LYS B CG  1 
ATOM 942  C CD  . LYS B 2 17  ? -6.614  -2.992  1.830   1.00 51.60  ? 331 LYS B CD  1 
ATOM 943  C CE  . LYS B 2 17  ? -7.580  -1.984  2.417   1.00 59.84  ? 331 LYS B CE  1 
ATOM 944  N NZ  . LYS B 2 17  ? -7.617  -2.066  3.908   1.00 63.70  ? 331 LYS B NZ  1 
ATOM 945  N N   . TRP B 2 18  ? -2.996  -5.715  -1.248  1.00 21.86  ? 332 TRP B N   1 
ATOM 946  C CA  . TRP B 2 18  ? -1.578  -6.035  -1.332  1.00 32.07  ? 332 TRP B CA  1 
ATOM 947  C C   . TRP B 2 18  ? -1.104  -6.286  -2.757  1.00 35.77  ? 332 TRP B C   1 
ATOM 948  O O   . TRP B 2 18  ? 0.106   -6.253  -3.006  1.00 35.47  ? 332 TRP B O   1 
ATOM 949  C CB  . TRP B 2 18  ? -1.271  -7.255  -0.463  1.00 32.58  ? 332 TRP B CB  1 
ATOM 950  C CG  . TRP B 2 18  ? -2.048  -8.477  -0.846  1.00 32.33  ? 332 TRP B CG  1 
ATOM 951  C CD1 . TRP B 2 18  ? -3.337  -8.771  -0.508  1.00 30.71  ? 332 TRP B CD1 1 
ATOM 952  C CD2 . TRP B 2 18  ? -1.582  -9.574  -1.637  1.00 40.02  ? 332 TRP B CD2 1 
ATOM 953  N NE1 . TRP B 2 18  ? -3.704  -9.982  -1.043  1.00 37.20  ? 332 TRP B NE1 1 
ATOM 954  C CE2 . TRP B 2 18  ? -2.643  -10.496 -1.740  1.00 41.79  ? 332 TRP B CE2 1 
ATOM 955  C CE3 . TRP B 2 18  ? -0.371  -9.865  -2.271  1.00 42.83  ? 332 TRP B CE3 1 
ATOM 956  C CZ2 . TRP B 2 18  ? -2.528  -11.689 -2.450  1.00 41.27  ? 332 TRP B CZ2 1 
ATOM 957  C CZ3 . TRP B 2 18  ? -0.260  -11.050 -2.975  1.00 44.57  ? 332 TRP B CZ3 1 
ATOM 958  C CH2 . TRP B 2 18  ? -1.331  -11.947 -3.058  1.00 43.25  ? 332 TRP B CH2 1 
ATOM 959  N N   . ILE B 2 19  ? -2.016  -6.527  -3.692  1.00 37.76  ? 333 ILE B N   1 
ATOM 960  C CA  . ILE B 2 19  ? -1.636  -6.842  -5.065  1.00 31.96  ? 333 ILE B CA  1 
ATOM 961  C C   . ILE B 2 19  ? -1.372  -5.548  -5.824  1.00 36.79  ? 333 ILE B C   1 
ATOM 962  O O   . ILE B 2 19  ? -2.224  -4.652  -5.868  1.00 41.13  ? 333 ILE B O   1 
ATOM 963  C CB  . ILE B 2 19  ? -2.728  -7.677  -5.751  1.00 23.94  ? 333 ILE B CB  1 
ATOM 964  C CG1 . ILE B 2 19  ? -3.512  -8.476  -4.706  1.00 23.46  ? 333 ILE B CG1 1 
ATOM 965  C CG2 . ILE B 2 19  ? -2.114  -8.593  -6.806  1.00 24.54  ? 333 ILE B CG2 1 
ATOM 966  C CD1 . ILE B 2 19  ? -3.886  -9.878  -5.142  1.00 23.62  ? 333 ILE B CD1 1 
ATOM 967  N N   . HIS B 2 20  ? -0.188  -5.451  -6.432  1.00 30.62  ? 334 HIS B N   1 
ATOM 968  C CA  . HIS B 2 20  ? 0.175   -4.265  -7.201  1.00 25.56  ? 334 HIS B CA  1 
ATOM 969  C C   . HIS B 2 20  ? -0.517  -4.259  -8.562  1.00 19.45  ? 334 HIS B C   1 
ATOM 970  O O   . HIS B 2 20  ? -1.250  -3.322  -8.895  1.00 19.90  ? 334 HIS B O   1 
ATOM 971  C CB  . HIS B 2 20  ? 1.696   -4.201  -7.357  1.00 32.43  ? 334 HIS B CB  1 
ATOM 972  C CG  . HIS B 2 20  ? 2.178   -3.056  -8.191  1.00 28.31  ? 334 HIS B CG  1 
ATOM 973  N ND1 . HIS B 2 20  ? 2.864   -3.235  -9.373  1.00 29.41  ? 334 HIS B ND1 1 
ATOM 974  C CD2 . HIS B 2 20  ? 2.083   -1.716  -8.010  1.00 28.24  ? 334 HIS B CD2 1 
ATOM 975  C CE1 . HIS B 2 20  ? 3.168   -2.055  -9.885  1.00 29.21  ? 334 HIS B CE1 1 
ATOM 976  N NE2 . HIS B 2 20  ? 2.704   -1.117  -9.079  1.00 30.91  ? 334 HIS B NE2 1 
ATOM 977  N N   . GLU B 2 21  ? -0.292  -5.301  -9.354  1.00 21.16  ? 335 GLU B N   1 
ATOM 978  C CA  . GLU B 2 21  ? -0.908  -5.456  -10.668 1.00 23.68  ? 335 GLU B CA  1 
ATOM 979  C C   . GLU B 2 21  ? -1.109  -6.957  -10.887 1.00 23.50  ? 335 GLU B C   1 
ATOM 980  O O   . GLU B 2 21  ? -0.302  -7.755  -10.413 1.00 19.46  ? 335 GLU B O   1 
ATOM 981  C CB  . GLU B 2 21  ? -0.024  -4.820  -11.756 1.00 24.68  ? 335 GLU B CB  1 
ATOM 982  C CG  . GLU B 2 21  ? -0.659  -4.684  -13.144 1.00 31.77  ? 335 GLU B CG  1 
ATOM 983  C CD  . GLU B 2 21  ? -1.311  -3.326  -13.396 1.00 31.60  ? 335 GLU B CD  1 
ATOM 984  O OE1 . GLU B 2 21  ? -2.361  -3.292  -14.074 1.00 33.89  ? 335 GLU B OE1 1 
ATOM 985  O OE2 . GLU B 2 21  ? -0.762  -2.306  -12.937 1.00 31.20  ? 335 GLU B OE2 1 
ATOM 986  N N   . PRO B 2 22  ? -2.192  -7.356  -11.579 1.00 25.88  ? 336 PRO B N   1 
ATOM 987  C CA  . PRO B 2 22  ? -3.217  -6.512  -12.206 1.00 29.43  ? 336 PRO B CA  1 
ATOM 988  C C   . PRO B 2 22  ? -4.242  -5.944  -11.238 1.00 28.92  ? 336 PRO B C   1 
ATOM 989  O O   . PRO B 2 22  ? -4.362  -6.411  -10.106 1.00 28.32  ? 336 PRO B O   1 
ATOM 990  C CB  . PRO B 2 22  ? -3.886  -7.462  -13.198 1.00 24.64  ? 336 PRO B CB  1 
ATOM 991  C CG  . PRO B 2 22  ? -3.736  -8.801  -12.581 1.00 23.64  ? 336 PRO B CG  1 
ATOM 992  C CD  . PRO B 2 22  ? -2.428  -8.789  -11.841 1.00 23.68  ? 336 PRO B CD  1 
ATOM 993  N N   . LYS B 2 23  ? -4.963  -4.917  -11.688 1.00 25.65  ? 337 LYS B N   1 
ATOM 994  C CA  . LYS B 2 23  ? -6.090  -4.423  -10.908 1.00 25.97  ? 337 LYS B CA  1 
ATOM 995  C C   . LYS B 2 23  ? -7.172  -5.484  -10.802 1.00 14.06  ? 337 LYS B C   1 
ATOM 996  O O   . LYS B 2 23  ? -7.896  -5.541  -9.800  1.00 8.62   ? 337 LYS B O   1 
ATOM 997  C CB  . LYS B 2 23  ? -6.657  -3.148  -11.535 1.00 44.87  ? 337 LYS B CB  1 
ATOM 998  C CG  . LYS B 2 23  ? -5.738  -1.927  -11.486 1.00 62.36  ? 337 LYS B CG  1 
ATOM 999  C CD  . LYS B 2 23  ? -4.592  -2.090  -10.496 1.00 74.52  ? 337 LYS B CD  1 
ATOM 1000 C CE  . LYS B 2 23  ? -3.727  -0.845  -10.438 1.00 79.19  ? 337 LYS B CE  1 
ATOM 1001 N NZ  . LYS B 2 23  ? -2.392  -1.142  -9.849  1.00 81.60  ? 337 LYS B NZ  1 
ATOM 1002 N N   . GLY B 2 24  ? -7.283  -6.339  -11.813 1.00 19.09  ? 338 GLY B N   1 
ATOM 1003 C CA  . GLY B 2 24  ? -8.252  -7.413  -11.782 1.00 17.00  ? 338 GLY B CA  1 
ATOM 1004 C C   . GLY B 2 24  ? -7.964  -8.441  -12.853 1.00 18.31  ? 338 GLY B C   1 
ATOM 1005 O O   . GLY B 2 24  ? -6.987  -8.345  -13.599 1.00 3.62   ? 338 GLY B O   1 
ATOM 1006 N N   . TYR B 2 25  ? -8.840  -9.438  -12.910 1.00 26.65  ? 339 TYR B N   1 
ATOM 1007 C CA  . TYR B 2 25  ? -8.757  -10.517 -13.884 1.00 27.35  ? 339 TYR B CA  1 
ATOM 1008 C C   . TYR B 2 25  ? -10.151 -11.108 -14.038 1.00 27.42  ? 339 TYR B C   1 
ATOM 1009 O O   . TYR B 2 25  ? -11.083 -10.730 -13.325 1.00 26.44  ? 339 TYR B O   1 
ATOM 1010 C CB  . TYR B 2 25  ? -7.744  -11.583 -13.455 1.00 28.68  ? 339 TYR B CB  1 
ATOM 1011 C CG  . TYR B 2 25  ? -8.272  -12.549 -12.414 1.00 35.33  ? 339 TYR B CG  1 
ATOM 1012 C CD1 . TYR B 2 25  ? -8.149  -13.922 -12.587 1.00 33.54  ? 339 TYR B CD1 1 
ATOM 1013 C CD2 . TYR B 2 25  ? -8.888  -12.087 -11.253 1.00 37.29  ? 339 TYR B CD2 1 
ATOM 1014 C CE1 . TYR B 2 25  ? -8.629  -14.805 -11.639 1.00 29.98  ? 339 TYR B CE1 1 
ATOM 1015 C CE2 . TYR B 2 25  ? -9.373  -12.966 -10.302 1.00 36.08  ? 339 TYR B CE2 1 
ATOM 1016 C CZ  . TYR B 2 25  ? -9.239  -14.324 -10.500 1.00 35.05  ? 339 TYR B CZ  1 
ATOM 1017 O OH  . TYR B 2 25  ? -9.718  -15.209 -9.561  1.00 38.06  ? 339 TYR B OH  1 
ATOM 1018 N N   . ASN B 2 26  ? -10.282 -12.060 -14.958 1.00 22.65  ? 340 ASN B N   1 
ATOM 1019 C CA  . ASN B 2 26  ? -11.558 -12.724 -15.229 1.00 20.88  ? 340 ASN B CA  1 
ATOM 1020 C C   . ASN B 2 26  ? -11.451 -14.212 -14.890 1.00 20.01  ? 340 ASN B C   1 
ATOM 1021 O O   . ASN B 2 26  ? -10.736 -14.956 -15.570 1.00 19.50  ? 340 ASN B O   1 
ATOM 1022 C CB  . ASN B 2 26  ? -11.965 -12.511 -16.688 1.00 18.96  ? 340 ASN B CB  1 
ATOM 1023 C CG  . ASN B 2 26  ? -10.766 -12.361 -17.622 1.00 22.89  ? 340 ASN B CG  1 
ATOM 1024 O OD1 . ASN B 2 26  ? -9.676  -11.974 -17.200 1.00 27.43  ? 340 ASN B OD1 1 
ATOM 1025 N ND2 . ASN B 2 26  ? -10.970 -12.665 -18.899 1.00 26.72  ? 340 ASN B ND2 1 
ATOM 1026 N N   . ALA B 2 27  ? -12.195 -14.650 -13.859 1.00 20.31  ? 341 ALA B N   1 
ATOM 1027 C CA  . ALA B 2 27  ? -12.011 -15.975 -13.266 1.00 27.90  ? 341 ALA B CA  1 
ATOM 1028 C C   . ALA B 2 27  ? -13.103 -16.980 -13.597 1.00 32.46  ? 341 ALA B C   1 
ATOM 1029 O O   . ALA B 2 27  ? -12.818 -18.188 -13.586 1.00 38.32  ? 341 ALA B O   1 
ATOM 1030 C CB  . ALA B 2 27  ? -11.914 -15.878 -11.741 1.00 33.14  ? 341 ALA B CB  1 
ATOM 1031 N N   . ASN B 2 28  ? -14.333 -16.514 -13.843 1.00 35.81  ? 342 ASN B N   1 
ATOM 1032 C CA  . ASN B 2 28  ? -15.488 -17.353 -14.154 1.00 41.54  ? 342 ASN B CA  1 
ATOM 1033 C C   . ASN B 2 28  ? -16.090 -17.817 -12.807 1.00 42.48  ? 342 ASN B C   1 
ATOM 1034 O O   . ASN B 2 28  ? -15.413 -17.706 -11.782 1.00 42.84  ? 342 ASN B O   1 
ATOM 1035 C CB  . ASN B 2 28  ? -15.077 -18.499 -15.121 1.00 42.03  ? 342 ASN B CB  1 
ATOM 1036 C CG  . ASN B 2 28  ? -14.149 -18.021 -16.287 1.00 42.55  ? 342 ASN B CG  1 
ATOM 1037 O OD1 . ASN B 2 28  ? -14.242 -16.877 -16.738 1.00 41.82  ? 342 ASN B OD1 1 
ATOM 1038 N ND2 . ASN B 2 28  ? -13.250 -18.898 -16.744 1.00 46.97  ? 342 ASN B ND2 1 
ATOM 1039 N N   . PHE B 2 29  ? -17.378 -18.205 -12.758 1.00 45.96  ? 343 PHE B N   1 
ATOM 1040 C CA  . PHE B 2 29  ? -18.089 -18.714 -11.572 1.00 53.70  ? 343 PHE B CA  1 
ATOM 1041 C C   . PHE B 2 29  ? -19.076 -19.826 -11.985 1.00 65.68  ? 343 PHE B C   1 
ATOM 1042 O O   . PHE B 2 29  ? -19.919 -19.597 -12.829 1.00 64.43  ? 343 PHE B O   1 
ATOM 1043 C CB  . PHE B 2 29  ? -18.887 -17.579 -10.907 1.00 53.46  ? 343 PHE B CB  1 
ATOM 1044 C CG  . PHE B 2 29  ? -20.169 -17.207 -11.680 1.00 58.12  ? 343 PHE B CG  1 
ATOM 1045 C CD1 . PHE B 2 29  ? -20.088 -16.241 -12.653 1.00 55.88  ? 343 PHE B CD1 1 
ATOM 1046 C CD2 . PHE B 2 29  ? -21.405 -17.889 -11.531 1.00 62.03  ? 343 PHE B CD2 1 
ATOM 1047 C CE1 . PHE B 2 29  ? -21.202 -15.879 -13.456 1.00 54.09  ? 343 PHE B CE1 1 
ATOM 1048 C CE2 . PHE B 2 29  ? -22.520 -17.580 -12.388 1.00 62.48  ? 343 PHE B CE2 1 
ATOM 1049 C CZ  . PHE B 2 29  ? -22.416 -16.557 -13.332 1.00 58.30  ? 343 PHE B CZ  1 
ATOM 1050 N N   . CYS B 2 30  ? -19.036 -21.024 -11.371 1.00 78.79  ? 344 CYS B N   1 
ATOM 1051 C CA  . CYS B 2 30  ? -20.173 -21.969 -11.775 1.00 87.58  ? 344 CYS B CA  1 
ATOM 1052 C C   . CYS B 2 30  ? -21.629 -21.896 -11.074 1.00 101.70 ? 344 CYS B C   1 
ATOM 1053 O O   . CYS B 2 30  ? -21.898 -21.678 -9.875  1.00 96.80  ? 344 CYS B O   1 
ATOM 1054 C CB  . CYS B 2 30  ? -19.764 -23.478 -11.721 1.00 91.72  ? 344 CYS B CB  1 
ATOM 1055 S SG  . CYS B 2 30  ? -18.229 -24.022 -12.656 1.00 98.35  ? 344 CYS B SG  1 
ATOM 1056 N N   . CYS B 2 63  ? -25.540 -27.378 -6.883  1.00 115.93 ? 377 CYS B N   1 
ATOM 1057 C CA  . CYS B 2 63  ? -25.405 -26.695 -8.163  1.00 113.06 ? 377 CYS B CA  1 
ATOM 1058 C C   . CYS B 2 63  ? -24.172 -27.176 -8.909  1.00 108.75 ? 377 CYS B C   1 
ATOM 1059 O O   . CYS B 2 63  ? -23.465 -28.077 -8.456  1.00 106.38 ? 377 CYS B O   1 
ATOM 1060 C CB  . CYS B 2 63  ? -25.342 -25.186 -7.963  1.00 115.35 ? 377 CYS B CB  1 
ATOM 1061 N N   . CYS B 2 64  ? -23.931 -26.564 -10.064 1.00 107.25 ? 378 CYS B N   1 
ATOM 1062 C CA  . CYS B 2 64  ? -22.720 -26.836 -10.820 1.00 113.42 ? 378 CYS B CA  1 
ATOM 1063 C C   . CYS B 2 64  ? -21.502 -26.425 -10.005 1.00 102.45 ? 378 CYS B C   1 
ATOM 1064 O O   . CYS B 2 64  ? -21.459 -25.336 -9.428  1.00 100.11 ? 378 CYS B O   1 
ATOM 1065 C CB  . CYS B 2 64  ? -22.761 -26.074 -12.142 1.00 126.98 ? 378 CYS B CB  1 
ATOM 1066 S SG  . CYS B 2 64  ? -21.494 -26.466 -13.356 1.00 140.26 ? 378 CYS B SG  1 
ATOM 1067 N N   . VAL B 2 65  ? -20.517 -27.310 -9.943  1.00 99.04  ? 379 VAL B N   1 
ATOM 1068 C CA  . VAL B 2 65  ? -19.298 -27.054 -9.193  1.00 95.31  ? 379 VAL B CA  1 
ATOM 1069 C C   . VAL B 2 65  ? -18.167 -26.820 -10.184 1.00 91.62  ? 379 VAL B C   1 
ATOM 1070 O O   . VAL B 2 65  ? -18.200 -27.267 -11.334 1.00 95.06  ? 379 VAL B O   1 
ATOM 1071 C CB  . VAL B 2 65  ? -18.965 -28.209 -8.226  1.00 95.02  ? 379 VAL B CB  1 
ATOM 1072 C CG1 . VAL B 2 65  ? -17.915 -27.782 -7.206  1.00 96.85  ? 379 VAL B CG1 1 
ATOM 1073 C CG2 . VAL B 2 65  ? -20.224 -28.690 -7.528  1.00 99.18  ? 379 VAL B CG2 1 
ATOM 1074 N N   . SER B 2 66  ? -17.162 -26.083 -9.730  1.00 79.72  ? 380 SER B N   1 
ATOM 1075 C CA  . SER B 2 66  ? -15.986 -25.842 -10.547 1.00 81.87  ? 380 SER B CA  1 
ATOM 1076 C C   . SER B 2 66  ? -15.169 -27.121 -10.706 1.00 79.04  ? 380 SER B C   1 
ATOM 1077 O O   . SER B 2 66  ? -14.873 -27.807 -9.724  1.00 83.06  ? 380 SER B O   1 
ATOM 1078 C CB  . SER B 2 66  ? -15.135 -24.760 -9.910  1.00 86.07  ? 380 SER B CB  1 
ATOM 1079 O OG  . SER B 2 66  ? -13.788 -25.084 -10.118 1.00 100.50 ? 380 SER B OG  1 
ATOM 1080 N N   . GLN B 2 67  ? -14.791 -27.434 -11.945 1.00 67.20  ? 381 GLN B N   1 
ATOM 1081 C CA  . GLN B 2 67  ? -14.000 -28.632 -12.222 1.00 61.00  ? 381 GLN B CA  1 
ATOM 1082 C C   . GLN B 2 67  ? -12.507 -28.309 -12.223 1.00 49.25  ? 381 GLN B C   1 
ATOM 1083 O O   . GLN B 2 67  ? -11.748 -28.851 -11.414 1.00 45.21  ? 381 GLN B O   1 
ATOM 1084 C CB  . GLN B 2 67  ? -14.439 -29.243 -13.561 1.00 62.80  ? 381 GLN B CB  1 
ATOM 1085 C CG  . GLN B 2 67  ? -14.133 -30.734 -13.809 1.00 66.02  ? 381 GLN B CG  1 
ATOM 1086 C CD  . GLN B 2 67  ? -12.703 -31.065 -14.207 1.00 66.09  ? 381 GLN B CD  1 
ATOM 1087 O OE1 . GLN B 2 67  ? -11.755 -30.438 -13.764 1.00 66.93  ? 381 GLN B OE1 1 
ATOM 1088 N NE2 . GLN B 2 67  ? -12.553 -32.058 -15.074 1.00 63.49  ? 381 GLN B NE2 1 
ATOM 1089 N N   . ASP B 2 68  ? -12.074 -27.432 -13.125 1.00 42.72  ? 382 ASP B N   1 
ATOM 1090 C CA  . ASP B 2 68  ? -10.661 -27.176 -13.372 1.00 42.95  ? 382 ASP B CA  1 
ATOM 1091 C C   . ASP B 2 68  ? -10.337 -25.709 -13.127 1.00 46.33  ? 382 ASP B C   1 
ATOM 1092 O O   . ASP B 2 68  ? -11.043 -24.823 -13.619 1.00 45.03  ? 382 ASP B O   1 
ATOM 1093 C CB  . ASP B 2 68  ? -10.291 -27.566 -14.806 1.00 39.84  ? 382 ASP B CB  1 
ATOM 1094 C CG  . ASP B 2 68  ? -9.397  -28.788 -14.868 1.00 47.58  ? 382 ASP B CG  1 
ATOM 1095 O OD1 . ASP B 2 68  ? -9.300  -29.513 -13.855 1.00 49.13  ? 382 ASP B OD1 1 
ATOM 1096 O OD2 . ASP B 2 68  ? -8.804  -29.031 -15.940 1.00 50.15  ? 382 ASP B OD2 1 
ATOM 1097 N N   . LEU B 2 69  ? -9.267  -25.459 -12.372 1.00 43.64  ? 383 LEU B N   1 
ATOM 1098 C CA  . LEU B 2 69  ? -8.795  -24.113 -12.067 1.00 39.17  ? 383 LEU B CA  1 
ATOM 1099 C C   . LEU B 2 69  ? -7.402  -23.912 -12.647 1.00 39.38  ? 383 LEU B C   1 
ATOM 1100 O O   . LEU B 2 69  ? -6.762  -24.856 -13.117 1.00 35.62  ? 383 LEU B O   1 
ATOM 1101 C CB  . LEU B 2 69  ? -8.776  -23.849 -10.554 1.00 32.76  ? 383 LEU B CB  1 
ATOM 1102 C CG  . LEU B 2 69  ? -10.031 -23.175 -10.004 1.00 31.53  ? 383 LEU B CG  1 
ATOM 1103 C CD1 . LEU B 2 69  ? -11.155 -24.083 -10.262 1.00 37.01  ? 383 LEU B CD1 1 
ATOM 1104 C CD2 . LEU B 2 69  ? -9.953  -22.895 -8.516  1.00 29.56  ? 383 LEU B CD2 1 
ATOM 1105 N N   . GLU B 2 70  ? -6.931  -22.666 -12.610 1.00 39.70  ? 384 GLU B N   1 
ATOM 1106 C CA  . GLU B 2 70  ? -5.586  -22.359 -13.084 1.00 41.82  ? 384 GLU B CA  1 
ATOM 1107 C C   . GLU B 2 70  ? -5.038  -21.146 -12.355 1.00 31.73  ? 384 GLU B C   1 
ATOM 1108 O O   . GLU B 2 70  ? -5.805  -20.296 -11.891 1.00 27.92  ? 384 GLU B O   1 
ATOM 1109 C CB  . GLU B 2 70  ? -5.549  -22.108 -14.599 1.00 46.60  ? 384 GLU B CB  1 
ATOM 1110 C CG  . GLU B 2 70  ? -5.373  -23.374 -15.416 1.00 45.46  ? 384 GLU B CG  1 
ATOM 1111 C CD  . GLU B 2 70  ? -4.868  -23.099 -16.814 1.00 45.92  ? 384 GLU B CD  1 
ATOM 1112 O OE1 . GLU B 2 70  ? -4.920  -21.930 -17.242 1.00 48.14  ? 384 GLU B OE1 1 
ATOM 1113 O OE2 . GLU B 2 70  ? -4.426  -24.056 -17.484 1.00 46.56  ? 384 GLU B OE2 1 
ATOM 1114 N N   . PRO B 2 71  ? -3.712  -21.028 -12.249 1.00 27.09  ? 385 PRO B N   1 
ATOM 1115 C CA  . PRO B 2 71  ? -3.116  -19.932 -11.484 1.00 20.94  ? 385 PRO B CA  1 
ATOM 1116 C C   . PRO B 2 71  ? -3.105  -18.613 -12.242 1.00 19.96  ? 385 PRO B C   1 
ATOM 1117 O O   . PRO B 2 71  ? -3.195  -18.558 -13.470 1.00 14.91  ? 385 PRO B O   1 
ATOM 1118 C CB  . PRO B 2 71  ? -1.683  -20.422 -11.240 1.00 33.72  ? 385 PRO B CB  1 
ATOM 1119 C CG  . PRO B 2 71  ? -1.403  -21.317 -12.398 1.00 36.35  ? 385 PRO B CG  1 
ATOM 1120 C CD  . PRO B 2 71  ? -2.704  -22.011 -12.683 1.00 28.01  ? 385 PRO B CD  1 
ATOM 1121 N N   . LEU B 2 72  ? -2.973  -17.536 -11.470 1.00 27.20  ? 386 LEU B N   1 
ATOM 1122 C CA  . LEU B 2 72  ? -2.864  -16.181 -11.998 1.00 23.99  ? 386 LEU B CA  1 
ATOM 1123 C C   . LEU B 2 72  ? -1.538  -15.582 -11.550 1.00 23.98  ? 386 LEU B C   1 
ATOM 1124 O O   . LEU B 2 72  ? -1.256  -15.520 -10.349 1.00 34.02  ? 386 LEU B O   1 
ATOM 1125 C CB  . LEU B 2 72  ? -4.030  -15.312 -11.525 1.00 19.11  ? 386 LEU B CB  1 
ATOM 1126 C CG  . LEU B 2 72  ? -3.863  -13.806 -11.729 1.00 17.67  ? 386 LEU B CG  1 
ATOM 1127 C CD1 . LEU B 2 72  ? -4.018  -13.453 -13.196 1.00 20.25  ? 386 LEU B CD1 1 
ATOM 1128 C CD2 . LEU B 2 72  ? -4.845  -13.022 -10.868 1.00 25.11  ? 386 LEU B CD2 1 
ATOM 1129 N N   . THR B 2 73  ? -0.730  -15.146 -12.513 1.00 22.82  ? 387 THR B N   1 
ATOM 1130 C CA  . THR B 2 73  ? 0.524   -14.475 -12.198 1.00 24.13  ? 387 THR B CA  1 
ATOM 1131 C C   . THR B 2 73  ? 0.243   -13.056 -11.710 1.00 22.46  ? 387 THR B C   1 
ATOM 1132 O O   . THR B 2 73  ? -0.528  -12.320 -12.336 1.00 29.76  ? 387 THR B O   1 
ATOM 1133 C CB  . THR B 2 73  ? 1.431   -14.442 -13.429 1.00 31.65  ? 387 THR B CB  1 
ATOM 1134 O OG1 . THR B 2 73  ? 1.539   -15.761 -13.982 1.00 31.97  ? 387 THR B OG1 1 
ATOM 1135 C CG2 . THR B 2 73  ? 2.817   -13.938 -13.063 1.00 28.44  ? 387 THR B CG2 1 
ATOM 1136 N N   . ILE B 2 74  ? 0.861   -12.669 -10.591 1.00 6.24   ? 388 ILE B N   1 
ATOM 1137 C CA  . ILE B 2 74  ? 0.635   -11.361 -9.984  1.00 2.00   ? 388 ILE B CA  1 
ATOM 1138 C C   . ILE B 2 74  ? 1.963   -10.775 -9.518  1.00 18.17  ? 388 ILE B C   1 
ATOM 1139 O O   . ILE B 2 74  ? 2.986   -11.459 -9.453  1.00 17.34  ? 388 ILE B O   1 
ATOM 1140 C CB  . ILE B 2 74  ? -0.356  -11.422 -8.805  1.00 9.99   ? 388 ILE B CB  1 
ATOM 1141 C CG1 . ILE B 2 74  ? 0.149   -12.388 -7.738  1.00 7.55   ? 388 ILE B CG1 1 
ATOM 1142 C CG2 . ILE B 2 74  ? -1.743  -11.824 -9.282  1.00 11.52  ? 388 ILE B CG2 1 
ATOM 1143 C CD1 . ILE B 2 74  ? -0.484  -12.170 -6.389  1.00 8.13   ? 388 ILE B CD1 1 
ATOM 1144 N N   . VAL B 2 75  ? 1.922   -9.487  -9.175  1.00 22.70  ? 389 VAL B N   1 
ATOM 1145 C CA  . VAL B 2 75  ? 3.090   -8.710  -8.775  1.00 14.70  ? 389 VAL B CA  1 
ATOM 1146 C C   . VAL B 2 75  ? 2.757   -7.953  -7.494  1.00 16.58  ? 389 VAL B C   1 
ATOM 1147 O O   . VAL B 2 75  ? 1.642   -7.443  -7.337  1.00 15.27  ? 389 VAL B O   1 
ATOM 1148 C CB  . VAL B 2 75  ? 3.524   -7.739  -9.896  1.00 6.50   ? 389 VAL B CB  1 
ATOM 1149 C CG1 . VAL B 2 75  ? 3.921   -6.391  -9.328  1.00 4.83   ? 389 VAL B CG1 1 
ATOM 1150 C CG2 . VAL B 2 75  ? 4.668   -8.332  -10.706 1.00 5.92   ? 389 VAL B CG2 1 
ATOM 1151 N N   . TYR B 2 76  ? 3.724   -7.884  -6.579  1.00 17.93  ? 390 TYR B N   1 
ATOM 1152 C CA  . TYR B 2 76  ? 3.531   -7.245  -5.282  1.00 25.55  ? 390 TYR B CA  1 
ATOM 1153 C C   . TYR B 2 76  ? 4.898   -6.974  -4.665  1.00 26.59  ? 390 TYR B C   1 
ATOM 1154 O O   . TYR B 2 76  ? 5.911   -7.533  -5.093  1.00 22.75  ? 390 TYR B O   1 
ATOM 1155 C CB  . TYR B 2 76  ? 2.679   -8.118  -4.355  1.00 29.03  ? 390 TYR B CB  1 
ATOM 1156 C CG  . TYR B 2 76  ? 3.370   -9.397  -3.930  1.00 30.32  ? 390 TYR B CG  1 
ATOM 1157 C CD1 . TYR B 2 76  ? 3.486   -10.473 -4.804  1.00 29.03  ? 390 TYR B CD1 1 
ATOM 1158 C CD2 . TYR B 2 76  ? 3.904   -9.528  -2.655  1.00 26.24  ? 390 TYR B CD2 1 
ATOM 1159 C CE1 . TYR B 2 76  ? 4.120   -11.638 -4.422  1.00 23.70  ? 390 TYR B CE1 1 
ATOM 1160 C CE2 . TYR B 2 76  ? 4.532   -10.688 -2.263  1.00 23.27  ? 390 TYR B CE2 1 
ATOM 1161 C CZ  . TYR B 2 76  ? 4.641   -11.741 -3.150  1.00 21.23  ? 390 TYR B CZ  1 
ATOM 1162 O OH  . TYR B 2 76  ? 5.273   -12.900 -2.765  1.00 20.50  ? 390 TYR B OH  1 
ATOM 1163 N N   . TYR B 2 77  ? 4.914   -6.120  -3.640  1.00 27.61  ? 391 TYR B N   1 
ATOM 1164 C CA  . TYR B 2 77  ? 6.148   -5.644  -3.019  1.00 31.35  ? 391 TYR B CA  1 
ATOM 1165 C C   . TYR B 2 77  ? 6.217   -6.055  -1.547  1.00 37.02  ? 391 TYR B C   1 
ATOM 1166 O O   . TYR B 2 77  ? 5.216   -5.960  -0.830  1.00 33.98  ? 391 TYR B O   1 
ATOM 1167 C CB  . TYR B 2 77  ? 6.252   -4.119  -3.136  1.00 37.69  ? 391 TYR B CB  1 
ATOM 1168 C CG  . TYR B 2 77  ? 6.542   -3.548  -4.518  1.00 41.82  ? 391 TYR B CG  1 
ATOM 1169 C CD1 . TYR B 2 77  ? 5.552   -3.471  -5.491  1.00 48.17  ? 391 TYR B CD1 1 
ATOM 1170 C CD2 . TYR B 2 77  ? 7.796   -3.033  -4.826  1.00 43.20  ? 391 TYR B CD2 1 
ATOM 1171 C CE1 . TYR B 2 77  ? 5.814   -2.917  -6.744  1.00 47.88  ? 391 TYR B CE1 1 
ATOM 1172 C CE2 . TYR B 2 77  ? 8.065   -2.479  -6.069  1.00 40.91  ? 391 TYR B CE2 1 
ATOM 1173 C CZ  . TYR B 2 77  ? 7.071   -2.424  -7.024  1.00 41.71  ? 391 TYR B CZ  1 
ATOM 1174 O OH  . TYR B 2 77  ? 7.340   -1.877  -8.259  1.00 40.91  ? 391 TYR B OH  1 
ATOM 1175 N N   . VAL B 2 78  ? 7.399   -6.501  -1.094  1.00 52.37  ? 392 VAL B N   1 
ATOM 1176 C CA  . VAL B 2 78  ? 7.604   -6.791  0.333   1.00 55.26  ? 392 VAL B CA  1 
ATOM 1177 C C   . VAL B 2 78  ? 8.079   -5.574  1.108   1.00 58.92  ? 392 VAL B C   1 
ATOM 1178 O O   . VAL B 2 78  ? 7.799   -5.446  2.297   1.00 67.27  ? 392 VAL B O   1 
ATOM 1179 C CB  . VAL B 2 78  ? 8.593   -7.945  0.599   1.00 55.07  ? 392 VAL B CB  1 
ATOM 1180 C CG1 . VAL B 2 78  ? 8.230   -9.171  -0.143  1.00 55.88  ? 392 VAL B CG1 1 
ATOM 1181 C CG2 . VAL B 2 78  ? 10.038  -7.524  0.308   1.00 53.90  ? 392 VAL B CG2 1 
ATOM 1182 N N   . GLY B 2 79  ? 8.871   -4.719  0.513   1.00 50.58  ? 393 GLY B N   1 
ATOM 1183 C CA  . GLY B 2 79  ? 9.252   -3.538  1.241   1.00 49.48  ? 393 GLY B CA  1 
ATOM 1184 C C   . GLY B 2 79  ? 9.285   -2.486  0.177   1.00 54.23  ? 393 GLY B C   1 
ATOM 1185 O O   . GLY B 2 79  ? 8.354   -1.692  0.036   1.00 64.00  ? 393 GLY B O   1 
ATOM 1186 N N   . ARG B 2 80  ? 10.369  -2.516  -0.597  1.00 52.03  ? 394 ARG B N   1 
ATOM 1187 C CA  . ARG B 2 80  ? 10.407  -1.951  -1.935  1.00 50.41  ? 394 ARG B CA  1 
ATOM 1188 C C   . ARG B 2 80  ? 10.764  -3.001  -2.968  1.00 42.29  ? 394 ARG B C   1 
ATOM 1189 O O   . ARG B 2 80  ? 10.804  -2.703  -4.170  1.00 36.74  ? 394 ARG B O   1 
ATOM 1190 C CB  . ARG B 2 80  ? 11.378  -0.779  -2.028  1.00 56.91  ? 394 ARG B CB  1 
ATOM 1191 C CG  . ARG B 2 80  ? 10.866  0.169   -3.058  1.00 60.25  ? 394 ARG B CG  1 
ATOM 1192 C CD  . ARG B 2 80  ? 9.470   0.413   -2.560  1.00 59.10  ? 394 ARG B CD  1 
ATOM 1193 N NE  . ARG B 2 80  ? 8.632   1.304   -3.321  1.00 56.55  ? 394 ARG B NE  1 
ATOM 1194 C CZ  . ARG B 2 80  ? 7.310   1.178   -3.416  1.00 54.61  ? 394 ARG B CZ  1 
ATOM 1195 N NH1 . ARG B 2 80  ? 6.617   2.105   -4.057  1.00 55.95  ? 394 ARG B NH1 1 
ATOM 1196 N NH2 . ARG B 2 80  ? 6.676   0.147   -2.872  1.00 51.83  ? 394 ARG B NH2 1 
ATOM 1197 N N   . LYS B 2 81  ? 10.997  -4.215  -2.530  1.00 37.20  ? 395 LYS B N   1 
ATOM 1198 C CA  . LYS B 2 81  ? 11.305  -5.276  -3.449  1.00 37.65  ? 395 LYS B CA  1 
ATOM 1199 C C   . LYS B 2 81  ? 10.066  -5.611  -4.266  1.00 39.34  ? 395 LYS B C   1 
ATOM 1200 O O   . LYS B 2 81  ? 9.000   -5.839  -3.692  1.00 37.38  ? 395 LYS B O   1 
ATOM 1201 C CB  . LYS B 2 81  ? 11.774  -6.476  -2.660  1.00 37.51  ? 395 LYS B CB  1 
ATOM 1202 C CG  . LYS B 2 81  ? 12.969  -6.188  -1.767  1.00 40.61  ? 395 LYS B CG  1 
ATOM 1203 C CD  . LYS B 2 81  ? 14.258  -6.137  -2.572  1.00 46.09  ? 395 LYS B CD  1 
ATOM 1204 C CE  . LYS B 2 81  ? 14.250  -7.167  -3.704  1.00 51.81  ? 395 LYS B CE  1 
ATOM 1205 N NZ  . LYS B 2 81  ? 13.978  -8.552  -3.225  1.00 55.37  ? 395 LYS B NZ  1 
ATOM 1206 N N   . PRO B 2 82  ? 10.149  -5.620  -5.587  1.00 45.68  ? 396 PRO B N   1 
ATOM 1207 C CA  . PRO B 2 82  ? 9.025   -6.137  -6.376  1.00 34.19  ? 396 PRO B CA  1 
ATOM 1208 C C   . PRO B 2 82  ? 9.196   -7.620  -6.652  1.00 39.10  ? 396 PRO B C   1 
ATOM 1209 O O   . PRO B 2 82  ? 10.308  -8.055  -6.964  1.00 27.57  ? 396 PRO B O   1 
ATOM 1210 C CB  . PRO B 2 82  ? 9.099   -5.310  -7.664  1.00 40.96  ? 396 PRO B CB  1 
ATOM 1211 C CG  . PRO B 2 82  ? 10.567  -5.040  -7.824  1.00 41.75  ? 396 PRO B CG  1 
ATOM 1212 C CD  . PRO B 2 82  ? 11.178  -4.995  -6.437  1.00 41.30  ? 396 PRO B CD  1 
ATOM 1213 N N   . LYS B 2 83  ? 8.141   -8.421  -6.538  1.00 35.64  ? 397 LYS B N   1 
ATOM 1214 C CA  . LYS B 2 83  ? 8.284   -9.827  -6.883  1.00 35.03  ? 397 LYS B CA  1 
ATOM 1215 C C   . LYS B 2 83  ? 7.090   -10.314 -7.683  1.00 34.10  ? 397 LYS B C   1 
ATOM 1216 O O   . LYS B 2 83  ? 5.990   -9.758  -7.626  1.00 34.95  ? 397 LYS B O   1 
ATOM 1217 C CB  . LYS B 2 83  ? 8.442   -10.730 -5.666  1.00 43.32  ? 397 LYS B CB  1 
ATOM 1218 C CG  . LYS B 2 83  ? 9.468   -10.284 -4.654  1.00 45.24  ? 397 LYS B CG  1 
ATOM 1219 C CD  . LYS B 2 83  ? 9.200   -11.067 -3.412  1.00 59.85  ? 397 LYS B CD  1 
ATOM 1220 C CE  . LYS B 2 83  ? 7.813   -10.734 -2.914  1.00 69.78  ? 397 LYS B CE  1 
ATOM 1221 N NZ  . LYS B 2 83  ? 7.354   -9.335  -3.246  1.00 77.19  ? 397 LYS B NZ  1 
ATOM 1222 N N   . VAL B 2 84  ? 7.341   -11.402 -8.401  1.00 32.17  ? 398 VAL B N   1 
ATOM 1223 C CA  . VAL B 2 84  ? 6.403   -12.032 -9.314  1.00 33.40  ? 398 VAL B CA  1 
ATOM 1224 C C   . VAL B 2 84  ? 6.054   -13.404 -8.758  1.00 35.55  ? 398 VAL B C   1 
ATOM 1225 O O   . VAL B 2 84  ? 6.934   -14.113 -8.256  1.00 36.01  ? 398 VAL B O   1 
ATOM 1226 C CB  . VAL B 2 84  ? 7.027   -12.144 -10.721 1.00 41.59  ? 398 VAL B CB  1 
ATOM 1227 C CG1 . VAL B 2 84  ? 8.453   -12.679 -10.612 1.00 42.63  ? 398 VAL B CG1 1 
ATOM 1228 C CG2 . VAL B 2 84  ? 6.193   -13.036 -11.621 1.00 41.76  ? 398 VAL B CG2 1 
ATOM 1229 N N   . GLU B 2 85  ? 4.778   -13.775 -8.829  1.00 33.06  ? 399 GLU B N   1 
ATOM 1230 C CA  . GLU B 2 85  ? 4.408   -15.124 -8.421  1.00 35.61  ? 399 GLU B CA  1 
ATOM 1231 C C   . GLU B 2 85  ? 3.023   -15.467 -8.943  1.00 29.63  ? 399 GLU B C   1 
ATOM 1232 O O   . GLU B 2 85  ? 2.168   -14.591 -9.100  1.00 29.65  ? 399 GLU B O   1 
ATOM 1233 C CB  . GLU B 2 85  ? 4.462   -15.293 -6.892  1.00 49.73  ? 399 GLU B CB  1 
ATOM 1234 C CG  . GLU B 2 85  ? 4.097   -16.692 -6.341  1.00 52.44  ? 399 GLU B CG  1 
ATOM 1235 C CD  . GLU B 2 85  ? 4.883   -17.873 -6.938  1.00 55.19  ? 399 GLU B CD  1 
ATOM 1236 O OE1 . GLU B 2 85  ? 4.939   -18.918 -6.261  1.00 51.15  ? 399 GLU B OE1 1 
ATOM 1237 O OE2 . GLU B 2 85  ? 5.428   -17.784 -8.059  1.00 58.13  ? 399 GLU B OE2 1 
ATOM 1238 N N   . GLN B 2 86  ? 2.822   -16.760 -9.217  1.00 27.64  ? 400 GLN B N   1 
ATOM 1239 C CA  . GLN B 2 86  ? 1.532   -17.285 -9.643  1.00 16.50  ? 400 GLN B CA  1 
ATOM 1240 C C   . GLN B 2 86  ? 0.686   -17.641 -8.429  1.00 10.51  ? 400 GLN B C   1 
ATOM 1241 O O   . GLN B 2 86  ? 1.146   -18.346 -7.526  1.00 3.06   ? 400 GLN B O   1 
ATOM 1242 C CB  . GLN B 2 86  ? 1.701   -18.525 -10.517 1.00 6.28   ? 400 GLN B CB  1 
ATOM 1243 C CG  . GLN B 2 86  ? 2.964   -18.575 -11.342 1.00 7.45   ? 400 GLN B CG  1 
ATOM 1244 C CD  . GLN B 2 86  ? 3.009   -19.807 -12.224 1.00 11.06  ? 400 GLN B CD  1 
ATOM 1245 O OE1 . GLN B 2 86  ? 1.975   -20.386 -12.551 1.00 2.00   ? 400 GLN B OE1 1 
ATOM 1246 N NE2 . GLN B 2 86  ? 4.211   -20.224 -12.601 1.00 14.46  ? 400 GLN B NE2 1 
ATOM 1247 N N   . LEU B 2 87  ? -0.551  -17.160 -8.418  1.00 15.40  ? 401 LEU B N   1 
ATOM 1248 C CA  . LEU B 2 87  ? -1.540  -17.533 -7.415  1.00 10.65  ? 401 LEU B CA  1 
ATOM 1249 C C   . LEU B 2 87  ? -2.406  -18.641 -8.000  1.00 14.49  ? 401 LEU B C   1 
ATOM 1250 O O   . LEU B 2 87  ? -3.225  -18.389 -8.886  1.00 13.63  ? 401 LEU B O   1 
ATOM 1251 C CB  . LEU B 2 87  ? -2.394  -16.331 -7.022  1.00 13.92  ? 401 LEU B CB  1 
ATOM 1252 C CG  . LEU B 2 87  ? -2.159  -15.684 -5.661  1.00 15.07  ? 401 LEU B CG  1 
ATOM 1253 C CD1 . LEU B 2 87  ? -3.086  -14.486 -5.502  1.00 24.99  ? 401 LEU B CD1 1 
ATOM 1254 C CD2 . LEU B 2 87  ? -2.381  -16.701 -4.554  1.00 6.00   ? 401 LEU B CD2 1 
ATOM 1255 N N   . SER B 2 88  ? -2.223  -19.866 -7.513  1.00 14.30  ? 402 SER B N   1 
ATOM 1256 C CA  . SER B 2 88  ? -3.025  -20.972 -8.014  1.00 15.68  ? 402 SER B CA  1 
ATOM 1257 C C   . SER B 2 88  ? -4.460  -20.869 -7.503  1.00 13.42  ? 402 SER B C   1 
ATOM 1258 O O   . SER B 2 88  ? -4.761  -20.151 -6.547  1.00 21.93  ? 402 SER B O   1 
ATOM 1259 C CB  . SER B 2 88  ? -2.410  -22.315 -7.617  1.00 20.90  ? 402 SER B CB  1 
ATOM 1260 O OG  . SER B 2 88  ? -1.818  -22.249 -6.333  1.00 22.60  ? 402 SER B OG  1 
ATOM 1261 N N   . ASN B 2 89  ? -5.352  -21.597 -8.181  1.00 21.39  ? 403 ASN B N   1 
ATOM 1262 C CA  . ASN B 2 89  ? -6.786  -21.627 -7.895  1.00 27.38  ? 403 ASN B CA  1 
ATOM 1263 C C   . ASN B 2 89  ? -7.468  -20.284 -8.132  1.00 27.13  ? 403 ASN B C   1 
ATOM 1264 O O   . ASN B 2 89  ? -8.538  -20.024 -7.574  1.00 31.69  ? 403 ASN B O   1 
ATOM 1265 C CB  . ASN B 2 89  ? -7.070  -22.098 -6.463  1.00 31.52  ? 403 ASN B CB  1 
ATOM 1266 C CG  . ASN B 2 89  ? -6.212  -23.264 -6.059  1.00 30.02  ? 403 ASN B CG  1 
ATOM 1267 O OD1 . ASN B 2 89  ? -5.932  -24.150 -6.864  1.00 30.12  ? 403 ASN B OD1 1 
ATOM 1268 N ND2 . ASN B 2 89  ? -5.780  -23.273 -4.802  1.00 28.82  ? 403 ASN B ND2 1 
ATOM 1269 N N   . MET B 2 90  ? -6.886  -19.415 -8.953  1.00 20.31  ? 404 MET B N   1 
ATOM 1270 C CA  . MET B 2 90  ? -7.509  -18.120 -9.191  1.00 19.31  ? 404 MET B CA  1 
ATOM 1271 C C   . MET B 2 90  ? -8.516  -18.148 -10.334 1.00 28.50  ? 404 MET B C   1 
ATOM 1272 O O   . MET B 2 90  ? -9.575  -17.518 -10.236 1.00 31.15  ? 404 MET B O   1 
ATOM 1273 C CB  . MET B 2 90  ? -6.443  -17.060 -9.473  1.00 19.73  ? 404 MET B CB  1 
ATOM 1274 C CG  . MET B 2 90  ? -5.647  -16.669 -8.253  1.00 14.39  ? 404 MET B CG  1 
ATOM 1275 S SD  . MET B 2 90  ? -6.672  -16.097 -6.887  1.00 25.00  ? 404 MET B SD  1 
ATOM 1276 C CE  . MET B 2 90  ? -7.017  -14.414 -7.399  1.00 26.19  ? 404 MET B CE  1 
ATOM 1277 N N   . ILE B 2 91  ? -8.215  -18.865 -11.412 1.00 34.94  ? 405 ILE B N   1 
ATOM 1278 C CA  . ILE B 2 91  ? -9.005  -18.813 -12.638 1.00 36.37  ? 405 ILE B CA  1 
ATOM 1279 C C   . ILE B 2 91  ? -9.724  -20.137 -12.814 1.00 36.80  ? 405 ILE B C   1 
ATOM 1280 O O   . ILE B 2 91  ? -9.084  -21.192 -12.902 1.00 37.56  ? 405 ILE B O   1 
ATOM 1281 C CB  . ILE B 2 91  ? -8.135  -18.513 -13.867 1.00 37.05  ? 405 ILE B CB  1 
ATOM 1282 C CG1 . ILE B 2 91  ? -7.475  -17.148 -13.719 1.00 41.56  ? 405 ILE B CG1 1 
ATOM 1283 C CG2 . ILE B 2 91  ? -8.978  -18.573 -15.133 1.00 43.10  ? 405 ILE B CG2 1 
ATOM 1284 C CD1 . ILE B 2 91  ? -6.660  -16.730 -14.907 1.00 40.86  ? 405 ILE B CD1 1 
ATOM 1285 N N   . VAL B 2 92  ? -11.036 -20.088 -12.906 1.00 39.78  ? 406 VAL B N   1 
ATOM 1286 C CA  . VAL B 2 92  ? -11.772 -21.317 -13.137 1.00 34.44  ? 406 VAL B CA  1 
ATOM 1287 C C   . VAL B 2 92  ? -11.833 -21.602 -14.627 1.00 40.04  ? 406 VAL B C   1 
ATOM 1288 O O   . VAL B 2 92  ? -11.836 -20.687 -15.458 1.00 31.67  ? 406 VAL B O   1 
ATOM 1289 C CB  . VAL B 2 92  ? -13.182 -21.248 -12.552 1.00 22.62  ? 406 VAL B CB  1 
ATOM 1290 C CG1 . VAL B 2 92  ? -13.670 -22.669 -12.348 1.00 23.97  ? 406 VAL B CG1 1 
ATOM 1291 C CG2 . VAL B 2 92  ? -13.235 -20.413 -11.270 1.00 20.39  ? 406 VAL B CG2 1 
ATOM 1292 N N   . LYS B 2 93  ? -11.921 -22.885 -14.965 1.00 46.52  ? 407 LYS B N   1 
ATOM 1293 C CA  . LYS B 2 93  ? -12.025 -23.289 -16.358 1.00 47.51  ? 407 LYS B CA  1 
ATOM 1294 C C   . LYS B 2 93  ? -13.139 -24.287 -16.617 1.00 51.25  ? 407 LYS B C   1 
ATOM 1295 O O   . LYS B 2 93  ? -14.225 -23.912 -17.044 1.00 49.23  ? 407 LYS B O   1 
ATOM 1296 C CB  . LYS B 2 93  ? -10.705 -23.868 -16.839 1.00 42.76  ? 407 LYS B CB  1 
ATOM 1297 C CG  . LYS B 2 93  ? -9.885  -22.814 -17.474 1.00 41.82  ? 407 LYS B CG  1 
ATOM 1298 C CD  . LYS B 2 93  ? -8.432  -23.098 -17.445 1.00 40.24  ? 407 LYS B CD  1 
ATOM 1299 C CE  . LYS B 2 93  ? -7.768  -22.000 -18.231 1.00 45.70  ? 407 LYS B CE  1 
ATOM 1300 N NZ  . LYS B 2 93  ? -7.146  -21.034 -17.291 1.00 49.87  ? 407 LYS B NZ  1 
ATOM 1301 N N   . SER B 2 94  ? -12.882 -25.565 -16.429 1.00 58.62  ? 408 SER B N   1 
ATOM 1302 C CA  . SER B 2 94  ? -13.930 -26.536 -16.684 1.00 58.43  ? 408 SER B CA  1 
ATOM 1303 C C   . SER B 2 94  ? -14.948 -26.504 -15.551 1.00 65.22  ? 408 SER B C   1 
ATOM 1304 O O   . SER B 2 94  ? -14.587 -26.331 -14.384 1.00 64.43  ? 408 SER B O   1 
ATOM 1305 C CB  . SER B 2 94  ? -13.326 -27.929 -16.838 1.00 59.76  ? 408 SER B CB  1 
ATOM 1306 O OG  . SER B 2 94  ? -12.353 -27.932 -17.870 1.00 58.84  ? 408 SER B OG  1 
ATOM 1307 N N   . CYS B 2 95  ? -16.230 -26.619 -15.901 1.00 69.03  ? 409 CYS B N   1 
ATOM 1308 C CA  . CYS B 2 95  ? -17.274 -26.904 -14.922 1.00 71.59  ? 409 CYS B CA  1 
ATOM 1309 C C   . CYS B 2 95  ? -17.647 -28.380 -15.011 1.00 86.13  ? 409 CYS B C   1 
ATOM 1310 O O   . CYS B 2 95  ? -17.729 -28.951 -16.104 1.00 89.88  ? 409 CYS B O   1 
ATOM 1311 C CB  . CYS B 2 95  ? -18.543 -26.053 -15.120 1.00 71.16  ? 409 CYS B CB  1 
ATOM 1312 S SG  . CYS B 2 95  ? -18.577 -24.236 -14.680 1.00 73.00  ? 409 CYS B SG  1 
ATOM 1313 N N   . LYS B 2 96  ? -17.865 -28.992 -13.852 1.00 86.09  ? 410 LYS B N   1 
ATOM 1314 C CA  . LYS B 2 96  ? -18.396 -30.342 -13.761 1.00 80.97  ? 410 LYS B CA  1 
ATOM 1315 C C   . LYS B 2 96  ? -19.684 -30.309 -12.954 1.00 86.83  ? 410 LYS B C   1 
ATOM 1316 O O   . LYS B 2 96  ? -19.805 -29.550 -11.985 1.00 90.40  ? 410 LYS B O   1 
ATOM 1317 C CB  . LYS B 2 96  ? -17.383 -31.309 -13.129 1.00 74.33  ? 410 LYS B CB  1 
ATOM 1318 C CG  . LYS B 2 96  ? -17.496 -31.510 -11.624 1.00 90.83  ? 410 LYS B CG  1 
ATOM 1319 C CD  . LYS B 2 96  ? -16.250 -32.184 -11.060 1.00 104.66 ? 410 LYS B CD  1 
ATOM 1320 C CE  . LYS B 2 96  ? -16.349 -33.700 -11.114 1.00 114.04 ? 410 LYS B CE  1 
ATOM 1321 N NZ  . LYS B 2 96  ? -15.075 -34.352 -10.697 1.00 114.98 ? 410 LYS B NZ  1 
ATOM 1322 N N   . CYS B 2 97  ? -20.651 -31.113 -13.374 1.00 91.62  ? 411 CYS B N   1 
ATOM 1323 C CA  . CYS B 2 97  ? -21.947 -31.143 -12.715 1.00 92.35  ? 411 CYS B CA  1 
ATOM 1324 C C   . CYS B 2 97  ? -21.893 -31.996 -11.455 1.00 96.50  ? 411 CYS B C   1 
ATOM 1325 O O   . CYS B 2 97  ? -21.011 -32.842 -11.309 1.00 98.62  ? 411 CYS B O   1 
ATOM 1326 C CB  . CYS B 2 97  ? -23.019 -31.669 -13.669 1.00 94.01  ? 411 CYS B CB  1 
ATOM 1327 S SG  . CYS B 2 97  ? -24.687 -31.103 -13.278 1.00 96.58  ? 411 CYS B SG  1 
# 
